data_1A7Q
# 
_entry.id   1A7Q 
# 
_audit_conform.dict_name       mmcif_pdbx.dic 
_audit_conform.dict_version    5.397 
_audit_conform.dict_location   http://mmcif.pdb.org/dictionaries/ascii/mmcif_pdbx.dic 
# 
loop_
_database_2.database_id 
_database_2.database_code 
_database_2.pdbx_database_accession 
_database_2.pdbx_DOI 
PDB   1A7Q         pdb_00001a7q 10.2210/pdb1a7q/pdb 
WWPDB D_1000170497 ?            ?                   
# 
loop_
_pdbx_audit_revision_history.ordinal 
_pdbx_audit_revision_history.data_content_type 
_pdbx_audit_revision_history.major_revision 
_pdbx_audit_revision_history.minor_revision 
_pdbx_audit_revision_history.revision_date 
1 'Structure model' 1 0 1998-04-29 
2 'Structure model' 1 1 2008-03-24 
3 'Structure model' 1 2 2011-07-13 
4 'Structure model' 1 3 2022-12-21 
5 'Structure model' 1 4 2023-08-09 
6 'Structure model' 1 5 2024-10-23 
# 
_pdbx_audit_revision_details.ordinal             1 
_pdbx_audit_revision_details.revision_ordinal    1 
_pdbx_audit_revision_details.data_content_type   'Structure model' 
_pdbx_audit_revision_details.provider            repository 
_pdbx_audit_revision_details.type                'Initial release' 
_pdbx_audit_revision_details.description         ? 
_pdbx_audit_revision_details.details             ? 
# 
loop_
_pdbx_audit_revision_group.ordinal 
_pdbx_audit_revision_group.revision_ordinal 
_pdbx_audit_revision_group.data_content_type 
_pdbx_audit_revision_group.group 
1 2 'Structure model' 'Version format compliance' 
2 3 'Structure model' 'Version format compliance' 
3 4 'Structure model' 'Database references'       
4 4 'Structure model' 'Refinement description'    
5 5 'Structure model' 'Refinement description'    
6 6 'Structure model' 'Data collection'           
7 6 'Structure model' 'Structure summary'         
# 
loop_
_pdbx_audit_revision_category.ordinal 
_pdbx_audit_revision_category.revision_ordinal 
_pdbx_audit_revision_category.data_content_type 
_pdbx_audit_revision_category.category 
1 4 'Structure model' database_2                    
2 4 'Structure model' software                      
3 4 'Structure model' struct_ref_seq_dif            
4 5 'Structure model' pdbx_initial_refinement_model 
5 6 'Structure model' chem_comp_atom                
6 6 'Structure model' chem_comp_bond                
7 6 'Structure model' pdbx_entry_details            
8 6 'Structure model' pdbx_modification_feature     
# 
loop_
_pdbx_audit_revision_item.ordinal 
_pdbx_audit_revision_item.revision_ordinal 
_pdbx_audit_revision_item.data_content_type 
_pdbx_audit_revision_item.item 
1 4 'Structure model' '_database_2.pdbx_DOI'                         
2 4 'Structure model' '_database_2.pdbx_database_accession'          
3 4 'Structure model' '_software.name'                               
4 4 'Structure model' '_struct_ref_seq_dif.details'                  
5 6 'Structure model' '_pdbx_entry_details.has_protein_modification' 
# 
_pdbx_database_status.status_code                     REL 
_pdbx_database_status.entry_id                        1A7Q 
_pdbx_database_status.recvd_initial_deposition_date   1998-03-16 
_pdbx_database_status.deposit_site                    ? 
_pdbx_database_status.process_site                    BNL 
_pdbx_database_status.status_code_sf                  REL 
_pdbx_database_status.status_code_mr                  ? 
_pdbx_database_status.SG_entry                        ? 
_pdbx_database_status.pdb_format_compatible           Y 
_pdbx_database_status.status_code_cs                  ? 
_pdbx_database_status.status_code_nmr_data            ? 
_pdbx_database_status.methods_development_category    ? 
# 
loop_
_audit_author.name 
_audit_author.pdbx_ordinal 
'Marks, C.'   1 
'Henrick, K.' 2 
'Winter, G.'  3 
# 
loop_
_citation.id 
_citation.title 
_citation.journal_abbrev 
_citation.journal_volume 
_citation.page_first 
_citation.page_last 
_citation.year 
_citation.journal_id_ASTM 
_citation.country 
_citation.journal_id_ISSN 
_citation.journal_id_CSD 
_citation.book_publisher 
_citation.pdbx_database_id_PubMed 
_citation.pdbx_database_id_DOI 
primary 'X-Ray Structures of D1.3 Fv Mutants'                                                                 'To be Published' ? 
?    ? ?    ?      ?  ?         0353 ? ? ? 
1       'Bound Water Molecules and Conformational Stabilization Help Mediate an Antigen-Antibody Association' 
Proc.Natl.Acad.Sci.USA 91  1089 ? 1994 PNASA6 US 0027-8424 0040 ? ? ? 
2       'Small Rearrangements in Structures of Fv and Fab Fragments of Antibody D1.3 On Antigen Binding'      Nature 347 483  ? 
1990 NATUAS UK 0028-0836 0006 ? ? ? 
# 
loop_
_citation_author.citation_id 
_citation_author.name 
_citation_author.ordinal 
_citation_author.identifier_ORCID 
primary 'Marks, C.'       1  ? 
primary 'Henrick, K.'     2  ? 
primary 'Winter, G.'      3  ? 
1       'Bhat, T.N.'      4  ? 
1       'Bentley, G.A.'   5  ? 
1       'Boulot, G.'      6  ? 
1       'Greene, M.I.'    7  ? 
1       'Tello, D.'       8  ? 
1       
;Dall'Acqua, W.
;
9  ? 
1       'Souchon, H.'     10 ? 
1       'Schwarz, F.P.'   11 ? 
1       'Mariuzza, R.A.'  12 ? 
1       'Poljak, R.J.'    13 ? 
2       'Bhat, T.N.'      14 ? 
2       'Bentley, G.A.'   15 ? 
2       'Fischmann, T.O.' 16 ? 
2       'Boulot, G.'      17 ? 
2       'Poljak, R.J.'    18 ? 
# 
loop_
_entity.id 
_entity.type 
_entity.src_method 
_entity.pdbx_description 
_entity.formula_weight 
_entity.pdbx_number_of_molecules 
_entity.pdbx_ec 
_entity.pdbx_mutation 
_entity.pdbx_fragment 
_entity.details 
1 polymer man 'IGG1-KAPPA D1.3 FV (LIGHT CHAIN)' 11457.653 1  ? 'S26G, I29T, E81D, T97S'            'FV FRAGMENT' ? 
2 polymer man 'IGG1-KAPPA D1.3 FV (HEAVY CHAIN)' 12816.200 1  ? 'P240L, D258A, K281E, N283D, L312V' 'FV FRAGMENT' ? 
3 water   nat water                              18.015    47 ? ?                                   ?             ? 
# 
loop_
_entity_poly.entity_id 
_entity_poly.type 
_entity_poly.nstd_linkage 
_entity_poly.nstd_monomer 
_entity_poly.pdbx_seq_one_letter_code 
_entity_poly.pdbx_seq_one_letter_code_can 
_entity_poly.pdbx_strand_id 
_entity_poly.pdbx_target_identifier 
1 'polypeptide(L)' no no 
;DIVLTQSPASLSASVGETVTITCRAGGNTHNYLAWYQQKQGKSPQLLVYYTTTLAAGVPSRFSGSGSGTQYSLKINSLQP
DDFGSYYCQHFWSTPRSFGGGTKLEI
;
;DIVLTQSPASLSASVGETVTITCRAGGNTHNYLAWYQQKQGKSPQLLVYYTTTLAAGVPSRFSGSGSGTQYSLKINSLQP
DDFGSYYCQHFWSTPRSFGGGTKLEI
;
L ? 
2 'polypeptide(L)' no no 
;QVQLQESGPGLVAPSQSLSITCTVSGFSLTGYGVNWVRQLPGKGLEWLGMIWGDGNTAYNSALKSRLSISKDNSKSQVFL
EMDSLHTDDTARYYCARERDYRLDYWGQGTTVTVSS
;
;QVQLQESGPGLVAPSQSLSITCTVSGFSLTGYGVNWVRQLPGKGLEWLGMIWGDGNTAYNSALKSRLSISKDNSKSQVFL
EMDSLHTDDTARYYCARERDYRLDYWGQGTTVTVSS
;
H ? 
# 
_pdbx_entity_nonpoly.entity_id   3 
_pdbx_entity_nonpoly.name        water 
_pdbx_entity_nonpoly.comp_id     HOH 
# 
loop_
_entity_poly_seq.entity_id 
_entity_poly_seq.num 
_entity_poly_seq.mon_id 
_entity_poly_seq.hetero 
1 1   ASP n 
1 2   ILE n 
1 3   VAL n 
1 4   LEU n 
1 5   THR n 
1 6   GLN n 
1 7   SER n 
1 8   PRO n 
1 9   ALA n 
1 10  SER n 
1 11  LEU n 
1 12  SER n 
1 13  ALA n 
1 14  SER n 
1 15  VAL n 
1 16  GLY n 
1 17  GLU n 
1 18  THR n 
1 19  VAL n 
1 20  THR n 
1 21  ILE n 
1 22  THR n 
1 23  CYS n 
1 24  ARG n 
1 25  ALA n 
1 26  GLY n 
1 27  GLY n 
1 28  ASN n 
1 29  THR n 
1 30  HIS n 
1 31  ASN n 
1 32  TYR n 
1 33  LEU n 
1 34  ALA n 
1 35  TRP n 
1 36  TYR n 
1 37  GLN n 
1 38  GLN n 
1 39  LYS n 
1 40  GLN n 
1 41  GLY n 
1 42  LYS n 
1 43  SER n 
1 44  PRO n 
1 45  GLN n 
1 46  LEU n 
1 47  LEU n 
1 48  VAL n 
1 49  TYR n 
1 50  TYR n 
1 51  THR n 
1 52  THR n 
1 53  THR n 
1 54  LEU n 
1 55  ALA n 
1 56  ALA n 
1 57  GLY n 
1 58  VAL n 
1 59  PRO n 
1 60  SER n 
1 61  ARG n 
1 62  PHE n 
1 63  SER n 
1 64  GLY n 
1 65  SER n 
1 66  GLY n 
1 67  SER n 
1 68  GLY n 
1 69  THR n 
1 70  GLN n 
1 71  TYR n 
1 72  SER n 
1 73  LEU n 
1 74  LYS n 
1 75  ILE n 
1 76  ASN n 
1 77  SER n 
1 78  LEU n 
1 79  GLN n 
1 80  PRO n 
1 81  ASP n 
1 82  ASP n 
1 83  PHE n 
1 84  GLY n 
1 85  SER n 
1 86  TYR n 
1 87  TYR n 
1 88  CYS n 
1 89  GLN n 
1 90  HIS n 
1 91  PHE n 
1 92  TRP n 
1 93  SER n 
1 94  THR n 
1 95  PRO n 
1 96  ARG n 
1 97  SER n 
1 98  PHE n 
1 99  GLY n 
1 100 GLY n 
1 101 GLY n 
1 102 THR n 
1 103 LYS n 
1 104 LEU n 
1 105 GLU n 
1 106 ILE n 
2 1   GLN n 
2 2   VAL n 
2 3   GLN n 
2 4   LEU n 
2 5   GLN n 
2 6   GLU n 
2 7   SER n 
2 8   GLY n 
2 9   PRO n 
2 10  GLY n 
2 11  LEU n 
2 12  VAL n 
2 13  ALA n 
2 14  PRO n 
2 15  SER n 
2 16  GLN n 
2 17  SER n 
2 18  LEU n 
2 19  SER n 
2 20  ILE n 
2 21  THR n 
2 22  CYS n 
2 23  THR n 
2 24  VAL n 
2 25  SER n 
2 26  GLY n 
2 27  PHE n 
2 28  SER n 
2 29  LEU n 
2 30  THR n 
2 31  GLY n 
2 32  TYR n 
2 33  GLY n 
2 34  VAL n 
2 35  ASN n 
2 36  TRP n 
2 37  VAL n 
2 38  ARG n 
2 39  GLN n 
2 40  LEU n 
2 41  PRO n 
2 42  GLY n 
2 43  LYS n 
2 44  GLY n 
2 45  LEU n 
2 46  GLU n 
2 47  TRP n 
2 48  LEU n 
2 49  GLY n 
2 50  MET n 
2 51  ILE n 
2 52  TRP n 
2 53  GLY n 
2 54  ASP n 
2 55  GLY n 
2 56  ASN n 
2 57  THR n 
2 58  ALA n 
2 59  TYR n 
2 60  ASN n 
2 61  SER n 
2 62  ALA n 
2 63  LEU n 
2 64  LYS n 
2 65  SER n 
2 66  ARG n 
2 67  LEU n 
2 68  SER n 
2 69  ILE n 
2 70  SER n 
2 71  LYS n 
2 72  ASP n 
2 73  ASN n 
2 74  SER n 
2 75  LYS n 
2 76  SER n 
2 77  GLN n 
2 78  VAL n 
2 79  PHE n 
2 80  LEU n 
2 81  GLU n 
2 82  MET n 
2 83  ASP n 
2 84  SER n 
2 85  LEU n 
2 86  HIS n 
2 87  THR n 
2 88  ASP n 
2 89  ASP n 
2 90  THR n 
2 91  ALA n 
2 92  ARG n 
2 93  TYR n 
2 94  TYR n 
2 95  CYS n 
2 96  ALA n 
2 97  ARG n 
2 98  GLU n 
2 99  ARG n 
2 100 ASP n 
2 101 TYR n 
2 102 ARG n 
2 103 LEU n 
2 104 ASP n 
2 105 TYR n 
2 106 TRP n 
2 107 GLY n 
2 108 GLN n 
2 109 GLY n 
2 110 THR n 
2 111 THR n 
2 112 VAL n 
2 113 THR n 
2 114 VAL n 
2 115 SER n 
2 116 SER n 
# 
loop_
_entity_src_gen.entity_id 
_entity_src_gen.pdbx_src_id 
_entity_src_gen.pdbx_alt_source_flag 
_entity_src_gen.pdbx_seq_type 
_entity_src_gen.pdbx_beg_seq_num 
_entity_src_gen.pdbx_end_seq_num 
_entity_src_gen.gene_src_common_name 
_entity_src_gen.gene_src_genus 
_entity_src_gen.pdbx_gene_src_gene 
_entity_src_gen.gene_src_species 
_entity_src_gen.gene_src_strain 
_entity_src_gen.gene_src_tissue 
_entity_src_gen.gene_src_tissue_fraction 
_entity_src_gen.gene_src_details 
_entity_src_gen.pdbx_gene_src_fragment 
_entity_src_gen.pdbx_gene_src_scientific_name 
_entity_src_gen.pdbx_gene_src_ncbi_taxonomy_id 
_entity_src_gen.pdbx_gene_src_variant 
_entity_src_gen.pdbx_gene_src_cell_line 
_entity_src_gen.pdbx_gene_src_atcc 
_entity_src_gen.pdbx_gene_src_organ 
_entity_src_gen.pdbx_gene_src_organelle 
_entity_src_gen.pdbx_gene_src_cell 
_entity_src_gen.pdbx_gene_src_cellular_location 
_entity_src_gen.host_org_common_name 
_entity_src_gen.pdbx_host_org_scientific_name 
_entity_src_gen.pdbx_host_org_ncbi_taxonomy_id 
_entity_src_gen.host_org_genus 
_entity_src_gen.pdbx_host_org_gene 
_entity_src_gen.pdbx_host_org_organ 
_entity_src_gen.host_org_species 
_entity_src_gen.pdbx_host_org_tissue 
_entity_src_gen.pdbx_host_org_tissue_fraction 
_entity_src_gen.pdbx_host_org_strain 
_entity_src_gen.pdbx_host_org_variant 
_entity_src_gen.pdbx_host_org_cell_line 
_entity_src_gen.pdbx_host_org_atcc 
_entity_src_gen.pdbx_host_org_culture_collection 
_entity_src_gen.pdbx_host_org_cell 
_entity_src_gen.pdbx_host_org_organelle 
_entity_src_gen.pdbx_host_org_cellular_location 
_entity_src_gen.pdbx_host_org_vector_type 
_entity_src_gen.pdbx_host_org_vector 
_entity_src_gen.host_org_details 
_entity_src_gen.expression_system_id 
_entity_src_gen.plasmid_name 
_entity_src_gen.plasmid_details 
_entity_src_gen.pdbx_description 
1 1 sample ? ? ? 'house mouse' Mus ? ? ? ? ? ? ? 'Mus musculus' 10090 
'CHAIN L, S26G, I29T, E81D, T97S, CHAIN H, P240L, D258A, K281E, N283D, L312V' ? ? ? ? ? ? ? 'Escherichia coli' 562 Escherichia ? ? 
? ? ? ? ? ? ? ? ? ? ? ? ? ? ? ? ? ? 
2 1 sample ? ? ? 'house mouse' Mus ? ? ? ? ? ? ? 'Mus musculus' 10090 
'CHAIN L, S26G, I29T, E81D, T97S, CHAIN H, P240L, D258A, K281E, N283D, L312V' ? ? ? ? ? ? ? 'Escherichia coli' 562 Escherichia ? ? 
? ? ? ? ? ? ? ? ? ? ? ? ? ? ? ? ? ? 
# 
loop_
_chem_comp.id 
_chem_comp.type 
_chem_comp.mon_nstd_flag 
_chem_comp.name 
_chem_comp.pdbx_synonyms 
_chem_comp.formula 
_chem_comp.formula_weight 
ALA 'L-peptide linking' y ALANINE         ? 'C3 H7 N O2'     89.093  
ARG 'L-peptide linking' y ARGININE        ? 'C6 H15 N4 O2 1' 175.209 
ASN 'L-peptide linking' y ASPARAGINE      ? 'C4 H8 N2 O3'    132.118 
ASP 'L-peptide linking' y 'ASPARTIC ACID' ? 'C4 H7 N O4'     133.103 
CYS 'L-peptide linking' y CYSTEINE        ? 'C3 H7 N O2 S'   121.158 
GLN 'L-peptide linking' y GLUTAMINE       ? 'C5 H10 N2 O3'   146.144 
GLU 'L-peptide linking' y 'GLUTAMIC ACID' ? 'C5 H9 N O4'     147.129 
GLY 'peptide linking'   y GLYCINE         ? 'C2 H5 N O2'     75.067  
HIS 'L-peptide linking' y HISTIDINE       ? 'C6 H10 N3 O2 1' 156.162 
HOH non-polymer         . WATER           ? 'H2 O'           18.015  
ILE 'L-peptide linking' y ISOLEUCINE      ? 'C6 H13 N O2'    131.173 
LEU 'L-peptide linking' y LEUCINE         ? 'C6 H13 N O2'    131.173 
LYS 'L-peptide linking' y LYSINE          ? 'C6 H15 N2 O2 1' 147.195 
MET 'L-peptide linking' y METHIONINE      ? 'C5 H11 N O2 S'  149.211 
PHE 'L-peptide linking' y PHENYLALANINE   ? 'C9 H11 N O2'    165.189 
PRO 'L-peptide linking' y PROLINE         ? 'C5 H9 N O2'     115.130 
SER 'L-peptide linking' y SERINE          ? 'C3 H7 N O3'     105.093 
THR 'L-peptide linking' y THREONINE       ? 'C4 H9 N O3'     119.119 
TRP 'L-peptide linking' y TRYPTOPHAN      ? 'C11 H12 N2 O2'  204.225 
TYR 'L-peptide linking' y TYROSINE        ? 'C9 H11 N O3'    181.189 
VAL 'L-peptide linking' y VALINE          ? 'C5 H11 N O2'    117.146 
# 
loop_
_pdbx_poly_seq_scheme.asym_id 
_pdbx_poly_seq_scheme.entity_id 
_pdbx_poly_seq_scheme.seq_id 
_pdbx_poly_seq_scheme.mon_id 
_pdbx_poly_seq_scheme.ndb_seq_num 
_pdbx_poly_seq_scheme.pdb_seq_num 
_pdbx_poly_seq_scheme.auth_seq_num 
_pdbx_poly_seq_scheme.pdb_mon_id 
_pdbx_poly_seq_scheme.auth_mon_id 
_pdbx_poly_seq_scheme.pdb_strand_id 
_pdbx_poly_seq_scheme.pdb_ins_code 
_pdbx_poly_seq_scheme.hetero 
A 1 1   ASP 1   1   1   ASP ASP L . n 
A 1 2   ILE 2   2   2   ILE ILE L . n 
A 1 3   VAL 3   3   3   VAL VAL L . n 
A 1 4   LEU 4   4   4   LEU LEU L . n 
A 1 5   THR 5   5   5   THR THR L . n 
A 1 6   GLN 6   6   6   GLN GLN L . n 
A 1 7   SER 7   7   7   SER SER L . n 
A 1 8   PRO 8   8   8   PRO PRO L . n 
A 1 9   ALA 9   9   9   ALA ALA L . n 
A 1 10  SER 10  10  10  SER SER L . n 
A 1 11  LEU 11  11  11  LEU LEU L . n 
A 1 12  SER 12  12  12  SER SER L . n 
A 1 13  ALA 13  13  13  ALA ALA L . n 
A 1 14  SER 14  14  14  SER SER L . n 
A 1 15  VAL 15  15  15  VAL VAL L . n 
A 1 16  GLY 16  16  16  GLY GLY L . n 
A 1 17  GLU 17  17  17  GLU GLU L . n 
A 1 18  THR 18  18  18  THR THR L . n 
A 1 19  VAL 19  19  19  VAL VAL L . n 
A 1 20  THR 20  20  20  THR THR L . n 
A 1 21  ILE 21  21  21  ILE ILE L . n 
A 1 22  THR 22  22  22  THR THR L . n 
A 1 23  CYS 23  23  23  CYS CYS L . n 
A 1 24  ARG 24  24  24  ARG ARG L . n 
A 1 25  ALA 25  25  25  ALA ALA L . n 
A 1 26  GLY 26  26  26  GLY GLY L . n 
A 1 27  GLY 27  27  27  GLY GLY L . n 
A 1 28  ASN 28  28  28  ASN ASN L . n 
A 1 29  THR 29  29  29  THR THR L . n 
A 1 30  HIS 30  30  30  HIS HIS L . n 
A 1 31  ASN 31  31  31  ASN ASN L . n 
A 1 32  TYR 32  32  32  TYR TYR L . n 
A 1 33  LEU 33  33  33  LEU LEU L . n 
A 1 34  ALA 34  34  34  ALA ALA L . n 
A 1 35  TRP 35  35  35  TRP TRP L . n 
A 1 36  TYR 36  36  36  TYR TYR L . n 
A 1 37  GLN 37  37  37  GLN GLN L . n 
A 1 38  GLN 38  38  38  GLN GLN L . n 
A 1 39  LYS 39  39  39  LYS LYS L . n 
A 1 40  GLN 40  40  40  GLN GLN L . n 
A 1 41  GLY 41  41  41  GLY GLY L . n 
A 1 42  LYS 42  42  42  LYS LYS L . n 
A 1 43  SER 43  43  43  SER SER L . n 
A 1 44  PRO 44  44  44  PRO PRO L . n 
A 1 45  GLN 45  45  45  GLN GLN L . n 
A 1 46  LEU 46  46  46  LEU LEU L . n 
A 1 47  LEU 47  47  47  LEU LEU L . n 
A 1 48  VAL 48  48  48  VAL VAL L . n 
A 1 49  TYR 49  49  49  TYR TYR L . n 
A 1 50  TYR 50  50  50  TYR TYR L . n 
A 1 51  THR 51  51  51  THR THR L . n 
A 1 52  THR 52  52  52  THR THR L . n 
A 1 53  THR 53  53  53  THR THR L . n 
A 1 54  LEU 54  54  54  LEU LEU L . n 
A 1 55  ALA 55  55  55  ALA ALA L . n 
A 1 56  ALA 56  56  56  ALA ALA L . n 
A 1 57  GLY 57  57  57  GLY GLY L . n 
A 1 58  VAL 58  58  58  VAL VAL L . n 
A 1 59  PRO 59  59  59  PRO PRO L . n 
A 1 60  SER 60  60  60  SER SER L . n 
A 1 61  ARG 61  61  61  ARG ARG L . n 
A 1 62  PHE 62  62  62  PHE PHE L . n 
A 1 63  SER 63  63  63  SER SER L . n 
A 1 64  GLY 64  64  64  GLY GLY L . n 
A 1 65  SER 65  65  65  SER SER L . n 
A 1 66  GLY 66  66  66  GLY GLY L . n 
A 1 67  SER 67  67  67  SER SER L . n 
A 1 68  GLY 68  68  68  GLY GLY L . n 
A 1 69  THR 69  69  69  THR THR L . n 
A 1 70  GLN 70  70  70  GLN GLN L . n 
A 1 71  TYR 71  71  71  TYR TYR L . n 
A 1 72  SER 72  72  72  SER SER L . n 
A 1 73  LEU 73  73  73  LEU LEU L . n 
A 1 74  LYS 74  74  74  LYS LYS L . n 
A 1 75  ILE 75  75  75  ILE ILE L . n 
A 1 76  ASN 76  76  76  ASN ASN L . n 
A 1 77  SER 77  77  77  SER SER L . n 
A 1 78  LEU 78  78  78  LEU LEU L . n 
A 1 79  GLN 79  79  79  GLN GLN L . n 
A 1 80  PRO 80  80  80  PRO PRO L . n 
A 1 81  ASP 81  81  81  ASP ASP L . n 
A 1 82  ASP 82  82  82  ASP ASP L . n 
A 1 83  PHE 83  83  83  PHE PHE L . n 
A 1 84  GLY 84  84  84  GLY GLY L . n 
A 1 85  SER 85  85  85  SER SER L . n 
A 1 86  TYR 86  86  86  TYR TYR L . n 
A 1 87  TYR 87  87  87  TYR TYR L . n 
A 1 88  CYS 88  88  88  CYS CYS L . n 
A 1 89  GLN 89  89  89  GLN GLN L . n 
A 1 90  HIS 90  90  90  HIS HIS L . n 
A 1 91  PHE 91  91  91  PHE PHE L . n 
A 1 92  TRP 92  92  92  TRP TRP L . n 
A 1 93  SER 93  93  93  SER SER L . n 
A 1 94  THR 94  94  94  THR THR L . n 
A 1 95  PRO 95  95  95  PRO PRO L . n 
A 1 96  ARG 96  96  96  ARG ARG L . n 
A 1 97  SER 97  97  97  SER SER L . n 
A 1 98  PHE 98  98  98  PHE PHE L . n 
A 1 99  GLY 99  99  99  GLY GLY L . n 
A 1 100 GLY 100 100 100 GLY GLY L . n 
A 1 101 GLY 101 101 101 GLY GLY L . n 
A 1 102 THR 102 102 102 THR THR L . n 
A 1 103 LYS 103 103 103 LYS LYS L . n 
A 1 104 LEU 104 104 104 LEU LEU L . n 
A 1 105 GLU 105 105 105 GLU GLU L . n 
A 1 106 ILE 106 106 106 ILE ILE L . n 
B 2 1   GLN 1   201 201 GLN GLN H . n 
B 2 2   VAL 2   202 202 VAL VAL H . n 
B 2 3   GLN 3   203 203 GLN GLN H . n 
B 2 4   LEU 4   204 204 LEU LEU H . n 
B 2 5   GLN 5   205 205 GLN GLN H . n 
B 2 6   GLU 6   206 206 GLU GLU H . n 
B 2 7   SER 7   207 207 SER SER H . n 
B 2 8   GLY 8   208 208 GLY GLY H . n 
B 2 9   PRO 9   209 209 PRO PRO H . n 
B 2 10  GLY 10  210 210 GLY GLY H . n 
B 2 11  LEU 11  211 211 LEU LEU H . n 
B 2 12  VAL 12  212 212 VAL VAL H . n 
B 2 13  ALA 13  213 213 ALA ALA H . n 
B 2 14  PRO 14  214 214 PRO PRO H . n 
B 2 15  SER 15  215 215 SER SER H . n 
B 2 16  GLN 16  216 216 GLN GLN H . n 
B 2 17  SER 17  217 217 SER SER H . n 
B 2 18  LEU 18  218 218 LEU LEU H . n 
B 2 19  SER 19  219 219 SER SER H . n 
B 2 20  ILE 20  220 220 ILE ILE H . n 
B 2 21  THR 21  221 221 THR THR H . n 
B 2 22  CYS 22  222 222 CYS CYS H . n 
B 2 23  THR 23  223 223 THR THR H . n 
B 2 24  VAL 24  224 224 VAL VAL H . n 
B 2 25  SER 25  225 225 SER SER H . n 
B 2 26  GLY 26  226 226 GLY GLY H . n 
B 2 27  PHE 27  227 227 PHE PHE H . n 
B 2 28  SER 28  228 228 SER SER H . n 
B 2 29  LEU 29  229 229 LEU LEU H . n 
B 2 30  THR 30  230 230 THR THR H . n 
B 2 31  GLY 31  231 231 GLY GLY H . n 
B 2 32  TYR 32  232 232 TYR TYR H . n 
B 2 33  GLY 33  233 233 GLY GLY H . n 
B 2 34  VAL 34  234 234 VAL VAL H . n 
B 2 35  ASN 35  235 235 ASN ASN H . n 
B 2 36  TRP 36  236 236 TRP TRP H . n 
B 2 37  VAL 37  237 237 VAL VAL H . n 
B 2 38  ARG 38  238 238 ARG ARG H . n 
B 2 39  GLN 39  239 239 GLN GLN H . n 
B 2 40  LEU 40  240 240 LEU LEU H . n 
B 2 41  PRO 41  241 241 PRO PRO H . n 
B 2 42  GLY 42  242 242 GLY GLY H . n 
B 2 43  LYS 43  243 243 LYS LYS H . n 
B 2 44  GLY 44  244 244 GLY GLY H . n 
B 2 45  LEU 45  245 245 LEU LEU H . n 
B 2 46  GLU 46  246 246 GLU GLU H . n 
B 2 47  TRP 47  247 247 TRP TRP H . n 
B 2 48  LEU 48  248 248 LEU LEU H . n 
B 2 49  GLY 49  249 249 GLY GLY H . n 
B 2 50  MET 50  250 250 MET MET H . n 
B 2 51  ILE 51  251 251 ILE ILE H . n 
B 2 52  TRP 52  252 252 TRP TRP H . n 
B 2 53  GLY 53  253 253 GLY GLY H . n 
B 2 54  ASP 54  254 254 ASP ASP H . n 
B 2 55  GLY 55  255 255 GLY GLY H . n 
B 2 56  ASN 56  256 256 ASN ASN H . n 
B 2 57  THR 57  257 257 THR THR H . n 
B 2 58  ALA 58  258 258 ALA ALA H . n 
B 2 59  TYR 59  259 259 TYR TYR H . n 
B 2 60  ASN 60  260 260 ASN ASN H . n 
B 2 61  SER 61  261 261 SER SER H . n 
B 2 62  ALA 62  262 262 ALA ALA H . n 
B 2 63  LEU 63  263 263 LEU LEU H . n 
B 2 64  LYS 64  264 264 LYS LYS H . n 
B 2 65  SER 65  265 265 SER SER H . n 
B 2 66  ARG 66  266 266 ARG ARG H . n 
B 2 67  LEU 67  267 267 LEU LEU H . n 
B 2 68  SER 68  268 268 SER SER H . n 
B 2 69  ILE 69  269 269 ILE ILE H . n 
B 2 70  SER 70  270 270 SER SER H . n 
B 2 71  LYS 71  271 271 LYS LYS H . n 
B 2 72  ASP 72  272 272 ASP ASP H . n 
B 2 73  ASN 73  273 273 ASN ASN H . n 
B 2 74  SER 74  274 274 SER SER H . n 
B 2 75  LYS 75  275 275 LYS LYS H . n 
B 2 76  SER 76  276 276 SER SER H . n 
B 2 77  GLN 77  277 277 GLN GLN H . n 
B 2 78  VAL 78  278 278 VAL VAL H . n 
B 2 79  PHE 79  279 279 PHE PHE H . n 
B 2 80  LEU 80  280 280 LEU LEU H . n 
B 2 81  GLU 81  281 281 GLU GLU H . n 
B 2 82  MET 82  282 282 MET MET H . n 
B 2 83  ASP 83  283 283 ASP ASP H . n 
B 2 84  SER 84  284 284 SER SER H . n 
B 2 85  LEU 85  285 285 LEU LEU H . n 
B 2 86  HIS 86  286 286 HIS HIS H . n 
B 2 87  THR 87  287 287 THR THR H . n 
B 2 88  ASP 88  288 288 ASP ASP H . n 
B 2 89  ASP 89  289 289 ASP ASP H . n 
B 2 90  THR 90  290 290 THR THR H . n 
B 2 91  ALA 91  291 291 ALA ALA H . n 
B 2 92  ARG 92  292 292 ARG ARG H . n 
B 2 93  TYR 93  293 293 TYR TYR H . n 
B 2 94  TYR 94  294 294 TYR TYR H . n 
B 2 95  CYS 95  295 295 CYS CYS H . n 
B 2 96  ALA 96  296 296 ALA ALA H . n 
B 2 97  ARG 97  297 297 ARG ARG H . n 
B 2 98  GLU 98  298 298 GLU GLU H . n 
B 2 99  ARG 99  299 299 ARG ARG H . n 
B 2 100 ASP 100 300 300 ASP ASP H . n 
B 2 101 TYR 101 301 301 TYR TYR H . n 
B 2 102 ARG 102 302 302 ARG ARG H . n 
B 2 103 LEU 103 303 303 LEU LEU H . n 
B 2 104 ASP 104 304 304 ASP ASP H . n 
B 2 105 TYR 105 305 305 TYR TYR H . n 
B 2 106 TRP 106 306 306 TRP TRP H . n 
B 2 107 GLY 107 307 307 GLY GLY H . n 
B 2 108 GLN 108 308 308 GLN GLN H . n 
B 2 109 GLY 109 309 309 GLY GLY H . n 
B 2 110 THR 110 310 310 THR THR H . n 
B 2 111 THR 111 311 311 THR THR H . n 
B 2 112 VAL 112 312 312 VAL VAL H . n 
B 2 113 THR 113 313 313 THR THR H . n 
B 2 114 VAL 114 314 314 VAL VAL H . n 
B 2 115 SER 115 315 315 SER SER H . n 
B 2 116 SER 116 316 316 SER SER H . n 
# 
loop_
_pdbx_nonpoly_scheme.asym_id 
_pdbx_nonpoly_scheme.entity_id 
_pdbx_nonpoly_scheme.mon_id 
_pdbx_nonpoly_scheme.ndb_seq_num 
_pdbx_nonpoly_scheme.pdb_seq_num 
_pdbx_nonpoly_scheme.auth_seq_num 
_pdbx_nonpoly_scheme.pdb_mon_id 
_pdbx_nonpoly_scheme.auth_mon_id 
_pdbx_nonpoly_scheme.pdb_strand_id 
_pdbx_nonpoly_scheme.pdb_ins_code 
C 3 HOH 1  400 400 HOH HOH L . 
C 3 HOH 2  402 402 HOH HOH L . 
C 3 HOH 3  406 406 HOH HOH L . 
C 3 HOH 4  407 407 HOH HOH L . 
C 3 HOH 5  408 408 HOH HOH L . 
C 3 HOH 6  411 411 HOH HOH L . 
C 3 HOH 7  412 412 HOH HOH L . 
C 3 HOH 8  413 413 HOH HOH L . 
C 3 HOH 9  415 415 HOH HOH L . 
C 3 HOH 10 418 418 HOH HOH L . 
C 3 HOH 11 420 420 HOH HOH L . 
C 3 HOH 12 422 422 HOH HOH L . 
C 3 HOH 13 423 423 HOH HOH L . 
C 3 HOH 14 425 425 HOH HOH L . 
C 3 HOH 15 426 426 HOH HOH L . 
C 3 HOH 16 428 428 HOH HOH L . 
C 3 HOH 17 429 429 HOH HOH L . 
C 3 HOH 18 430 430 HOH HOH L . 
C 3 HOH 19 436 436 HOH HOH L . 
C 3 HOH 20 440 440 HOH HOH L . 
C 3 HOH 21 442 442 HOH HOH L . 
C 3 HOH 22 443 443 HOH HOH L . 
C 3 HOH 23 444 444 HOH HOH L . 
D 3 HOH 1  401 401 HOH HOH H . 
D 3 HOH 2  403 403 HOH HOH H . 
D 3 HOH 3  404 404 HOH HOH H . 
D 3 HOH 4  405 405 HOH HOH H . 
D 3 HOH 5  409 409 HOH HOH H . 
D 3 HOH 6  410 410 HOH HOH H . 
D 3 HOH 7  414 414 HOH HOH H . 
D 3 HOH 8  416 416 HOH HOH H . 
D 3 HOH 9  417 417 HOH HOH H . 
D 3 HOH 10 419 419 HOH HOH H . 
D 3 HOH 11 421 421 HOH HOH H . 
D 3 HOH 12 424 424 HOH HOH H . 
D 3 HOH 13 427 427 HOH HOH H . 
D 3 HOH 14 431 431 HOH HOH H . 
D 3 HOH 15 432 432 HOH HOH H . 
D 3 HOH 16 433 433 HOH HOH H . 
D 3 HOH 17 434 434 HOH HOH H . 
D 3 HOH 18 435 435 HOH HOH H . 
D 3 HOH 19 437 437 HOH HOH H . 
D 3 HOH 20 438 438 HOH HOH H . 
D 3 HOH 21 439 439 HOH HOH H . 
D 3 HOH 22 441 441 HOH HOH H . 
D 3 HOH 23 445 445 HOH HOH H . 
D 3 HOH 24 446 446 HOH HOH H . 
# 
loop_
_pdbx_unobs_or_zero_occ_atoms.id 
_pdbx_unobs_or_zero_occ_atoms.PDB_model_num 
_pdbx_unobs_or_zero_occ_atoms.polymer_flag 
_pdbx_unobs_or_zero_occ_atoms.occupancy_flag 
_pdbx_unobs_or_zero_occ_atoms.auth_asym_id 
_pdbx_unobs_or_zero_occ_atoms.auth_comp_id 
_pdbx_unobs_or_zero_occ_atoms.auth_seq_id 
_pdbx_unobs_or_zero_occ_atoms.PDB_ins_code 
_pdbx_unobs_or_zero_occ_atoms.auth_atom_id 
_pdbx_unobs_or_zero_occ_atoms.label_alt_id 
_pdbx_unobs_or_zero_occ_atoms.label_asym_id 
_pdbx_unobs_or_zero_occ_atoms.label_comp_id 
_pdbx_unobs_or_zero_occ_atoms.label_seq_id 
_pdbx_unobs_or_zero_occ_atoms.label_atom_id 
1  1 Y 1 L ARG 24  ? NE  ? A ARG 24  NE  
2  1 Y 1 L ARG 24  ? CZ  ? A ARG 24  CZ  
3  1 Y 1 L ARG 24  ? NH1 ? A ARG 24  NH1 
4  1 Y 1 L ARG 24  ? NH2 ? A ARG 24  NH2 
5  1 Y 1 L LYS 39  ? NZ  ? A LYS 39  NZ  
6  1 Y 1 L LYS 42  ? CG  ? A LYS 42  CG  
7  1 Y 1 L LYS 42  ? CD  ? A LYS 42  CD  
8  1 Y 1 L LYS 42  ? CE  ? A LYS 42  CE  
9  1 Y 1 L LYS 42  ? NZ  ? A LYS 42  NZ  
10 1 Y 1 L SER 60  ? CB  ? A SER 60  CB  
11 1 Y 1 L SER 60  ? OG  ? A SER 60  OG  
12 1 Y 1 L ARG 61  ? CZ  ? A ARG 61  CZ  
13 1 Y 1 L ARG 61  ? NH1 ? A ARG 61  NH1 
14 1 Y 1 L ARG 61  ? NH2 ? A ARG 61  NH2 
15 1 Y 1 L LYS 103 ? CD  ? A LYS 103 CD  
16 1 Y 1 L LYS 103 ? CE  ? A LYS 103 CE  
17 1 Y 1 L LYS 103 ? NZ  ? A LYS 103 NZ  
18 1 Y 1 H GLN 201 ? CD  ? B GLN 1   CD  
19 1 Y 1 H GLN 201 ? OE1 ? B GLN 1   OE1 
20 1 Y 1 H GLN 201 ? NE2 ? B GLN 1   NE2 
21 1 Y 1 H SER 217 ? OG  ? B SER 17  OG  
22 1 Y 1 H LYS 275 ? CG  ? B LYS 75  CG  
23 1 Y 1 H LYS 275 ? CD  ? B LYS 75  CD  
24 1 Y 1 H LYS 275 ? CE  ? B LYS 75  CE  
25 1 Y 1 H LYS 275 ? NZ  ? B LYS 75  NZ  
26 1 Y 1 H SER 284 ? OG  ? B SER 84  OG  
27 1 Y 1 H SER 316 ? O   ? B SER 116 O   
# 
loop_
_software.name 
_software.classification 
_software.version 
_software.citation_id 
_software.pdbx_ordinal 
MOSFLM            'data reduction' .        ? 1 
AGROVATA/ROTAVATA 'data reduction' .        ? 2 
ALMN/CCP4         'model building' .        ? 3 
CCP4              refinement       .        ? 4 
Agrovata          'data scaling'   .        ? 5 
ROTAVATA          'data scaling'   .        ? 6 
CCP4              phasing          '(ALMN)' ? 7 
# 
_cell.entry_id           1A7Q 
_cell.length_a           90.307 
_cell.length_b           90.307 
_cell.length_c           56.847 
_cell.angle_alpha        90.00 
_cell.angle_beta         90.00 
_cell.angle_gamma        90.00 
_cell.Z_PDB              8 
_cell.pdbx_unique_axis   ? 
# 
_symmetry.entry_id                         1A7Q 
_symmetry.space_group_name_H-M             'P 43 21 2' 
_symmetry.pdbx_full_space_group_name_H-M   ? 
_symmetry.cell_setting                     ? 
_symmetry.Int_Tables_number                96 
# 
_exptl.entry_id          1A7Q 
_exptl.method            'X-RAY DIFFRACTION' 
_exptl.crystals_number   1 
# 
_exptl_crystal.id                    1 
_exptl_crystal.density_meas          ? 
_exptl_crystal.density_Matthews      2.39 
_exptl_crystal.density_percent_sol   48.46 
_exptl_crystal.description           ? 
# 
_diffrn.id                     1 
_diffrn.ambient_temp           269 
_diffrn.ambient_temp_details   ? 
_diffrn.crystal_id             1 
# 
_diffrn_detector.diffrn_id              1 
_diffrn_detector.detector               'IMAGE PLATE' 
_diffrn_detector.type                   MARRESEARCH 
_diffrn_detector.pdbx_collection_date   1992-07 
_diffrn_detector.details                ? 
# 
_diffrn_radiation.diffrn_id                        1 
_diffrn_radiation.wavelength_id                    1 
_diffrn_radiation.pdbx_monochromatic_or_laue_m_l   M 
_diffrn_radiation.monochromator                    ? 
_diffrn_radiation.pdbx_diffrn_protocol             ? 
_diffrn_radiation.pdbx_scattering_type             x-ray 
# 
_diffrn_radiation_wavelength.id           1 
_diffrn_radiation_wavelength.wavelength   1.5418 
_diffrn_radiation_wavelength.wt           1.0 
# 
_diffrn_source.diffrn_id                   1 
_diffrn_source.source                      ? 
_diffrn_source.type                        ? 
_diffrn_source.pdbx_synchrotron_site       ? 
_diffrn_source.pdbx_synchrotron_beamline   ? 
_diffrn_source.pdbx_wavelength             1.5418 
_diffrn_source.pdbx_wavelength_list        ? 
# 
_reflns.entry_id                     1A7Q 
_reflns.observed_criterion_sigma_I   0.0 
_reflns.observed_criterion_sigma_F   ? 
_reflns.d_resolution_low             13.68 
_reflns.d_resolution_high            2.00 
_reflns.number_obs                   134765 
_reflns.number_all                   ? 
_reflns.percent_possible_obs         97.8 
_reflns.pdbx_Rmerge_I_obs            0.097 
_reflns.pdbx_Rsym_value              ? 
_reflns.pdbx_netI_over_sigmaI        ? 
_reflns.B_iso_Wilson_estimate        25.08 
_reflns.pdbx_redundancy              4.8 
_reflns.pdbx_diffrn_id               1 
_reflns.pdbx_ordinal                 1 
# 
_reflns_shell.d_res_high             2.00 
_reflns_shell.d_res_low              2.05 
_reflns_shell.percent_possible_all   79.7 
_reflns_shell.Rmerge_I_obs           0.3 
_reflns_shell.pdbx_Rsym_value        ? 
_reflns_shell.meanI_over_sigI_obs    ? 
_reflns_shell.pdbx_redundancy        3.7 
_reflns_shell.pdbx_diffrn_id         ? 
_reflns_shell.pdbx_ordinal           1 
# 
_refine.entry_id                                 1A7Q 
_refine.ls_number_reflns_obs                     15836 
_refine.ls_number_reflns_all                     15836 
_refine.pdbx_ls_sigma_I                          ? 
_refine.pdbx_ls_sigma_F                          0.0 
_refine.pdbx_data_cutoff_high_absF               ? 
_refine.pdbx_data_cutoff_low_absF                ? 
_refine.pdbx_data_cutoff_high_rms_absF           ? 
_refine.ls_d_res_low                             6.0 
_refine.ls_d_res_high                            2.0 
_refine.ls_percent_reflns_obs                    ? 
_refine.ls_R_factor_obs                          ? 
_refine.ls_R_factor_all                          ? 
_refine.ls_R_factor_R_work                       0.178 
_refine.ls_R_factor_R_free                       ? 
_refine.ls_R_factor_R_free_error                 ? 
_refine.ls_R_factor_R_free_error_details         ? 
_refine.ls_percent_reflns_R_free                 ? 
_refine.ls_number_reflns_R_free                  ? 
_refine.ls_number_parameters                     ? 
_refine.ls_number_restraints                     ? 
_refine.occupancy_min                            ? 
_refine.occupancy_max                            ? 
_refine.B_iso_mean                               21.70 
_refine.aniso_B[1][1]                            ? 
_refine.aniso_B[2][2]                            ? 
_refine.aniso_B[3][3]                            ? 
_refine.aniso_B[1][2]                            ? 
_refine.aniso_B[1][3]                            ? 
_refine.aniso_B[2][3]                            ? 
_refine.solvent_model_details                    ? 
_refine.solvent_model_param_ksol                 ? 
_refine.solvent_model_param_bsol                 ? 
_refine.pdbx_ls_cross_valid_method               ? 
_refine.details                                  ? 
_refine.pdbx_starting_model                      'PDB ENTRY 1VFA' 
_refine.pdbx_method_to_determine_struct          'MOLECULAR REPLACEMENT' 
_refine.pdbx_isotropic_thermal_model             ? 
_refine.pdbx_stereochemistry_target_values       ? 
_refine.pdbx_stereochem_target_val_spec_case     ? 
_refine.pdbx_R_Free_selection_details            ? 
_refine.pdbx_overall_ESU_R                       ? 
_refine.pdbx_overall_ESU_R_Free                  ? 
_refine.overall_SU_ML                            ? 
_refine.overall_SU_B                             ? 
_refine.pdbx_refine_id                           'X-RAY DIFFRACTION' 
_refine.pdbx_diffrn_id                           1 
_refine.pdbx_TLS_residual_ADP_flag               ? 
_refine.correlation_coeff_Fo_to_Fc               ? 
_refine.correlation_coeff_Fo_to_Fc_free          ? 
_refine.pdbx_solvent_vdw_probe_radii             ? 
_refine.pdbx_solvent_ion_probe_radii             ? 
_refine.pdbx_solvent_shrinkage_radii             ? 
_refine.pdbx_overall_phase_error                 ? 
_refine.overall_SU_R_Cruickshank_DPI             ? 
_refine.pdbx_overall_SU_R_free_Cruickshank_DPI   ? 
_refine.pdbx_overall_SU_R_Blow_DPI               ? 
_refine.pdbx_overall_SU_R_free_Blow_DPI          ? 
# 
_refine_hist.pdbx_refine_id                   'X-RAY DIFFRACTION' 
_refine_hist.cycle_id                         LAST 
_refine_hist.pdbx_number_atoms_protein        1681 
_refine_hist.pdbx_number_atoms_nucleic_acid   0 
_refine_hist.pdbx_number_atoms_ligand         0 
_refine_hist.number_atoms_solvent             47 
_refine_hist.number_atoms_total               1728 
_refine_hist.d_res_high                       2.0 
_refine_hist.d_res_low                        6.0 
# 
loop_
_refine_ls_restr.type 
_refine_ls_restr.dev_ideal 
_refine_ls_restr.dev_ideal_target 
_refine_ls_restr.weight 
_refine_ls_restr.number 
_refine_ls_restr.pdbx_refine_id 
_refine_ls_restr.pdbx_restraint_function 
p_bond_d            0.019 0.020 ? ? 'X-RAY DIFFRACTION' ? 
p_angle_d           0.055 0.040 ? ? 'X-RAY DIFFRACTION' ? 
p_angle_deg         ?     ?     ? ? 'X-RAY DIFFRACTION' ? 
p_planar_d          0.058 0.050 ? ? 'X-RAY DIFFRACTION' ? 
p_hb_or_metal_coord ?     ?     ? ? 'X-RAY DIFFRACTION' ? 
p_mcbond_it         1.506 1.500 ? ? 'X-RAY DIFFRACTION' ? 
p_mcangle_it        2.237 2.000 ? ? 'X-RAY DIFFRACTION' ? 
p_scbond_it         2.978 2.000 ? ? 'X-RAY DIFFRACTION' ? 
p_scangle_it        4.390 3.000 ? ? 'X-RAY DIFFRACTION' ? 
p_plane_restr       0.015 0.020 ? ? 'X-RAY DIFFRACTION' ? 
p_chiral_restr      0.153 0.120 ? ? 'X-RAY DIFFRACTION' ? 
p_singtor_nbd       0.161 0.200 ? ? 'X-RAY DIFFRACTION' ? 
p_multtor_nbd       0.157 0.200 ? ? 'X-RAY DIFFRACTION' ? 
p_xhyhbond_nbd      ?     ?     ? ? 'X-RAY DIFFRACTION' ? 
p_xyhbond_nbd       0.146 0.200 ? ? 'X-RAY DIFFRACTION' ? 
p_planar_tor        2.519 3.0   ? ? 'X-RAY DIFFRACTION' ? 
p_staggered_tor     18.93 20.0  ? ? 'X-RAY DIFFRACTION' ? 
p_orthonormal_tor   ?     ?     ? ? 'X-RAY DIFFRACTION' ? 
p_transverse_tor    12.34 15.0  ? ? 'X-RAY DIFFRACTION' ? 
p_special_tor       15.0  ?     ? ? 'X-RAY DIFFRACTION' ? 
# 
_pdbx_refine.entry_id                                    1A7Q 
_pdbx_refine.R_factor_all_no_cutoff                      ? 
_pdbx_refine.R_factor_obs_no_cutoff                      0.178 
_pdbx_refine.free_R_factor_no_cutoff                     ? 
_pdbx_refine.free_R_val_test_set_size_perc_no_cutoff     ? 
_pdbx_refine.free_R_val_test_set_ct_no_cutoff            ? 
_pdbx_refine.R_factor_all_4sig_cutoff                    ? 
_pdbx_refine.R_factor_obs_4sig_cutoff                    ? 
_pdbx_refine.free_R_factor_4sig_cutoff                   ? 
_pdbx_refine.free_R_val_test_set_size_perc_4sig_cutoff   ? 
_pdbx_refine.free_R_val_test_set_ct_4sig_cutoff          ? 
_pdbx_refine.number_reflns_obs_4sig_cutoff               ? 
_pdbx_refine.pdbx_refine_id                              'X-RAY DIFFRACTION' 
_pdbx_refine.free_R_error_no_cutoff                      ? 
# 
_struct.entry_id                  1A7Q 
_struct.title                     
;FV FRAGMENT OF MOUSE MONOCLONAL ANTIBODY D1.3 (BALB/C, IGG1, K) HIGH AFFINITY EXPRESSED VARIANT CONTAINING SER26L->GLY, ILE29L->THR, GLU81L->ASP, THR97L->SER, PRO240H->LEU, ASP258H->ALA, LYS281H->GLU, ASN283H->ASP AND LEU312H->VAL
;
_struct.pdbx_model_details        ? 
_struct.pdbx_CASP_flag            ? 
_struct.pdbx_model_type_details   ? 
# 
_struct_keywords.entry_id        1A7Q 
_struct_keywords.pdbx_keywords   IMMUNOGLOBULIN 
_struct_keywords.text            IMMUNOGLOBULIN 
# 
loop_
_struct_asym.id 
_struct_asym.pdbx_blank_PDB_chainid_flag 
_struct_asym.pdbx_modified 
_struct_asym.entity_id 
_struct_asym.details 
A N N 1 ? 
B N N 2 ? 
C N N 3 ? 
D N N 3 ? 
# 
loop_
_struct_ref.id 
_struct_ref.db_name 
_struct_ref.db_code 
_struct_ref.entity_id 
_struct_ref.pdbx_db_accession 
_struct_ref.pdbx_align_begin 
_struct_ref.pdbx_seq_one_letter_code 
_struct_ref.pdbx_db_isoform 
1 GB AAB30177 1 545862 1 
;DIELTQSPASLSASVGETVTITCRASGNIHNYLAWYQQKQGKSPQLLVYKAQTLADGVPSRFSGSGSGTQYSLKINSLQP
EDFGSYYCQHFWSTPPWTFGGGTKLEIKRA
;
? 
2 GB AAA69766 2 896294 1 
;DVLMTQTPLTLSVTIGQPASISCKSSQSLLHTDGKTYLIWLLQRPGQSPKRLIYLVSKLDSGVPDRFTGSGSGTDFTLKI
SRVEAEDLGVYYCWQGTHFPQTFGGGTKLEIKRADAAPGSTSGSGKSSEGKGQVQLQESGPGLVAPSQSLSITCTVSGFS
LTGYGVNWVRQPPGKGLEWLGMIWGDGNTDYNSALKSRLSISKDNSKSQVFLKMNSLHTDDTARYYCARERDYRLDYWGQ
GTTVTVSSTKTTPPSVYPAAAHHHHHHGAAEQKLISEEDLNGAA
;
? 
# 
loop_
_struct_ref_seq.align_id 
_struct_ref_seq.ref_id 
_struct_ref_seq.pdbx_PDB_id_code 
_struct_ref_seq.pdbx_strand_id 
_struct_ref_seq.seq_align_beg 
_struct_ref_seq.pdbx_seq_align_beg_ins_code 
_struct_ref_seq.seq_align_end 
_struct_ref_seq.pdbx_seq_align_end_ins_code 
_struct_ref_seq.pdbx_db_accession 
_struct_ref_seq.db_align_beg 
_struct_ref_seq.pdbx_db_align_beg_ins_code 
_struct_ref_seq.db_align_end 
_struct_ref_seq.pdbx_db_align_end_ins_code 
_struct_ref_seq.pdbx_auth_seq_align_beg 
_struct_ref_seq.pdbx_auth_seq_align_end 
1 1 1A7Q L 1 ? 106 ? 545862 1   ? 107 ? 1   106 
2 2 1A7Q H 1 ? 116 ? 896294 133 ? 248 ? 201 316 
# 
loop_
_struct_ref_seq_dif.align_id 
_struct_ref_seq_dif.pdbx_pdb_id_code 
_struct_ref_seq_dif.mon_id 
_struct_ref_seq_dif.pdbx_pdb_strand_id 
_struct_ref_seq_dif.seq_num 
_struct_ref_seq_dif.pdbx_pdb_ins_code 
_struct_ref_seq_dif.pdbx_seq_db_name 
_struct_ref_seq_dif.pdbx_seq_db_accession_code 
_struct_ref_seq_dif.db_mon_id 
_struct_ref_seq_dif.pdbx_seq_db_seq_num 
_struct_ref_seq_dif.details 
_struct_ref_seq_dif.pdbx_auth_seq_num 
_struct_ref_seq_dif.pdbx_ordinal 
1 1A7Q VAL L 3  ? GB 545862 GLU 3   conflict 3   1  
1 1A7Q GLY L 26 ? GB 545862 SER 26  variant  26  2  
1 1A7Q THR L 29 ? GB 545862 ILE 29  variant  29  3  
1 1A7Q TYR L 50 ? GB 545862 LYS 50  conflict 50  4  
1 1A7Q THR L 51 ? GB 545862 ALA 51  conflict 51  5  
1 1A7Q THR L 52 ? GB 545862 GLN 52  conflict 52  6  
1 1A7Q ALA L 56 ? GB 545862 ASP 56  conflict 56  7  
1 1A7Q ASP L 81 ? GB 545862 GLU 81  variant  81  8  
1 1A7Q ?   L ?  ? GB 545862 PRO 95  deletion ?   9  
1 1A7Q ARG L 96 ? GB 545862 TRP 97  conflict 96  10 
1 1A7Q SER L 97 ? GB 545862 THR 98  variant  97  11 
2 1A7Q LEU H 40 ? GB 896294 PRO 172 variant  240 12 
2 1A7Q ALA H 58 ? GB 896294 ASP 190 variant  258 13 
2 1A7Q GLU H 81 ? GB 896294 LYS 213 variant  281 14 
2 1A7Q ASP H 83 ? GB 896294 ASN 215 variant  283 15 
# 
_pdbx_struct_assembly.id                   1 
_pdbx_struct_assembly.details              author_and_software_defined_assembly 
_pdbx_struct_assembly.method_details       PISA 
_pdbx_struct_assembly.oligomeric_details   dimeric 
_pdbx_struct_assembly.oligomeric_count     2 
# 
loop_
_pdbx_struct_assembly_prop.biol_id 
_pdbx_struct_assembly_prop.type 
_pdbx_struct_assembly_prop.value 
_pdbx_struct_assembly_prop.details 
1 'ABSA (A^2)' 1660 ? 
1 MORE         -10  ? 
1 'SSA (A^2)'  9770 ? 
# 
_pdbx_struct_assembly_gen.assembly_id       1 
_pdbx_struct_assembly_gen.oper_expression   1 
_pdbx_struct_assembly_gen.asym_id_list      A,B,C,D 
# 
_pdbx_struct_oper_list.id                   1 
_pdbx_struct_oper_list.type                 'identity operation' 
_pdbx_struct_oper_list.name                 1_555 
_pdbx_struct_oper_list.symmetry_operation   x,y,z 
_pdbx_struct_oper_list.matrix[1][1]         1.0000000000 
_pdbx_struct_oper_list.matrix[1][2]         0.0000000000 
_pdbx_struct_oper_list.matrix[1][3]         0.0000000000 
_pdbx_struct_oper_list.vector[1]            0.0000000000 
_pdbx_struct_oper_list.matrix[2][1]         0.0000000000 
_pdbx_struct_oper_list.matrix[2][2]         1.0000000000 
_pdbx_struct_oper_list.matrix[2][3]         0.0000000000 
_pdbx_struct_oper_list.vector[2]            0.0000000000 
_pdbx_struct_oper_list.matrix[3][1]         0.0000000000 
_pdbx_struct_oper_list.matrix[3][2]         0.0000000000 
_pdbx_struct_oper_list.matrix[3][3]         1.0000000000 
_pdbx_struct_oper_list.vector[3]            0.0000000000 
# 
_struct_biol.id   1 
# 
loop_
_struct_conf.conf_type_id 
_struct_conf.id 
_struct_conf.pdbx_PDB_helix_id 
_struct_conf.beg_label_comp_id 
_struct_conf.beg_label_asym_id 
_struct_conf.beg_label_seq_id 
_struct_conf.pdbx_beg_PDB_ins_code 
_struct_conf.end_label_comp_id 
_struct_conf.end_label_asym_id 
_struct_conf.end_label_seq_id 
_struct_conf.pdbx_end_PDB_ins_code 
_struct_conf.beg_auth_comp_id 
_struct_conf.beg_auth_asym_id 
_struct_conf.beg_auth_seq_id 
_struct_conf.end_auth_comp_id 
_struct_conf.end_auth_asym_id 
_struct_conf.end_auth_seq_id 
_struct_conf.pdbx_PDB_helix_class 
_struct_conf.details 
_struct_conf.pdbx_PDB_helix_length 
HELX_P HELX_P1 1 PRO A 80 ? ASP A 82 ? PRO L 80  ASP L 82  5 ? 3 
HELX_P HELX_P2 2 LYS B 64 ? ARG B 66 ? LYS H 264 ARG H 266 5 ? 3 
HELX_P HELX_P3 3 THR B 87 ? ASP B 89 ? THR H 287 ASP H 289 5 ? 3 
# 
_struct_conf_type.id          HELX_P 
_struct_conf_type.criteria    ? 
_struct_conf_type.reference   ? 
# 
loop_
_struct_conn.id 
_struct_conn.conn_type_id 
_struct_conn.pdbx_leaving_atom_flag 
_struct_conn.pdbx_PDB_id 
_struct_conn.ptnr1_label_asym_id 
_struct_conn.ptnr1_label_comp_id 
_struct_conn.ptnr1_label_seq_id 
_struct_conn.ptnr1_label_atom_id 
_struct_conn.pdbx_ptnr1_label_alt_id 
_struct_conn.pdbx_ptnr1_PDB_ins_code 
_struct_conn.pdbx_ptnr1_standard_comp_id 
_struct_conn.ptnr1_symmetry 
_struct_conn.ptnr2_label_asym_id 
_struct_conn.ptnr2_label_comp_id 
_struct_conn.ptnr2_label_seq_id 
_struct_conn.ptnr2_label_atom_id 
_struct_conn.pdbx_ptnr2_label_alt_id 
_struct_conn.pdbx_ptnr2_PDB_ins_code 
_struct_conn.ptnr1_auth_asym_id 
_struct_conn.ptnr1_auth_comp_id 
_struct_conn.ptnr1_auth_seq_id 
_struct_conn.ptnr2_auth_asym_id 
_struct_conn.ptnr2_auth_comp_id 
_struct_conn.ptnr2_auth_seq_id 
_struct_conn.ptnr2_symmetry 
_struct_conn.pdbx_ptnr3_label_atom_id 
_struct_conn.pdbx_ptnr3_label_seq_id 
_struct_conn.pdbx_ptnr3_label_comp_id 
_struct_conn.pdbx_ptnr3_label_asym_id 
_struct_conn.pdbx_ptnr3_label_alt_id 
_struct_conn.pdbx_ptnr3_PDB_ins_code 
_struct_conn.details 
_struct_conn.pdbx_dist_value 
_struct_conn.pdbx_value_order 
_struct_conn.pdbx_role 
disulf1 disulf ? ? A CYS 23 SG ? ? ? 1_555 A CYS 88 SG ? ? L CYS 23  L CYS 88  1_555 ? ? ? ? ? ? ? 1.997 ? ? 
disulf2 disulf ? ? B CYS 22 SG ? ? ? 1_555 B CYS 95 SG ? ? H CYS 222 H CYS 295 1_555 ? ? ? ? ? ? ? 2.006 ? ? 
# 
_struct_conn_type.id          disulf 
_struct_conn_type.criteria    ? 
_struct_conn_type.reference   ? 
# 
loop_
_pdbx_modification_feature.ordinal 
_pdbx_modification_feature.label_comp_id 
_pdbx_modification_feature.label_asym_id 
_pdbx_modification_feature.label_seq_id 
_pdbx_modification_feature.label_alt_id 
_pdbx_modification_feature.modified_residue_label_comp_id 
_pdbx_modification_feature.modified_residue_label_asym_id 
_pdbx_modification_feature.modified_residue_label_seq_id 
_pdbx_modification_feature.modified_residue_label_alt_id 
_pdbx_modification_feature.auth_comp_id 
_pdbx_modification_feature.auth_asym_id 
_pdbx_modification_feature.auth_seq_id 
_pdbx_modification_feature.PDB_ins_code 
_pdbx_modification_feature.symmetry 
_pdbx_modification_feature.modified_residue_auth_comp_id 
_pdbx_modification_feature.modified_residue_auth_asym_id 
_pdbx_modification_feature.modified_residue_auth_seq_id 
_pdbx_modification_feature.modified_residue_PDB_ins_code 
_pdbx_modification_feature.modified_residue_symmetry 
_pdbx_modification_feature.comp_id_linking_atom 
_pdbx_modification_feature.modified_residue_id_linking_atom 
_pdbx_modification_feature.modified_residue_id 
_pdbx_modification_feature.ref_pcm_id 
_pdbx_modification_feature.ref_comp_id 
_pdbx_modification_feature.type 
_pdbx_modification_feature.category 
1 CYS A 23 ? CYS A 88 ? CYS L 23  ? 1_555 CYS L 88  ? 1_555 SG SG . . . None 'Disulfide bridge' 
2 CYS B 22 ? CYS B 95 ? CYS H 222 ? 1_555 CYS H 295 ? 1_555 SG SG . . . None 'Disulfide bridge' 
# 
loop_
_struct_mon_prot_cis.pdbx_id 
_struct_mon_prot_cis.label_comp_id 
_struct_mon_prot_cis.label_seq_id 
_struct_mon_prot_cis.label_asym_id 
_struct_mon_prot_cis.label_alt_id 
_struct_mon_prot_cis.pdbx_PDB_ins_code 
_struct_mon_prot_cis.auth_comp_id 
_struct_mon_prot_cis.auth_seq_id 
_struct_mon_prot_cis.auth_asym_id 
_struct_mon_prot_cis.pdbx_label_comp_id_2 
_struct_mon_prot_cis.pdbx_label_seq_id_2 
_struct_mon_prot_cis.pdbx_label_asym_id_2 
_struct_mon_prot_cis.pdbx_PDB_ins_code_2 
_struct_mon_prot_cis.pdbx_auth_comp_id_2 
_struct_mon_prot_cis.pdbx_auth_seq_id_2 
_struct_mon_prot_cis.pdbx_auth_asym_id_2 
_struct_mon_prot_cis.pdbx_PDB_model_num 
_struct_mon_prot_cis.pdbx_omega_angle 
1 SER 7  A . ? SER 7  L PRO 8  A ? PRO 8  L 1 -0.51 
2 THR 94 A . ? THR 94 L PRO 95 A ? PRO 95 L 1 -0.38 
# 
loop_
_struct_sheet.id 
_struct_sheet.type 
_struct_sheet.number_strands 
_struct_sheet.details 
A ? 4 ? 
B ? 5 ? 
C ? 4 ? 
D ? 5 ? 
E ? 2 ? 
# 
loop_
_struct_sheet_order.sheet_id 
_struct_sheet_order.range_id_1 
_struct_sheet_order.range_id_2 
_struct_sheet_order.offset 
_struct_sheet_order.sense 
A 1 2 ? anti-parallel 
A 2 3 ? anti-parallel 
A 3 4 ? anti-parallel 
B 1 2 ? parallel      
B 2 3 ? anti-parallel 
B 3 4 ? anti-parallel 
B 4 5 ? anti-parallel 
C 1 2 ? anti-parallel 
C 2 3 ? anti-parallel 
C 3 4 ? anti-parallel 
D 1 2 ? anti-parallel 
D 2 3 ? anti-parallel 
D 3 4 ? anti-parallel 
D 4 5 ? anti-parallel 
E 1 2 ? anti-parallel 
# 
loop_
_struct_sheet_range.sheet_id 
_struct_sheet_range.id 
_struct_sheet_range.beg_label_comp_id 
_struct_sheet_range.beg_label_asym_id 
_struct_sheet_range.beg_label_seq_id 
_struct_sheet_range.pdbx_beg_PDB_ins_code 
_struct_sheet_range.end_label_comp_id 
_struct_sheet_range.end_label_asym_id 
_struct_sheet_range.end_label_seq_id 
_struct_sheet_range.pdbx_end_PDB_ins_code 
_struct_sheet_range.beg_auth_comp_id 
_struct_sheet_range.beg_auth_asym_id 
_struct_sheet_range.beg_auth_seq_id 
_struct_sheet_range.end_auth_comp_id 
_struct_sheet_range.end_auth_asym_id 
_struct_sheet_range.end_auth_seq_id 
A 1 LEU A 4   ? SER A 7   ? LEU L 4   SER L 7   
A 2 VAL A 19  ? ALA A 25  ? VAL L 19  ALA L 25  
A 3 GLN A 70  ? ILE A 75  ? GLN L 70  ILE L 75  
A 4 PHE A 62  ? SER A 67  ? PHE L 62  SER L 67  
B 1 SER A 10  ? SER A 12  ? SER L 10  SER L 12  
B 2 THR A 102 ? GLU A 105 ? THR L 102 GLU L 105 
B 3 GLY A 84  ? HIS A 90  ? GLY L 84  HIS L 90  
B 4 LEU A 33  ? GLN A 38  ? LEU L 33  GLN L 38  
B 5 GLN A 45  ? VAL A 48  ? GLN L 45  VAL L 48  
C 1 GLN B 3   ? SER B 7   ? GLN H 203 SER H 207 
C 2 LEU B 18  ? SER B 25  ? LEU H 218 SER H 225 
C 3 GLN B 77  ? MET B 82  ? GLN H 277 MET H 282 
C 4 LEU B 67  ? ASP B 72  ? LEU H 267 ASP H 272 
D 1 THR B 110 ? VAL B 112 ? THR H 310 VAL H 312 
D 2 ALA B 91  ? GLU B 98  ? ALA H 291 GLU H 298 
D 3 GLY B 33  ? LEU B 40  ? GLY H 233 LEU H 240 
D 4 LEU B 45  ? ILE B 51  ? LEU H 245 ILE H 251 
D 5 THR B 57  ? TYR B 59  ? THR H 257 TYR H 259 
E 1 ALA B 96  ? GLU B 98  ? ALA H 296 GLU H 298 
E 2 LEU B 103 ? TRP B 106 ? LEU H 303 TRP H 306 
# 
loop_
_pdbx_struct_sheet_hbond.sheet_id 
_pdbx_struct_sheet_hbond.range_id_1 
_pdbx_struct_sheet_hbond.range_id_2 
_pdbx_struct_sheet_hbond.range_1_label_atom_id 
_pdbx_struct_sheet_hbond.range_1_label_comp_id 
_pdbx_struct_sheet_hbond.range_1_label_asym_id 
_pdbx_struct_sheet_hbond.range_1_label_seq_id 
_pdbx_struct_sheet_hbond.range_1_PDB_ins_code 
_pdbx_struct_sheet_hbond.range_1_auth_atom_id 
_pdbx_struct_sheet_hbond.range_1_auth_comp_id 
_pdbx_struct_sheet_hbond.range_1_auth_asym_id 
_pdbx_struct_sheet_hbond.range_1_auth_seq_id 
_pdbx_struct_sheet_hbond.range_2_label_atom_id 
_pdbx_struct_sheet_hbond.range_2_label_comp_id 
_pdbx_struct_sheet_hbond.range_2_label_asym_id 
_pdbx_struct_sheet_hbond.range_2_label_seq_id 
_pdbx_struct_sheet_hbond.range_2_PDB_ins_code 
_pdbx_struct_sheet_hbond.range_2_auth_atom_id 
_pdbx_struct_sheet_hbond.range_2_auth_comp_id 
_pdbx_struct_sheet_hbond.range_2_auth_asym_id 
_pdbx_struct_sheet_hbond.range_2_auth_seq_id 
A 1 2 O THR A 5   ? O THR L 5   N ARG A 24  ? N ARG L 24  
A 2 3 O VAL A 19  ? O VAL L 19  N ILE A 75  ? N ILE L 75  
A 3 4 O GLN A 70  ? O GLN L 70  N SER A 67  ? N SER L 67  
B 1 2 O LEU A 11  ? O LEU L 11  N LYS A 103 ? N LYS L 103 
B 2 3 O THR A 102 ? O THR L 102 N TYR A 86  ? N TYR L 86  
B 3 4 O SER A 85  ? O SER L 85  N GLN A 38  ? N GLN L 38  
B 4 5 O TRP A 35  ? O TRP L 35  N VAL A 48  ? N VAL L 48  
C 1 2 O GLN B 3   ? O GLN H 203 N SER B 25  ? N SER H 225 
C 2 3 O LEU B 18  ? O LEU H 218 N MET B 82  ? N MET H 282 
C 3 4 O GLN B 77  ? O GLN H 277 N ASP B 72  ? N ASP H 272 
D 1 2 O THR B 110 ? O THR H 310 N TYR B 93  ? N TYR H 293 
D 2 3 O ARG B 92  ? O ARG H 292 N GLN B 39  ? N GLN H 239 
D 3 4 O VAL B 34  ? O VAL H 234 N ILE B 51  ? N ILE H 251 
D 4 5 O MET B 50  ? O MET H 250 N ALA B 58  ? N ALA H 258 
E 1 2 O ARG B 97  ? O ARG H 297 N TYR B 105 ? N TYR H 305 
# 
_pdbx_entry_details.entry_id                   1A7Q 
_pdbx_entry_details.compound_details           
;THE ANTIBODY IS SECRETED INTO PERIPLASMIC SPACE. VH AND VL
DOMAINS ARE COVALENTLY LINKED AND THEY ASSOCIATE
SPONTANEOUSLY.  CHAIN IDENTIFIER *L* STANDS FOR LIGHT-CHAIN
RESIDUES, *H* FOR HEAVY-CHAIN RESIDUES.  THE NUMBERING
SYSTEM USED IN THIS ENTRY IS SEQUENTIAL, FROM 1 - 107 FOR
THE LIGHT CHAIN AND FROM 201 - 316 FOR THE HEAVY CHAIN.
;
_pdbx_entry_details.source_details             ? 
_pdbx_entry_details.nonpolymer_details         ? 
_pdbx_entry_details.sequence_details           ? 
_pdbx_entry_details.has_ligand_of_interest     ? 
_pdbx_entry_details.has_protein_modification   Y 
# 
loop_
_pdbx_validate_rmsd_angle.id 
_pdbx_validate_rmsd_angle.PDB_model_num 
_pdbx_validate_rmsd_angle.auth_atom_id_1 
_pdbx_validate_rmsd_angle.auth_asym_id_1 
_pdbx_validate_rmsd_angle.auth_comp_id_1 
_pdbx_validate_rmsd_angle.auth_seq_id_1 
_pdbx_validate_rmsd_angle.PDB_ins_code_1 
_pdbx_validate_rmsd_angle.label_alt_id_1 
_pdbx_validate_rmsd_angle.auth_atom_id_2 
_pdbx_validate_rmsd_angle.auth_asym_id_2 
_pdbx_validate_rmsd_angle.auth_comp_id_2 
_pdbx_validate_rmsd_angle.auth_seq_id_2 
_pdbx_validate_rmsd_angle.PDB_ins_code_2 
_pdbx_validate_rmsd_angle.label_alt_id_2 
_pdbx_validate_rmsd_angle.auth_atom_id_3 
_pdbx_validate_rmsd_angle.auth_asym_id_3 
_pdbx_validate_rmsd_angle.auth_comp_id_3 
_pdbx_validate_rmsd_angle.auth_seq_id_3 
_pdbx_validate_rmsd_angle.PDB_ins_code_3 
_pdbx_validate_rmsd_angle.label_alt_id_3 
_pdbx_validate_rmsd_angle.angle_value 
_pdbx_validate_rmsd_angle.angle_target_value 
_pdbx_validate_rmsd_angle.angle_deviation 
_pdbx_validate_rmsd_angle.angle_standard_deviation 
_pdbx_validate_rmsd_angle.linker_flag 
1  1 CB  L ASP 1   ? ? CG  L ASP 1   ? ? OD1 L ASP 1   ? ? 124.02 118.30 5.72   0.90 N 
2  1 CB  L ASP 1   ? ? CG  L ASP 1   ? ? OD2 L ASP 1   ? ? 110.07 118.30 -8.23  0.90 N 
3  1 CA  L VAL 3   ? ? CB  L VAL 3   ? ? CG2 L VAL 3   ? ? 121.70 110.90 10.80  1.50 N 
4  1 O   L LEU 4   ? ? C   L LEU 4   ? ? N   L THR 5   ? ? 133.12 122.70 10.42  1.60 Y 
5  1 CB  L SER 10  ? ? CA  L SER 10  ? ? C   L SER 10  ? ? 95.42  110.10 -14.68 1.90 N 
6  1 CA  L LEU 11  ? ? CB  L LEU 11  ? ? CG  L LEU 11  ? ? 130.35 115.30 15.05  2.30 N 
7  1 CB  L TYR 50  ? ? CG  L TYR 50  ? ? CD2 L TYR 50  ? ? 116.93 121.00 -4.07  0.60 N 
8  1 CA  L THR 53  ? ? CB  L THR 53  ? ? OG1 L THR 53  ? ? 96.40  109.00 -12.60 2.10 N 
9  1 CB  L TYR 71  ? ? CG  L TYR 71  ? ? CD1 L TYR 71  ? ? 125.10 121.00 4.10   0.60 N 
10 1 CB  L ASP 82  ? ? CG  L ASP 82  ? ? OD1 L ASP 82  ? ? 127.12 118.30 8.82   0.90 N 
11 1 CB  L PHE 83  ? ? CA  L PHE 83  ? ? C   L PHE 83  ? ? 125.40 110.40 15.00  2.00 N 
12 1 CB  L TYR 86  ? ? CG  L TYR 86  ? ? CD2 L TYR 86  ? ? 116.74 121.00 -4.26  0.60 N 
13 1 NE  L ARG 96  ? ? CZ  L ARG 96  ? ? NH1 L ARG 96  ? ? 126.68 120.30 6.38   0.50 N 
14 1 NE  L ARG 96  ? ? CZ  L ARG 96  ? ? NH2 L ARG 96  ? ? 113.27 120.30 -7.03  0.50 N 
15 1 N   H GLN 201 ? ? CA  H GLN 201 ? ? CB  H GLN 201 ? ? 95.21  110.60 -15.39 1.80 N 
16 1 O   H GLN 201 ? ? C   H GLN 201 ? ? N   H VAL 202 ? ? 110.84 122.70 -11.86 1.60 Y 
17 1 CG1 H VAL 212 ? ? CB  H VAL 212 ? ? CG2 H VAL 212 ? ? 101.26 110.90 -9.64  1.60 N 
18 1 N   H ALA 213 ? ? CA  H ALA 213 ? ? CB  H ALA 213 ? ? 101.45 110.10 -8.65  1.40 N 
19 1 CA  H LEU 218 ? ? CB  H LEU 218 ? ? CG  H LEU 218 ? ? 141.01 115.30 25.71  2.30 N 
20 1 CA  H PHE 227 ? ? C   H PHE 227 ? ? O   H PHE 227 ? ? 132.70 120.10 12.60  2.10 N 
21 1 CB  H TYR 232 ? ? CG  H TYR 232 ? ? CD2 H TYR 232 ? ? 115.28 121.00 -5.72  0.60 N 
22 1 CB  H TYR 232 ? ? CG  H TYR 232 ? ? CD1 H TYR 232 ? ? 125.33 121.00 4.33   0.60 N 
23 1 NE  H ARG 238 ? ? CZ  H ARG 238 ? ? NH1 H ARG 238 ? ? 125.37 120.30 5.07   0.50 N 
24 1 NE  H ARG 238 ? ? CZ  H ARG 238 ? ? NH2 H ARG 238 ? ? 113.58 120.30 -6.72  0.50 N 
25 1 CA  H LEU 240 ? ? CB  H LEU 240 ? ? CG  H LEU 240 ? ? 130.52 115.30 15.22  2.30 N 
26 1 CB  H ASP 254 ? ? CG  H ASP 254 ? ? OD2 H ASP 254 ? ? 111.80 118.30 -6.50  0.90 N 
27 1 CB  H TYR 259 ? ? CG  H TYR 259 ? ? CD1 H TYR 259 ? ? 116.08 121.00 -4.92  0.60 N 
28 1 N   H LEU 263 ? ? CA  H LEU 263 ? ? CB  H LEU 263 ? ? 98.11  110.40 -12.29 2.00 N 
29 1 NE  H ARG 266 ? ? CZ  H ARG 266 ? ? NH1 H ARG 266 ? ? 127.88 120.30 7.58   0.50 N 
30 1 NE  H ARG 266 ? ? CZ  H ARG 266 ? ? NH2 H ARG 266 ? ? 110.15 120.30 -10.15 0.50 N 
31 1 CB  H SER 268 ? ? CA  H SER 268 ? ? C   H SER 268 ? ? 92.70  110.10 -17.40 1.90 N 
32 1 N   H SER 268 ? ? CA  H SER 268 ? ? CB  H SER 268 ? ? 130.47 110.50 19.97  1.50 N 
33 1 CB  H ASP 272 ? ? CG  H ASP 272 ? ? OD2 H ASP 272 ? ? 109.65 118.30 -8.65  0.90 N 
34 1 OE1 H GLU 281 ? ? CD  H GLU 281 ? ? OE2 H GLU 281 ? ? 131.12 123.30 7.82   1.20 N 
35 1 CB  H ASP 283 ? ? CG  H ASP 283 ? ? OD2 H ASP 283 ? ? 110.75 118.30 -7.55  0.90 N 
36 1 N   H SER 284 ? ? CA  H SER 284 ? ? CB  H SER 284 ? ? 95.42  110.50 -15.08 1.50 N 
37 1 NE  H ARG 292 ? ? CZ  H ARG 292 ? ? NH2 H ARG 292 ? ? 116.69 120.30 -3.61  0.50 N 
38 1 CB  H TYR 294 ? ? CG  H TYR 294 ? ? CD2 H TYR 294 ? ? 117.15 121.00 -3.85  0.60 N 
39 1 CD  H ARG 299 ? ? NE  H ARG 299 ? ? CZ  H ARG 299 ? ? 113.35 123.60 -10.25 1.40 N 
40 1 NH1 H ARG 299 ? ? CZ  H ARG 299 ? ? NH2 H ARG 299 ? ? 126.62 119.40 7.22   1.10 N 
41 1 NE  H ARG 299 ? ? CZ  H ARG 299 ? ? NH2 H ARG 299 ? ? 115.14 120.30 -5.16  0.50 N 
42 1 CB  H ASP 300 ? ? CG  H ASP 300 ? ? OD2 H ASP 300 ? ? 125.20 118.30 6.90   0.90 N 
43 1 CB  H TYR 301 ? ? CG  H TYR 301 ? ? CD1 H TYR 301 ? ? 117.38 121.00 -3.62  0.60 N 
44 1 CD  H ARG 302 ? ? NE  H ARG 302 ? ? CZ  H ARG 302 ? ? 114.94 123.60 -8.66  1.40 N 
45 1 NE  H ARG 302 ? ? CZ  H ARG 302 ? ? NH1 H ARG 302 ? ? 130.06 120.30 9.76   0.50 N 
46 1 NE  H ARG 302 ? ? CZ  H ARG 302 ? ? NH2 H ARG 302 ? ? 109.01 120.30 -11.29 0.50 N 
47 1 CB  H ASP 304 ? ? CG  H ASP 304 ? ? OD1 H ASP 304 ? ? 130.32 118.30 12.02  0.90 N 
48 1 CB  H ASP 304 ? ? CG  H ASP 304 ? ? OD2 H ASP 304 ? ? 110.99 118.30 -7.31  0.90 N 
49 1 CB  H TYR 305 ? ? CG  H TYR 305 ? ? CD1 H TYR 305 ? ? 115.02 121.00 -5.98  0.60 N 
50 1 CE3 H TRP 306 ? ? CZ3 H TRP 306 ? ? CH2 H TRP 306 ? ? 112.05 121.20 -9.15  1.10 N 
51 1 N   H SER 315 ? ? CA  H SER 315 ? ? CB  H SER 315 ? ? 99.00  110.50 -11.50 1.50 N 
# 
loop_
_pdbx_validate_torsion.id 
_pdbx_validate_torsion.PDB_model_num 
_pdbx_validate_torsion.auth_comp_id 
_pdbx_validate_torsion.auth_asym_id 
_pdbx_validate_torsion.auth_seq_id 
_pdbx_validate_torsion.PDB_ins_code 
_pdbx_validate_torsion.label_alt_id 
_pdbx_validate_torsion.phi 
_pdbx_validate_torsion.psi 
1 1 THR L 51  ? ? 67.17   -50.68  
2 1 SER L 77  ? ? 39.11   79.01   
3 1 SER L 93  ? ? 55.09   -147.92 
4 1 SER H 215 ? ? 67.84   -2.68   
5 1 LYS H 243 ? ? -115.31 -165.95 
# 
loop_
_chem_comp_atom.comp_id 
_chem_comp_atom.atom_id 
_chem_comp_atom.type_symbol 
_chem_comp_atom.pdbx_aromatic_flag 
_chem_comp_atom.pdbx_stereo_config 
_chem_comp_atom.pdbx_ordinal 
ALA N    N N N 1   
ALA CA   C N S 2   
ALA C    C N N 3   
ALA O    O N N 4   
ALA CB   C N N 5   
ALA OXT  O N N 6   
ALA H    H N N 7   
ALA H2   H N N 8   
ALA HA   H N N 9   
ALA HB1  H N N 10  
ALA HB2  H N N 11  
ALA HB3  H N N 12  
ALA HXT  H N N 13  
ARG N    N N N 14  
ARG CA   C N S 15  
ARG C    C N N 16  
ARG O    O N N 17  
ARG CB   C N N 18  
ARG CG   C N N 19  
ARG CD   C N N 20  
ARG NE   N N N 21  
ARG CZ   C N N 22  
ARG NH1  N N N 23  
ARG NH2  N N N 24  
ARG OXT  O N N 25  
ARG H    H N N 26  
ARG H2   H N N 27  
ARG HA   H N N 28  
ARG HB2  H N N 29  
ARG HB3  H N N 30  
ARG HG2  H N N 31  
ARG HG3  H N N 32  
ARG HD2  H N N 33  
ARG HD3  H N N 34  
ARG HE   H N N 35  
ARG HH11 H N N 36  
ARG HH12 H N N 37  
ARG HH21 H N N 38  
ARG HH22 H N N 39  
ARG HXT  H N N 40  
ASN N    N N N 41  
ASN CA   C N S 42  
ASN C    C N N 43  
ASN O    O N N 44  
ASN CB   C N N 45  
ASN CG   C N N 46  
ASN OD1  O N N 47  
ASN ND2  N N N 48  
ASN OXT  O N N 49  
ASN H    H N N 50  
ASN H2   H N N 51  
ASN HA   H N N 52  
ASN HB2  H N N 53  
ASN HB3  H N N 54  
ASN HD21 H N N 55  
ASN HD22 H N N 56  
ASN HXT  H N N 57  
ASP N    N N N 58  
ASP CA   C N S 59  
ASP C    C N N 60  
ASP O    O N N 61  
ASP CB   C N N 62  
ASP CG   C N N 63  
ASP OD1  O N N 64  
ASP OD2  O N N 65  
ASP OXT  O N N 66  
ASP H    H N N 67  
ASP H2   H N N 68  
ASP HA   H N N 69  
ASP HB2  H N N 70  
ASP HB3  H N N 71  
ASP HD2  H N N 72  
ASP HXT  H N N 73  
CYS N    N N N 74  
CYS CA   C N R 75  
CYS C    C N N 76  
CYS O    O N N 77  
CYS CB   C N N 78  
CYS SG   S N N 79  
CYS OXT  O N N 80  
CYS H    H N N 81  
CYS H2   H N N 82  
CYS HA   H N N 83  
CYS HB2  H N N 84  
CYS HB3  H N N 85  
CYS HG   H N N 86  
CYS HXT  H N N 87  
GLN N    N N N 88  
GLN CA   C N S 89  
GLN C    C N N 90  
GLN O    O N N 91  
GLN CB   C N N 92  
GLN CG   C N N 93  
GLN CD   C N N 94  
GLN OE1  O N N 95  
GLN NE2  N N N 96  
GLN OXT  O N N 97  
GLN H    H N N 98  
GLN H2   H N N 99  
GLN HA   H N N 100 
GLN HB2  H N N 101 
GLN HB3  H N N 102 
GLN HG2  H N N 103 
GLN HG3  H N N 104 
GLN HE21 H N N 105 
GLN HE22 H N N 106 
GLN HXT  H N N 107 
GLU N    N N N 108 
GLU CA   C N S 109 
GLU C    C N N 110 
GLU O    O N N 111 
GLU CB   C N N 112 
GLU CG   C N N 113 
GLU CD   C N N 114 
GLU OE1  O N N 115 
GLU OE2  O N N 116 
GLU OXT  O N N 117 
GLU H    H N N 118 
GLU H2   H N N 119 
GLU HA   H N N 120 
GLU HB2  H N N 121 
GLU HB3  H N N 122 
GLU HG2  H N N 123 
GLU HG3  H N N 124 
GLU HE2  H N N 125 
GLU HXT  H N N 126 
GLY N    N N N 127 
GLY CA   C N N 128 
GLY C    C N N 129 
GLY O    O N N 130 
GLY OXT  O N N 131 
GLY H    H N N 132 
GLY H2   H N N 133 
GLY HA2  H N N 134 
GLY HA3  H N N 135 
GLY HXT  H N N 136 
HIS N    N N N 137 
HIS CA   C N S 138 
HIS C    C N N 139 
HIS O    O N N 140 
HIS CB   C N N 141 
HIS CG   C Y N 142 
HIS ND1  N Y N 143 
HIS CD2  C Y N 144 
HIS CE1  C Y N 145 
HIS NE2  N Y N 146 
HIS OXT  O N N 147 
HIS H    H N N 148 
HIS H2   H N N 149 
HIS HA   H N N 150 
HIS HB2  H N N 151 
HIS HB3  H N N 152 
HIS HD1  H N N 153 
HIS HD2  H N N 154 
HIS HE1  H N N 155 
HIS HE2  H N N 156 
HIS HXT  H N N 157 
HOH O    O N N 158 
HOH H1   H N N 159 
HOH H2   H N N 160 
ILE N    N N N 161 
ILE CA   C N S 162 
ILE C    C N N 163 
ILE O    O N N 164 
ILE CB   C N S 165 
ILE CG1  C N N 166 
ILE CG2  C N N 167 
ILE CD1  C N N 168 
ILE OXT  O N N 169 
ILE H    H N N 170 
ILE H2   H N N 171 
ILE HA   H N N 172 
ILE HB   H N N 173 
ILE HG12 H N N 174 
ILE HG13 H N N 175 
ILE HG21 H N N 176 
ILE HG22 H N N 177 
ILE HG23 H N N 178 
ILE HD11 H N N 179 
ILE HD12 H N N 180 
ILE HD13 H N N 181 
ILE HXT  H N N 182 
LEU N    N N N 183 
LEU CA   C N S 184 
LEU C    C N N 185 
LEU O    O N N 186 
LEU CB   C N N 187 
LEU CG   C N N 188 
LEU CD1  C N N 189 
LEU CD2  C N N 190 
LEU OXT  O N N 191 
LEU H    H N N 192 
LEU H2   H N N 193 
LEU HA   H N N 194 
LEU HB2  H N N 195 
LEU HB3  H N N 196 
LEU HG   H N N 197 
LEU HD11 H N N 198 
LEU HD12 H N N 199 
LEU HD13 H N N 200 
LEU HD21 H N N 201 
LEU HD22 H N N 202 
LEU HD23 H N N 203 
LEU HXT  H N N 204 
LYS N    N N N 205 
LYS CA   C N S 206 
LYS C    C N N 207 
LYS O    O N N 208 
LYS CB   C N N 209 
LYS CG   C N N 210 
LYS CD   C N N 211 
LYS CE   C N N 212 
LYS NZ   N N N 213 
LYS OXT  O N N 214 
LYS H    H N N 215 
LYS H2   H N N 216 
LYS HA   H N N 217 
LYS HB2  H N N 218 
LYS HB3  H N N 219 
LYS HG2  H N N 220 
LYS HG3  H N N 221 
LYS HD2  H N N 222 
LYS HD3  H N N 223 
LYS HE2  H N N 224 
LYS HE3  H N N 225 
LYS HZ1  H N N 226 
LYS HZ2  H N N 227 
LYS HZ3  H N N 228 
LYS HXT  H N N 229 
MET N    N N N 230 
MET CA   C N S 231 
MET C    C N N 232 
MET O    O N N 233 
MET CB   C N N 234 
MET CG   C N N 235 
MET SD   S N N 236 
MET CE   C N N 237 
MET OXT  O N N 238 
MET H    H N N 239 
MET H2   H N N 240 
MET HA   H N N 241 
MET HB2  H N N 242 
MET HB3  H N N 243 
MET HG2  H N N 244 
MET HG3  H N N 245 
MET HE1  H N N 246 
MET HE2  H N N 247 
MET HE3  H N N 248 
MET HXT  H N N 249 
PHE N    N N N 250 
PHE CA   C N S 251 
PHE C    C N N 252 
PHE O    O N N 253 
PHE CB   C N N 254 
PHE CG   C Y N 255 
PHE CD1  C Y N 256 
PHE CD2  C Y N 257 
PHE CE1  C Y N 258 
PHE CE2  C Y N 259 
PHE CZ   C Y N 260 
PHE OXT  O N N 261 
PHE H    H N N 262 
PHE H2   H N N 263 
PHE HA   H N N 264 
PHE HB2  H N N 265 
PHE HB3  H N N 266 
PHE HD1  H N N 267 
PHE HD2  H N N 268 
PHE HE1  H N N 269 
PHE HE2  H N N 270 
PHE HZ   H N N 271 
PHE HXT  H N N 272 
PRO N    N N N 273 
PRO CA   C N S 274 
PRO C    C N N 275 
PRO O    O N N 276 
PRO CB   C N N 277 
PRO CG   C N N 278 
PRO CD   C N N 279 
PRO OXT  O N N 280 
PRO H    H N N 281 
PRO HA   H N N 282 
PRO HB2  H N N 283 
PRO HB3  H N N 284 
PRO HG2  H N N 285 
PRO HG3  H N N 286 
PRO HD2  H N N 287 
PRO HD3  H N N 288 
PRO HXT  H N N 289 
SER N    N N N 290 
SER CA   C N S 291 
SER C    C N N 292 
SER O    O N N 293 
SER CB   C N N 294 
SER OG   O N N 295 
SER OXT  O N N 296 
SER H    H N N 297 
SER H2   H N N 298 
SER HA   H N N 299 
SER HB2  H N N 300 
SER HB3  H N N 301 
SER HG   H N N 302 
SER HXT  H N N 303 
THR N    N N N 304 
THR CA   C N S 305 
THR C    C N N 306 
THR O    O N N 307 
THR CB   C N R 308 
THR OG1  O N N 309 
THR CG2  C N N 310 
THR OXT  O N N 311 
THR H    H N N 312 
THR H2   H N N 313 
THR HA   H N N 314 
THR HB   H N N 315 
THR HG1  H N N 316 
THR HG21 H N N 317 
THR HG22 H N N 318 
THR HG23 H N N 319 
THR HXT  H N N 320 
TRP N    N N N 321 
TRP CA   C N S 322 
TRP C    C N N 323 
TRP O    O N N 324 
TRP CB   C N N 325 
TRP CG   C Y N 326 
TRP CD1  C Y N 327 
TRP CD2  C Y N 328 
TRP NE1  N Y N 329 
TRP CE2  C Y N 330 
TRP CE3  C Y N 331 
TRP CZ2  C Y N 332 
TRP CZ3  C Y N 333 
TRP CH2  C Y N 334 
TRP OXT  O N N 335 
TRP H    H N N 336 
TRP H2   H N N 337 
TRP HA   H N N 338 
TRP HB2  H N N 339 
TRP HB3  H N N 340 
TRP HD1  H N N 341 
TRP HE1  H N N 342 
TRP HE3  H N N 343 
TRP HZ2  H N N 344 
TRP HZ3  H N N 345 
TRP HH2  H N N 346 
TRP HXT  H N N 347 
TYR N    N N N 348 
TYR CA   C N S 349 
TYR C    C N N 350 
TYR O    O N N 351 
TYR CB   C N N 352 
TYR CG   C Y N 353 
TYR CD1  C Y N 354 
TYR CD2  C Y N 355 
TYR CE1  C Y N 356 
TYR CE2  C Y N 357 
TYR CZ   C Y N 358 
TYR OH   O N N 359 
TYR OXT  O N N 360 
TYR H    H N N 361 
TYR H2   H N N 362 
TYR HA   H N N 363 
TYR HB2  H N N 364 
TYR HB3  H N N 365 
TYR HD1  H N N 366 
TYR HD2  H N N 367 
TYR HE1  H N N 368 
TYR HE2  H N N 369 
TYR HH   H N N 370 
TYR HXT  H N N 371 
VAL N    N N N 372 
VAL CA   C N S 373 
VAL C    C N N 374 
VAL O    O N N 375 
VAL CB   C N N 376 
VAL CG1  C N N 377 
VAL CG2  C N N 378 
VAL OXT  O N N 379 
VAL H    H N N 380 
VAL H2   H N N 381 
VAL HA   H N N 382 
VAL HB   H N N 383 
VAL HG11 H N N 384 
VAL HG12 H N N 385 
VAL HG13 H N N 386 
VAL HG21 H N N 387 
VAL HG22 H N N 388 
VAL HG23 H N N 389 
VAL HXT  H N N 390 
# 
loop_
_chem_comp_bond.comp_id 
_chem_comp_bond.atom_id_1 
_chem_comp_bond.atom_id_2 
_chem_comp_bond.value_order 
_chem_comp_bond.pdbx_aromatic_flag 
_chem_comp_bond.pdbx_stereo_config 
_chem_comp_bond.pdbx_ordinal 
ALA N   CA   sing N N 1   
ALA N   H    sing N N 2   
ALA N   H2   sing N N 3   
ALA CA  C    sing N N 4   
ALA CA  CB   sing N N 5   
ALA CA  HA   sing N N 6   
ALA C   O    doub N N 7   
ALA C   OXT  sing N N 8   
ALA CB  HB1  sing N N 9   
ALA CB  HB2  sing N N 10  
ALA CB  HB3  sing N N 11  
ALA OXT HXT  sing N N 12  
ARG N   CA   sing N N 13  
ARG N   H    sing N N 14  
ARG N   H2   sing N N 15  
ARG CA  C    sing N N 16  
ARG CA  CB   sing N N 17  
ARG CA  HA   sing N N 18  
ARG C   O    doub N N 19  
ARG C   OXT  sing N N 20  
ARG CB  CG   sing N N 21  
ARG CB  HB2  sing N N 22  
ARG CB  HB3  sing N N 23  
ARG CG  CD   sing N N 24  
ARG CG  HG2  sing N N 25  
ARG CG  HG3  sing N N 26  
ARG CD  NE   sing N N 27  
ARG CD  HD2  sing N N 28  
ARG CD  HD3  sing N N 29  
ARG NE  CZ   sing N N 30  
ARG NE  HE   sing N N 31  
ARG CZ  NH1  sing N N 32  
ARG CZ  NH2  doub N N 33  
ARG NH1 HH11 sing N N 34  
ARG NH1 HH12 sing N N 35  
ARG NH2 HH21 sing N N 36  
ARG NH2 HH22 sing N N 37  
ARG OXT HXT  sing N N 38  
ASN N   CA   sing N N 39  
ASN N   H    sing N N 40  
ASN N   H2   sing N N 41  
ASN CA  C    sing N N 42  
ASN CA  CB   sing N N 43  
ASN CA  HA   sing N N 44  
ASN C   O    doub N N 45  
ASN C   OXT  sing N N 46  
ASN CB  CG   sing N N 47  
ASN CB  HB2  sing N N 48  
ASN CB  HB3  sing N N 49  
ASN CG  OD1  doub N N 50  
ASN CG  ND2  sing N N 51  
ASN ND2 HD21 sing N N 52  
ASN ND2 HD22 sing N N 53  
ASN OXT HXT  sing N N 54  
ASP N   CA   sing N N 55  
ASP N   H    sing N N 56  
ASP N   H2   sing N N 57  
ASP CA  C    sing N N 58  
ASP CA  CB   sing N N 59  
ASP CA  HA   sing N N 60  
ASP C   O    doub N N 61  
ASP C   OXT  sing N N 62  
ASP CB  CG   sing N N 63  
ASP CB  HB2  sing N N 64  
ASP CB  HB3  sing N N 65  
ASP CG  OD1  doub N N 66  
ASP CG  OD2  sing N N 67  
ASP OD2 HD2  sing N N 68  
ASP OXT HXT  sing N N 69  
CYS N   CA   sing N N 70  
CYS N   H    sing N N 71  
CYS N   H2   sing N N 72  
CYS CA  C    sing N N 73  
CYS CA  CB   sing N N 74  
CYS CA  HA   sing N N 75  
CYS C   O    doub N N 76  
CYS C   OXT  sing N N 77  
CYS CB  SG   sing N N 78  
CYS CB  HB2  sing N N 79  
CYS CB  HB3  sing N N 80  
CYS SG  HG   sing N N 81  
CYS OXT HXT  sing N N 82  
GLN N   CA   sing N N 83  
GLN N   H    sing N N 84  
GLN N   H2   sing N N 85  
GLN CA  C    sing N N 86  
GLN CA  CB   sing N N 87  
GLN CA  HA   sing N N 88  
GLN C   O    doub N N 89  
GLN C   OXT  sing N N 90  
GLN CB  CG   sing N N 91  
GLN CB  HB2  sing N N 92  
GLN CB  HB3  sing N N 93  
GLN CG  CD   sing N N 94  
GLN CG  HG2  sing N N 95  
GLN CG  HG3  sing N N 96  
GLN CD  OE1  doub N N 97  
GLN CD  NE2  sing N N 98  
GLN NE2 HE21 sing N N 99  
GLN NE2 HE22 sing N N 100 
GLN OXT HXT  sing N N 101 
GLU N   CA   sing N N 102 
GLU N   H    sing N N 103 
GLU N   H2   sing N N 104 
GLU CA  C    sing N N 105 
GLU CA  CB   sing N N 106 
GLU CA  HA   sing N N 107 
GLU C   O    doub N N 108 
GLU C   OXT  sing N N 109 
GLU CB  CG   sing N N 110 
GLU CB  HB2  sing N N 111 
GLU CB  HB3  sing N N 112 
GLU CG  CD   sing N N 113 
GLU CG  HG2  sing N N 114 
GLU CG  HG3  sing N N 115 
GLU CD  OE1  doub N N 116 
GLU CD  OE2  sing N N 117 
GLU OE2 HE2  sing N N 118 
GLU OXT HXT  sing N N 119 
GLY N   CA   sing N N 120 
GLY N   H    sing N N 121 
GLY N   H2   sing N N 122 
GLY CA  C    sing N N 123 
GLY CA  HA2  sing N N 124 
GLY CA  HA3  sing N N 125 
GLY C   O    doub N N 126 
GLY C   OXT  sing N N 127 
GLY OXT HXT  sing N N 128 
HIS N   CA   sing N N 129 
HIS N   H    sing N N 130 
HIS N   H2   sing N N 131 
HIS CA  C    sing N N 132 
HIS CA  CB   sing N N 133 
HIS CA  HA   sing N N 134 
HIS C   O    doub N N 135 
HIS C   OXT  sing N N 136 
HIS CB  CG   sing N N 137 
HIS CB  HB2  sing N N 138 
HIS CB  HB3  sing N N 139 
HIS CG  ND1  sing Y N 140 
HIS CG  CD2  doub Y N 141 
HIS ND1 CE1  doub Y N 142 
HIS ND1 HD1  sing N N 143 
HIS CD2 NE2  sing Y N 144 
HIS CD2 HD2  sing N N 145 
HIS CE1 NE2  sing Y N 146 
HIS CE1 HE1  sing N N 147 
HIS NE2 HE2  sing N N 148 
HIS OXT HXT  sing N N 149 
HOH O   H1   sing N N 150 
HOH O   H2   sing N N 151 
ILE N   CA   sing N N 152 
ILE N   H    sing N N 153 
ILE N   H2   sing N N 154 
ILE CA  C    sing N N 155 
ILE CA  CB   sing N N 156 
ILE CA  HA   sing N N 157 
ILE C   O    doub N N 158 
ILE C   OXT  sing N N 159 
ILE CB  CG1  sing N N 160 
ILE CB  CG2  sing N N 161 
ILE CB  HB   sing N N 162 
ILE CG1 CD1  sing N N 163 
ILE CG1 HG12 sing N N 164 
ILE CG1 HG13 sing N N 165 
ILE CG2 HG21 sing N N 166 
ILE CG2 HG22 sing N N 167 
ILE CG2 HG23 sing N N 168 
ILE CD1 HD11 sing N N 169 
ILE CD1 HD12 sing N N 170 
ILE CD1 HD13 sing N N 171 
ILE OXT HXT  sing N N 172 
LEU N   CA   sing N N 173 
LEU N   H    sing N N 174 
LEU N   H2   sing N N 175 
LEU CA  C    sing N N 176 
LEU CA  CB   sing N N 177 
LEU CA  HA   sing N N 178 
LEU C   O    doub N N 179 
LEU C   OXT  sing N N 180 
LEU CB  CG   sing N N 181 
LEU CB  HB2  sing N N 182 
LEU CB  HB3  sing N N 183 
LEU CG  CD1  sing N N 184 
LEU CG  CD2  sing N N 185 
LEU CG  HG   sing N N 186 
LEU CD1 HD11 sing N N 187 
LEU CD1 HD12 sing N N 188 
LEU CD1 HD13 sing N N 189 
LEU CD2 HD21 sing N N 190 
LEU CD2 HD22 sing N N 191 
LEU CD2 HD23 sing N N 192 
LEU OXT HXT  sing N N 193 
LYS N   CA   sing N N 194 
LYS N   H    sing N N 195 
LYS N   H2   sing N N 196 
LYS CA  C    sing N N 197 
LYS CA  CB   sing N N 198 
LYS CA  HA   sing N N 199 
LYS C   O    doub N N 200 
LYS C   OXT  sing N N 201 
LYS CB  CG   sing N N 202 
LYS CB  HB2  sing N N 203 
LYS CB  HB3  sing N N 204 
LYS CG  CD   sing N N 205 
LYS CG  HG2  sing N N 206 
LYS CG  HG3  sing N N 207 
LYS CD  CE   sing N N 208 
LYS CD  HD2  sing N N 209 
LYS CD  HD3  sing N N 210 
LYS CE  NZ   sing N N 211 
LYS CE  HE2  sing N N 212 
LYS CE  HE3  sing N N 213 
LYS NZ  HZ1  sing N N 214 
LYS NZ  HZ2  sing N N 215 
LYS NZ  HZ3  sing N N 216 
LYS OXT HXT  sing N N 217 
MET N   CA   sing N N 218 
MET N   H    sing N N 219 
MET N   H2   sing N N 220 
MET CA  C    sing N N 221 
MET CA  CB   sing N N 222 
MET CA  HA   sing N N 223 
MET C   O    doub N N 224 
MET C   OXT  sing N N 225 
MET CB  CG   sing N N 226 
MET CB  HB2  sing N N 227 
MET CB  HB3  sing N N 228 
MET CG  SD   sing N N 229 
MET CG  HG2  sing N N 230 
MET CG  HG3  sing N N 231 
MET SD  CE   sing N N 232 
MET CE  HE1  sing N N 233 
MET CE  HE2  sing N N 234 
MET CE  HE3  sing N N 235 
MET OXT HXT  sing N N 236 
PHE N   CA   sing N N 237 
PHE N   H    sing N N 238 
PHE N   H2   sing N N 239 
PHE CA  C    sing N N 240 
PHE CA  CB   sing N N 241 
PHE CA  HA   sing N N 242 
PHE C   O    doub N N 243 
PHE C   OXT  sing N N 244 
PHE CB  CG   sing N N 245 
PHE CB  HB2  sing N N 246 
PHE CB  HB3  sing N N 247 
PHE CG  CD1  doub Y N 248 
PHE CG  CD2  sing Y N 249 
PHE CD1 CE1  sing Y N 250 
PHE CD1 HD1  sing N N 251 
PHE CD2 CE2  doub Y N 252 
PHE CD2 HD2  sing N N 253 
PHE CE1 CZ   doub Y N 254 
PHE CE1 HE1  sing N N 255 
PHE CE2 CZ   sing Y N 256 
PHE CE2 HE2  sing N N 257 
PHE CZ  HZ   sing N N 258 
PHE OXT HXT  sing N N 259 
PRO N   CA   sing N N 260 
PRO N   CD   sing N N 261 
PRO N   H    sing N N 262 
PRO CA  C    sing N N 263 
PRO CA  CB   sing N N 264 
PRO CA  HA   sing N N 265 
PRO C   O    doub N N 266 
PRO C   OXT  sing N N 267 
PRO CB  CG   sing N N 268 
PRO CB  HB2  sing N N 269 
PRO CB  HB3  sing N N 270 
PRO CG  CD   sing N N 271 
PRO CG  HG2  sing N N 272 
PRO CG  HG3  sing N N 273 
PRO CD  HD2  sing N N 274 
PRO CD  HD3  sing N N 275 
PRO OXT HXT  sing N N 276 
SER N   CA   sing N N 277 
SER N   H    sing N N 278 
SER N   H2   sing N N 279 
SER CA  C    sing N N 280 
SER CA  CB   sing N N 281 
SER CA  HA   sing N N 282 
SER C   O    doub N N 283 
SER C   OXT  sing N N 284 
SER CB  OG   sing N N 285 
SER CB  HB2  sing N N 286 
SER CB  HB3  sing N N 287 
SER OG  HG   sing N N 288 
SER OXT HXT  sing N N 289 
THR N   CA   sing N N 290 
THR N   H    sing N N 291 
THR N   H2   sing N N 292 
THR CA  C    sing N N 293 
THR CA  CB   sing N N 294 
THR CA  HA   sing N N 295 
THR C   O    doub N N 296 
THR C   OXT  sing N N 297 
THR CB  OG1  sing N N 298 
THR CB  CG2  sing N N 299 
THR CB  HB   sing N N 300 
THR OG1 HG1  sing N N 301 
THR CG2 HG21 sing N N 302 
THR CG2 HG22 sing N N 303 
THR CG2 HG23 sing N N 304 
THR OXT HXT  sing N N 305 
TRP N   CA   sing N N 306 
TRP N   H    sing N N 307 
TRP N   H2   sing N N 308 
TRP CA  C    sing N N 309 
TRP CA  CB   sing N N 310 
TRP CA  HA   sing N N 311 
TRP C   O    doub N N 312 
TRP C   OXT  sing N N 313 
TRP CB  CG   sing N N 314 
TRP CB  HB2  sing N N 315 
TRP CB  HB3  sing N N 316 
TRP CG  CD1  doub Y N 317 
TRP CG  CD2  sing Y N 318 
TRP CD1 NE1  sing Y N 319 
TRP CD1 HD1  sing N N 320 
TRP CD2 CE2  doub Y N 321 
TRP CD2 CE3  sing Y N 322 
TRP NE1 CE2  sing Y N 323 
TRP NE1 HE1  sing N N 324 
TRP CE2 CZ2  sing Y N 325 
TRP CE3 CZ3  doub Y N 326 
TRP CE3 HE3  sing N N 327 
TRP CZ2 CH2  doub Y N 328 
TRP CZ2 HZ2  sing N N 329 
TRP CZ3 CH2  sing Y N 330 
TRP CZ3 HZ3  sing N N 331 
TRP CH2 HH2  sing N N 332 
TRP OXT HXT  sing N N 333 
TYR N   CA   sing N N 334 
TYR N   H    sing N N 335 
TYR N   H2   sing N N 336 
TYR CA  C    sing N N 337 
TYR CA  CB   sing N N 338 
TYR CA  HA   sing N N 339 
TYR C   O    doub N N 340 
TYR C   OXT  sing N N 341 
TYR CB  CG   sing N N 342 
TYR CB  HB2  sing N N 343 
TYR CB  HB3  sing N N 344 
TYR CG  CD1  doub Y N 345 
TYR CG  CD2  sing Y N 346 
TYR CD1 CE1  sing Y N 347 
TYR CD1 HD1  sing N N 348 
TYR CD2 CE2  doub Y N 349 
TYR CD2 HD2  sing N N 350 
TYR CE1 CZ   doub Y N 351 
TYR CE1 HE1  sing N N 352 
TYR CE2 CZ   sing Y N 353 
TYR CE2 HE2  sing N N 354 
TYR CZ  OH   sing N N 355 
TYR OH  HH   sing N N 356 
TYR OXT HXT  sing N N 357 
VAL N   CA   sing N N 358 
VAL N   H    sing N N 359 
VAL N   H2   sing N N 360 
VAL CA  C    sing N N 361 
VAL CA  CB   sing N N 362 
VAL CA  HA   sing N N 363 
VAL C   O    doub N N 364 
VAL C   OXT  sing N N 365 
VAL CB  CG1  sing N N 366 
VAL CB  CG2  sing N N 367 
VAL CB  HB   sing N N 368 
VAL CG1 HG11 sing N N 369 
VAL CG1 HG12 sing N N 370 
VAL CG1 HG13 sing N N 371 
VAL CG2 HG21 sing N N 372 
VAL CG2 HG22 sing N N 373 
VAL CG2 HG23 sing N N 374 
VAL OXT HXT  sing N N 375 
# 
_pdbx_initial_refinement_model.id               1 
_pdbx_initial_refinement_model.entity_id_list   ? 
_pdbx_initial_refinement_model.type             'experimental model' 
_pdbx_initial_refinement_model.source_name      PDB 
_pdbx_initial_refinement_model.accession_code   1VFA 
_pdbx_initial_refinement_model.details          'PDB ENTRY 1VFA' 
# 
_atom_sites.entry_id                    1A7Q 
_atom_sites.fract_transf_matrix[1][1]   0.00358338 
_atom_sites.fract_transf_matrix[1][2]   0.00132742 
_atom_sites.fract_transf_matrix[1][3]   0.01039272 
_atom_sites.fract_transf_matrix[2][1]   0.00217740 
_atom_sites.fract_transf_matrix[2][2]   0.01064960 
_atom_sites.fract_transf_matrix[2][3]   -0.00211099 
_atom_sites.fract_transf_matrix[3][1]   -0.01628100 
_atom_sites.fract_transf_matrix[3][2]   0.00433187 
_atom_sites.fract_transf_matrix[3][3]   0.00506034 
_atom_sites.fract_transf_vector[1]      -0.044844 
_atom_sites.fract_transf_vector[2]      0.271513 
_atom_sites.fract_transf_vector[3]      0.612767 
# 
loop_
_atom_type.symbol 
C 
N 
O 
S 
# 
loop_
_atom_site.group_PDB 
_atom_site.id 
_atom_site.type_symbol 
_atom_site.label_atom_id 
_atom_site.label_alt_id 
_atom_site.label_comp_id 
_atom_site.label_asym_id 
_atom_site.label_entity_id 
_atom_site.label_seq_id 
_atom_site.pdbx_PDB_ins_code 
_atom_site.Cartn_x 
_atom_site.Cartn_y 
_atom_site.Cartn_z 
_atom_site.occupancy 
_atom_site.B_iso_or_equiv 
_atom_site.pdbx_formal_charge 
_atom_site.auth_seq_id 
_atom_site.auth_comp_id 
_atom_site.auth_asym_id 
_atom_site.auth_atom_id 
_atom_site.pdbx_PDB_model_num 
ATOM   1    N N   . ASP A 1 1   ? 12.410  -11.341 5.687   1.00 37.54 ? 1   ASP L N   1 
ATOM   2    C CA  . ASP A 1 1   ? 11.084  -10.857 5.251   1.00 35.33 ? 1   ASP L CA  1 
ATOM   3    C C   . ASP A 1 1   ? 10.189  -10.932 6.500   1.00 33.33 ? 1   ASP L C   1 
ATOM   4    O O   . ASP A 1 1   ? 10.000  -12.079 6.951   1.00 35.30 ? 1   ASP L O   1 
ATOM   5    C CB  . ASP A 1 1   ? 10.519  -11.699 4.131   1.00 36.17 ? 1   ASP L CB  1 
ATOM   6    C CG  . ASP A 1 1   ? 11.285  -11.517 2.837   1.00 38.82 ? 1   ASP L CG  1 
ATOM   7    O OD1 . ASP A 1 1   ? 12.533  -11.504 2.758   1.00 42.60 ? 1   ASP L OD1 1 
ATOM   8    O OD2 . ASP A 1 1   ? 10.485  -11.399 1.874   1.00 41.62 ? 1   ASP L OD2 1 
ATOM   9    N N   . ILE A 1 2   ? 9.688   -9.789  6.943   1.00 29.39 ? 2   ILE L N   1 
ATOM   10   C CA  . ILE A 1 2   ? 8.818   -9.694  8.099   1.00 23.69 ? 2   ILE L CA  1 
ATOM   11   C C   . ILE A 1 2   ? 7.399   -9.852  7.656   1.00 23.85 ? 2   ILE L C   1 
ATOM   12   O O   . ILE A 1 2   ? 6.996   -9.111  6.746   1.00 25.28 ? 2   ILE L O   1 
ATOM   13   C CB  . ILE A 1 2   ? 9.027   -8.315  8.807   1.00 22.77 ? 2   ILE L CB  1 
ATOM   14   C CG1 . ILE A 1 2   ? 10.536  -8.202  9.171   1.00 22.53 ? 2   ILE L CG1 1 
ATOM   15   C CG2 . ILE A 1 2   ? 8.105   -8.121  10.022  1.00 21.67 ? 2   ILE L CG2 1 
ATOM   16   C CD1 . ILE A 1 2   ? 11.039  -6.997  10.003  1.00 23.83 ? 2   ILE L CD1 1 
ATOM   17   N N   . VAL A 1 3   ? 6.635   -10.733 8.248   1.00 22.18 ? 3   VAL L N   1 
ATOM   18   C CA  . VAL A 1 3   ? 5.199   -10.778 7.892   1.00 21.23 ? 3   VAL L CA  1 
ATOM   19   C C   . VAL A 1 3   ? 4.474   -10.018 8.993   1.00 18.45 ? 3   VAL L C   1 
ATOM   20   O O   . VAL A 1 3   ? 4.882   -10.040 10.170  1.00 18.80 ? 3   VAL L O   1 
ATOM   21   C CB  . VAL A 1 3   ? 4.570   -12.150 7.601   1.00 24.13 ? 3   VAL L CB  1 
ATOM   22   C CG1 . VAL A 1 3   ? 5.734   -13.065 7.083   1.00 25.24 ? 3   VAL L CG1 1 
ATOM   23   C CG2 . VAL A 1 3   ? 3.608   -12.770 8.520   1.00 21.56 ? 3   VAL L CG2 1 
ATOM   24   N N   . LEU A 1 4   ? 3.434   -9.331  8.587   1.00 18.41 ? 4   LEU L N   1 
ATOM   25   C CA  . LEU A 1 4   ? 2.599   -8.582  9.528   1.00 17.70 ? 4   LEU L CA  1 
ATOM   26   C C   . LEU A 1 4   ? 1.221   -9.242  9.547   1.00 18.47 ? 4   LEU L C   1 
ATOM   27   O O   . LEU A 1 4   ? 0.734   -9.479  8.440   1.00 17.64 ? 4   LEU L O   1 
ATOM   28   C CB  . LEU A 1 4   ? 2.402   -7.117  9.167   1.00 15.74 ? 4   LEU L CB  1 
ATOM   29   C CG  . LEU A 1 4   ? 3.703   -6.383  8.876   1.00 14.30 ? 4   LEU L CG  1 
ATOM   30   C CD1 . LEU A 1 4   ? 3.297   -5.125  8.129   1.00 11.39 ? 4   LEU L CD1 1 
ATOM   31   C CD2 . LEU A 1 4   ? 4.267   -6.117  10.242  1.00 12.92 ? 4   LEU L CD2 1 
ATOM   32   N N   . THR A 1 5   ? 0.771   -9.375  10.771  1.00 18.53 ? 5   THR L N   1 
ATOM   33   C CA  . THR A 1 5   ? -0.565  -9.981  10.920  1.00 20.26 ? 5   THR L CA  1 
ATOM   34   C C   . THR A 1 5   ? -1.490  -9.024  11.618  1.00 19.20 ? 5   THR L C   1 
ATOM   35   O O   . THR A 1 5   ? -1.050  -8.566  12.671  1.00 19.75 ? 5   THR L O   1 
ATOM   36   C CB  . THR A 1 5   ? -0.421  -11.291 11.800  1.00 24.42 ? 5   THR L CB  1 
ATOM   37   O OG1 . THR A 1 5   ? 0.536   -12.077 11.023  1.00 28.34 ? 5   THR L OG1 1 
ATOM   38   C CG2 . THR A 1 5   ? -1.697  -12.110 12.044  1.00 25.50 ? 5   THR L CG2 1 
ATOM   39   N N   . GLN A 1 6   ? -2.663  -8.810  11.098  1.00 19.26 ? 6   GLN L N   1 
ATOM   40   C CA  . GLN A 1 6   ? -3.624  -7.926  11.748  1.00 21.12 ? 6   GLN L CA  1 
ATOM   41   C C   . GLN A 1 6   ? -4.777  -8.634  12.440  1.00 22.47 ? 6   GLN L C   1 
ATOM   42   O O   . GLN A 1 6   ? -5.344  -9.603  11.979  1.00 22.79 ? 6   GLN L O   1 
ATOM   43   C CB  . GLN A 1 6   ? -4.310  -6.968  10.734  1.00 17.64 ? 6   GLN L CB  1 
ATOM   44   C CG  . GLN A 1 6   ? -3.207  -6.117  10.139  1.00 15.09 ? 6   GLN L CG  1 
ATOM   45   C CD  . GLN A 1 6   ? -3.721  -4.993  9.303   1.00 14.92 ? 6   GLN L CD  1 
ATOM   46   O OE1 . GLN A 1 6   ? -3.209  -4.756  8.200   1.00 15.42 ? 6   GLN L OE1 1 
ATOM   47   N NE2 . GLN A 1 6   ? -4.736  -4.276  9.771   1.00 14.61 ? 6   GLN L NE2 1 
ATOM   48   N N   . SER A 1 7   ? -5.148  -8.013  13.557  1.00 24.76 ? 7   SER L N   1 
ATOM   49   C CA  . SER A 1 7   ? -6.353  -8.606  14.220  1.00 25.71 ? 7   SER L CA  1 
ATOM   50   C C   . SER A 1 7   ? -7.123  -7.486  14.892  1.00 24.22 ? 7   SER L C   1 
ATOM   51   O O   . SER A 1 7   ? -6.613  -6.472  15.389  1.00 23.17 ? 7   SER L O   1 
ATOM   52   C CB  . SER A 1 7   ? -5.921  -9.762  15.088  1.00 29.55 ? 7   SER L CB  1 
ATOM   53   O OG  . SER A 1 7   ? -5.565  -9.132  16.293  1.00 36.21 ? 7   SER L OG  1 
ATOM   54   N N   . PRO A 1 8   ? -8.459  -7.657  14.871  1.00 24.41 ? 8   PRO L N   1 
ATOM   55   C CA  . PRO A 1 8   ? -9.189  -8.775  14.271  1.00 22.94 ? 8   PRO L CA  1 
ATOM   56   C C   . PRO A 1 8   ? -9.239  -8.643  12.755  1.00 21.74 ? 8   PRO L C   1 
ATOM   57   O O   . PRO A 1 8   ? -8.838  -7.583  12.265  1.00 21.48 ? 8   PRO L O   1 
ATOM   58   C CB  . PRO A 1 8   ? -10.549 -8.562  14.929  1.00 23.27 ? 8   PRO L CB  1 
ATOM   59   C CG  . PRO A 1 8   ? -10.739 -7.057  14.913  1.00 23.51 ? 8   PRO L CG  1 
ATOM   60   C CD  . PRO A 1 8   ? -9.357  -6.621  15.471  1.00 23.27 ? 8   PRO L CD  1 
ATOM   61   N N   . ALA A 1 9   ? -9.701  -9.581  11.999  1.00 20.63 ? 9   ALA L N   1 
ATOM   62   C CA  . ALA A 1 9   ? -9.803  -9.426  10.539  1.00 22.44 ? 9   ALA L CA  1 
ATOM   63   C C   . ALA A 1 9   ? -11.039 -8.567  10.186  1.00 23.11 ? 9   ALA L C   1 
ATOM   64   O O   . ALA A 1 9   ? -11.068 -7.827  9.214   1.00 21.56 ? 9   ALA L O   1 
ATOM   65   C CB  . ALA A 1 9   ? -9.945  -10.766 9.848   1.00 22.52 ? 9   ALA L CB  1 
ATOM   66   N N   . SER A 1 10  ? -12.075 -8.684  10.990  1.00 23.85 ? 10  SER L N   1 
ATOM   67   C CA  . SER A 1 10  ? -13.308 -7.954  10.835  1.00 26.76 ? 10  SER L CA  1 
ATOM   68   C C   . SER A 1 10  ? -13.805 -7.526  12.211  1.00 27.24 ? 10  SER L C   1 
ATOM   69   O O   . SER A 1 10  ? -13.619 -8.311  13.164  1.00 27.78 ? 10  SER L O   1 
ATOM   70   C CB  . SER A 1 10  ? -14.466 -8.916  10.556  1.00 29.93 ? 10  SER L CB  1 
ATOM   71   O OG  . SER A 1 10  ? -14.606 -9.042  9.199   1.00 38.64 ? 10  SER L OG  1 
ATOM   72   N N   . LEU A 1 11  ? -14.525 -6.452  12.179  1.00 27.97 ? 11  LEU L N   1 
ATOM   73   C CA  . LEU A 1 11  ? -15.081 -5.863  13.421  1.00 28.25 ? 11  LEU L CA  1 
ATOM   74   C C   . LEU A 1 11  ? -16.306 -5.072  13.061  1.00 28.26 ? 11  LEU L C   1 
ATOM   75   O O   . LEU A 1 11  ? -16.293 -4.235  12.140  1.00 28.20 ? 11  LEU L O   1 
ATOM   76   C CB  . LEU A 1 11  ? -13.912 -5.045  14.021  1.00 32.62 ? 11  LEU L CB  1 
ATOM   77   C CG  . LEU A 1 11  ? -13.912 -3.979  15.091  1.00 33.35 ? 11  LEU L CG  1 
ATOM   78   C CD1 . LEU A 1 11  ? -14.312 -4.672  16.386  1.00 34.44 ? 11  LEU L CD1 1 
ATOM   79   C CD2 . LEU A 1 11  ? -12.508 -3.394  15.243  1.00 33.81 ? 11  LEU L CD2 1 
ATOM   80   N N   . SER A 1 12  ? -17.335 -5.351  13.839  1.00 28.88 ? 12  SER L N   1 
ATOM   81   C CA  . SER A 1 12  ? -18.582 -4.566  13.599  1.00 30.34 ? 12  SER L CA  1 
ATOM   82   C C   . SER A 1 12  ? -18.598 -3.586  14.759  1.00 31.33 ? 12  SER L C   1 
ATOM   83   O O   . SER A 1 12  ? -18.225 -3.983  15.927  1.00 33.00 ? 12  SER L O   1 
ATOM   84   C CB  . SER A 1 12  ? -19.685 -5.585  13.524  1.00 33.07 ? 12  SER L CB  1 
ATOM   85   O OG  . SER A 1 12  ? -19.829 -6.156  12.213  1.00 37.77 ? 12  SER L OG  1 
ATOM   86   N N   . ALA A 1 13  ? -18.965 -2.333  14.490  1.00 30.11 ? 13  ALA L N   1 
ATOM   87   C CA  . ALA A 1 13  ? -19.002 -1.386  15.638  1.00 28.26 ? 13  ALA L CA  1 
ATOM   88   C C   . ALA A 1 13  ? -20.044 -0.297  15.388  1.00 29.02 ? 13  ALA L C   1 
ATOM   89   O O   . ALA A 1 13  ? -20.434 -0.209  14.187  1.00 28.77 ? 13  ALA L O   1 
ATOM   90   C CB  . ALA A 1 13  ? -17.607 -0.886  15.874  1.00 26.35 ? 13  ALA L CB  1 
ATOM   91   N N   . SER A 1 14  ? -20.501 0.452   16.421  1.00 28.89 ? 14  SER L N   1 
ATOM   92   C CA  . SER A 1 14  ? -21.489 1.490   16.038  1.00 30.69 ? 14  SER L CA  1 
ATOM   93   C C   . SER A 1 14  ? -20.838 2.831   16.137  1.00 29.76 ? 14  SER L C   1 
ATOM   94   O O   . SER A 1 14  ? -19.815 2.857   16.828  1.00 30.00 ? 14  SER L O   1 
ATOM   95   C CB  . SER A 1 14  ? -22.735 1.565   16.922  1.00 35.04 ? 14  SER L CB  1 
ATOM   96   O OG  . SER A 1 14  ? -22.790 0.253   17.473  1.00 40.64 ? 14  SER L OG  1 
ATOM   97   N N   . VAL A 1 15  ? -21.478 3.804   15.529  1.00 31.29 ? 15  VAL L N   1 
ATOM   98   C CA  . VAL A 1 15  ? -20.924 5.188   15.604  1.00 31.50 ? 15  VAL L CA  1 
ATOM   99   C C   . VAL A 1 15  ? -20.663 5.552   17.042  1.00 32.00 ? 15  VAL L C   1 
ATOM   100  O O   . VAL A 1 15  ? -21.439 5.083   17.883  1.00 34.80 ? 15  VAL L O   1 
ATOM   101  C CB  . VAL A 1 15  ? -21.800 6.179   14.826  1.00 30.71 ? 15  VAL L CB  1 
ATOM   102  C CG1 . VAL A 1 15  ? -21.549 7.650   15.144  1.00 30.46 ? 15  VAL L CG1 1 
ATOM   103  C CG2 . VAL A 1 15  ? -21.535 5.907   13.341  1.00 31.29 ? 15  VAL L CG2 1 
ATOM   104  N N   . GLY A 1 16  ? -19.663 6.310   17.409  1.00 31.97 ? 16  GLY L N   1 
ATOM   105  C CA  . GLY A 1 16  ? -19.435 6.709   18.784  1.00 30.85 ? 16  GLY L CA  1 
ATOM   106  C C   . GLY A 1 16  ? -18.704 5.704   19.602  1.00 31.91 ? 16  GLY L C   1 
ATOM   107  O O   . GLY A 1 16  ? -18.205 6.095   20.694  1.00 33.62 ? 16  GLY L O   1 
ATOM   108  N N   . GLU A 1 17  ? -18.640 4.472   19.124  1.00 31.68 ? 17  GLU L N   1 
ATOM   109  C CA  . GLU A 1 17  ? -17.833 3.462   19.916  1.00 30.71 ? 17  GLU L CA  1 
ATOM   110  C C   . GLU A 1 17  ? -16.346 3.705   19.697  1.00 30.79 ? 17  GLU L C   1 
ATOM   111  O O   . GLU A 1 17  ? -15.838 4.447   18.813  1.00 29.84 ? 17  GLU L O   1 
ATOM   112  C CB  . GLU A 1 17  ? -18.411 2.090   19.579  1.00 32.41 ? 17  GLU L CB  1 
ATOM   113  C CG  . GLU A 1 17  ? -17.774 0.859   20.163  0.50 33.33 ? 17  GLU L CG  1 
ATOM   114  C CD  . GLU A 1 17  ? -18.358 -0.490  19.819  0.50 35.80 ? 17  GLU L CD  1 
ATOM   115  O OE1 . GLU A 1 17  ? -19.552 -0.441  19.395  0.50 34.03 ? 17  GLU L OE1 1 
ATOM   116  O OE2 . GLU A 1 17  ? -17.594 -1.470  19.988  0.50 36.22 ? 17  GLU L OE2 1 
ATOM   117  N N   . THR A 1 18  ? -15.513 3.185   20.582  1.00 30.42 ? 18  THR L N   1 
ATOM   118  C CA  . THR A 1 18  ? -14.023 3.265   20.593  1.00 30.20 ? 18  THR L CA  1 
ATOM   119  C C   . THR A 1 18  ? -13.419 1.874   20.305  1.00 30.61 ? 18  THR L C   1 
ATOM   120  O O   . THR A 1 18  ? -13.842 0.865   20.953  1.00 32.17 ? 18  THR L O   1 
ATOM   121  C CB  . THR A 1 18  ? -13.521 3.952   21.899  1.00 28.31 ? 18  THR L CB  1 
ATOM   122  O OG1 . THR A 1 18  ? -14.075 5.303   21.633  1.00 33.07 ? 18  THR L OG1 1 
ATOM   123  C CG2 . THR A 1 18  ? -12.050 3.868   22.176  1.00 27.80 ? 18  THR L CG2 1 
ATOM   124  N N   . VAL A 1 19  ? -12.505 1.801   19.296  1.00 28.21 ? 19  VAL L N   1 
ATOM   125  C CA  . VAL A 1 19  ? -11.952 0.490   18.913  1.00 25.14 ? 19  VAL L CA  1 
ATOM   126  C C   . VAL A 1 19  ? -10.428 0.521   18.807  1.00 23.72 ? 19  VAL L C   1 
ATOM   127  O O   . VAL A 1 19  ? -9.887  1.586   18.616  1.00 22.47 ? 19  VAL L O   1 
ATOM   128  C CB  . VAL A 1 19  ? -12.547 0.069   17.536  1.00 25.95 ? 19  VAL L CB  1 
ATOM   129  C CG1 . VAL A 1 19  ? -14.099 -0.005  17.578  1.00 25.63 ? 19  VAL L CG1 1 
ATOM   130  C CG2 . VAL A 1 19  ? -12.080 0.938   16.379  1.00 22.49 ? 19  VAL L CG2 1 
ATOM   131  N N   . THR A 1 20  ? -9.872  -0.645  18.920  1.00 22.23 ? 20  THR L N   1 
ATOM   132  C CA  . THR A 1 20  ? -8.455  -0.883  18.802  1.00 24.12 ? 20  THR L CA  1 
ATOM   133  C C   . THR A 1 20  ? -8.187  -2.049  17.839  1.00 24.25 ? 20  THR L C   1 
ATOM   134  O O   . THR A 1 20  ? -8.783  -3.120  17.859  1.00 25.49 ? 20  THR L O   1 
ATOM   135  C CB  . THR A 1 20  ? -7.659  -1.232  20.116  1.00 23.50 ? 20  THR L CB  1 
ATOM   136  O OG1 . THR A 1 20  ? -8.210  -0.266  21.040  1.00 26.60 ? 20  THR L OG1 1 
ATOM   137  C CG2 . THR A 1 20  ? -6.155  -0.963  19.965  1.00 24.95 ? 20  THR L CG2 1 
ATOM   138  N N   . ILE A 1 21  ? -7.273  -1.826  16.948  1.00 24.63 ? 21  ILE L N   1 
ATOM   139  C CA  . ILE A 1 21  ? -6.833  -2.799  15.928  1.00 25.00 ? 21  ILE L CA  1 
ATOM   140  C C   . ILE A 1 21  ? -5.300  -2.920  16.125  1.00 22.58 ? 21  ILE L C   1 
ATOM   141  O O   . ILE A 1 21  ? -4.534  -2.020  16.459  1.00 19.32 ? 21  ILE L O   1 
ATOM   142  C CB  . ILE A 1 21  ? -7.467  -2.419  14.557  1.00 28.87 ? 21  ILE L CB  1 
ATOM   143  C CG1 . ILE A 1 21  ? -6.775  -1.197  13.954  1.00 30.49 ? 21  ILE L CG1 1 
ATOM   144  C CG2 . ILE A 1 21  ? -9.020  -2.179  14.715  1.00 29.95 ? 21  ILE L CG2 1 
ATOM   145  C CD1 . ILE A 1 21  ? -7.465  -0.653  12.656  1.00 33.56 ? 21  ILE L CD1 1 
ATOM   146  N N   . THR A 1 22  ? -4.974  -4.217  15.914  1.00 21.80 ? 22  THR L N   1 
ATOM   147  C CA  . THR A 1 22  ? -3.596  -4.682  16.145  1.00 21.07 ? 22  THR L CA  1 
ATOM   148  C C   . THR A 1 22  ? -2.863  -5.159  14.916  1.00 19.90 ? 22  THR L C   1 
ATOM   149  O O   . THR A 1 22  ? -3.470  -5.808  14.083  1.00 19.24 ? 22  THR L O   1 
ATOM   150  C CB  . THR A 1 22  ? -3.788  -5.861  17.201  1.00 23.17 ? 22  THR L CB  1 
ATOM   151  O OG1 . THR A 1 22  ? -4.164  -5.117  18.447  1.00 26.37 ? 22  THR L OG1 1 
ATOM   152  C CG2 . THR A 1 22  ? -2.552  -6.677  17.335  1.00 26.39 ? 22  THR L CG2 1 
ATOM   153  N N   . CYS A 1 23  ? -1.606  -4.798  14.919  1.00 18.50 ? 23  CYS L N   1 
ATOM   154  C CA  . CYS A 1 23  ? -0.712  -5.209  13.842  1.00 17.86 ? 23  CYS L CA  1 
ATOM   155  C C   . CYS A 1 23  ? 0.499   -5.908  14.530  1.00 18.18 ? 23  CYS L C   1 
ATOM   156  O O   . CYS A 1 23  ? 1.213   -5.303  15.334  1.00 15.90 ? 23  CYS L O   1 
ATOM   157  C CB  . CYS A 1 23  ? -0.385  -3.969  13.053  1.00 19.13 ? 23  CYS L CB  1 
ATOM   158  S SG  . CYS A 1 23  ? 0.846   -4.380  11.766  1.00 19.90 ? 23  CYS L SG  1 
ATOM   159  N N   . ARG A 1 24  ? 0.748   -7.211  14.234  1.00 18.45 ? 24  ARG L N   1 
ATOM   160  C CA  . ARG A 1 24  ? 1.910   -7.879  14.827  1.00 18.67 ? 24  ARG L CA  1 
ATOM   161  C C   . ARG A 1 24  ? 2.890   -8.228  13.690  1.00 19.09 ? 24  ARG L C   1 
ATOM   162  O O   . ARG A 1 24  ? 2.427   -8.666  12.634  1.00 19.63 ? 24  ARG L O   1 
ATOM   163  C CB  . ARG A 1 24  ? 1.689   -9.214  15.462  1.00 22.65 ? 24  ARG L CB  1 
ATOM   164  C CG  . ARG A 1 24  ? 0.915   -9.151  16.752  1.00 29.97 ? 24  ARG L CG  1 
ATOM   165  C CD  . ARG A 1 24  ? 1.052   -10.534 17.413  1.00 34.47 ? 24  ARG L CD  1 
ATOM   166  N N   . ALA A 1 25  ? 4.146   -7.998  14.005  1.00 18.84 ? 25  ALA L N   1 
ATOM   167  C CA  . ALA A 1 25  ? 5.271   -8.237  13.126  1.00 20.35 ? 25  ALA L CA  1 
ATOM   168  C C   . ALA A 1 25  ? 5.954   -9.536  13.540  1.00 23.33 ? 25  ALA L C   1 
ATOM   169  O O   . ALA A 1 25  ? 6.076   -9.853  14.759  1.00 25.42 ? 25  ALA L O   1 
ATOM   170  C CB  . ALA A 1 25  ? 6.283   -7.085  13.122  1.00 17.81 ? 25  ALA L CB  1 
ATOM   171  N N   . GLY A 1 26  ? 6.421   -10.236 12.492  1.00 24.03 ? 26  GLY L N   1 
ATOM   172  C CA  . GLY A 1 26  ? 7.070   -11.527 12.733  1.00 24.58 ? 26  GLY L CA  1 
ATOM   173  C C   . GLY A 1 26  ? 8.492   -11.231 13.117  1.00 24.93 ? 26  GLY L C   1 
ATOM   174  O O   . GLY A 1 26  ? 9.209   -12.164 13.445  1.00 28.13 ? 26  GLY L O   1 
ATOM   175  N N   . GLY A 1 27  ? 8.857   -10.005 13.130  1.00 24.57 ? 27  GLY L N   1 
ATOM   176  C CA  . GLY A 1 27  ? 10.239  -9.623  13.492  1.00 23.22 ? 27  GLY L CA  1 
ATOM   177  C C   . GLY A 1 27  ? 10.187  -8.110  13.847  1.00 22.07 ? 27  GLY L C   1 
ATOM   178  O O   . GLY A 1 27  ? 9.228   -7.452  13.507  1.00 22.20 ? 27  GLY L O   1 
ATOM   179  N N   . ASN A 1 28  ? 11.252  -7.705  14.489  1.00 20.97 ? 28  ASN L N   1 
ATOM   180  C CA  . ASN A 1 28  ? 11.385  -6.321  14.953  1.00 22.11 ? 28  ASN L CA  1 
ATOM   181  C C   . ASN A 1 28  ? 11.413  -5.342  13.749  1.00 19.82 ? 28  ASN L C   1 
ATOM   182  O O   . ASN A 1 28  ? 12.261  -5.416  12.865  1.00 21.30 ? 28  ASN L O   1 
ATOM   183  C CB  . ASN A 1 28  ? 12.601  -6.223  15.927  1.00 19.88 ? 28  ASN L CB  1 
ATOM   184  C CG  . ASN A 1 28  ? 12.518  -4.954  16.735  1.00 21.96 ? 28  ASN L CG  1 
ATOM   185  O OD1 . ASN A 1 28  ? 11.735  -4.017  16.524  1.00 23.25 ? 28  ASN L OD1 1 
ATOM   186  N ND2 . ASN A 1 28  ? 13.335  -4.839  17.784  1.00 21.64 ? 28  ASN L ND2 1 
ATOM   187  N N   . THR A 1 29  ? 10.476  -4.437  13.773  1.00 18.62 ? 29  THR L N   1 
ATOM   188  C CA  . THR A 1 29  ? 10.266  -3.381  12.811  1.00 19.32 ? 29  THR L CA  1 
ATOM   189  C C   . THR A 1 29  ? 10.821  -2.032  13.293  1.00 18.63 ? 29  THR L C   1 
ATOM   190  O O   . THR A 1 29  ? 10.813  -0.997  12.531  1.00 19.39 ? 29  THR L O   1 
ATOM   191  C CB  . THR A 1 29  ? 8.780   -3.311  12.250  1.00 18.10 ? 29  THR L CB  1 
ATOM   192  O OG1 . THR A 1 29  ? 7.829   -3.027  13.287  1.00 22.59 ? 29  THR L OG1 1 
ATOM   193  C CG2 . THR A 1 29  ? 8.293   -4.573  11.538  1.00 20.34 ? 29  THR L CG2 1 
ATOM   194  N N   . HIS A 1 30  ? 11.312  -2.017  14.530  1.00 16.99 ? 30  HIS L N   1 
ATOM   195  C CA  . HIS A 1 30  ? 11.880  -0.771  15.048  1.00 16.73 ? 30  HIS L CA  1 
ATOM   196  C C   . HIS A 1 30  ? 11.073  0.508   14.865  1.00 16.80 ? 30  HIS L C   1 
ATOM   197  O O   . HIS A 1 30  ? 11.594  1.637   14.525  1.00 17.39 ? 30  HIS L O   1 
ATOM   198  C CB  . HIS A 1 30  ? 13.229  -0.604  14.308  1.00 17.30 ? 30  HIS L CB  1 
ATOM   199  C CG  . HIS A 1 30  ? 14.093  -1.756  14.669  1.00 22.33 ? 30  HIS L CG  1 
ATOM   200  N ND1 . HIS A 1 30  ? 14.291  -2.837  13.837  1.00 25.44 ? 30  HIS L ND1 1 
ATOM   201  C CD2 . HIS A 1 30  ? 14.744  -1.980  15.849  1.00 21.73 ? 30  HIS L CD2 1 
ATOM   202  C CE1 . HIS A 1 30  ? 15.069  -3.709  14.502  1.00 25.09 ? 30  HIS L CE1 1 
ATOM   203  N NE2 . HIS A 1 30  ? 15.362  -3.219  15.709  1.00 24.40 ? 30  HIS L NE2 1 
ATOM   204  N N   . ASN A 1 31  ? 9.759   0.434   15.091  1.00 16.80 ? 31  ASN L N   1 
ATOM   205  C CA  . ASN A 1 31  ? 8.864   1.597   14.996  1.00 17.33 ? 31  ASN L CA  1 
ATOM   206  C C   . ASN A 1 31  ? 8.672   2.131   13.578  1.00 16.51 ? 31  ASN L C   1 
ATOM   207  O O   . ASN A 1 31  ? 7.953   3.137   13.524  1.00 15.36 ? 31  ASN L O   1 
ATOM   208  C CB  . ASN A 1 31  ? 9.310   2.753   15.952  1.00 19.37 ? 31  ASN L CB  1 
ATOM   209  C CG  . ASN A 1 31  ? 9.009   2.267   17.373  1.00 22.64 ? 31  ASN L CG  1 
ATOM   210  O OD1 . ASN A 1 31  ? 9.980   2.075   18.121  1.00 23.97 ? 31  ASN L OD1 1 
ATOM   211  N ND2 . ASN A 1 31  ? 7.766   2.022   17.835  1.00 24.62 ? 31  ASN L ND2 1 
ATOM   212  N N   . TYR A 1 32  ? 9.231   1.504   12.571  1.00 16.02 ? 32  TYR L N   1 
ATOM   213  C CA  . TYR A 1 32  ? 9.004   2.037   11.188  1.00 16.65 ? 32  TYR L CA  1 
ATOM   214  C C   . TYR A 1 32  ? 7.693   1.360   10.664  1.00 17.23 ? 32  TYR L C   1 
ATOM   215  O O   . TYR A 1 32  ? 7.702   0.382   9.849   1.00 18.02 ? 32  TYR L O   1 
ATOM   216  C CB  . TYR A 1 32  ? 10.164  1.791   10.256  1.00 17.53 ? 32  TYR L CB  1 
ATOM   217  C CG  . TYR A 1 32  ? 11.490  2.463   10.530  1.00 20.61 ? 32  TYR L CG  1 
ATOM   218  C CD1 . TYR A 1 32  ? 12.369  1.856   11.448  1.00 20.23 ? 32  TYR L CD1 1 
ATOM   219  C CD2 . TYR A 1 32  ? 11.854  3.666   9.905   1.00 21.70 ? 32  TYR L CD2 1 
ATOM   220  C CE1 . TYR A 1 32  ? 13.608  2.451   11.675  1.00 23.65 ? 32  TYR L CE1 1 
ATOM   221  C CE2 . TYR A 1 32  ? 13.065  4.279   10.237  1.00 22.18 ? 32  TYR L CE2 1 
ATOM   222  C CZ  . TYR A 1 32  ? 13.956  3.686   11.094  1.00 23.47 ? 32  TYR L CZ  1 
ATOM   223  O OH  . TYR A 1 32  ? 15.219  4.182   11.359  1.00 27.38 ? 32  TYR L OH  1 
ATOM   224  N N   . LEU A 1 33  ? 6.574   1.855   11.198  1.00 16.57 ? 33  LEU L N   1 
ATOM   225  C CA  . LEU A 1 33  ? 5.274   1.303   10.955  1.00 14.77 ? 33  LEU L CA  1 
ATOM   226  C C   . LEU A 1 33  ? 4.248   2.353   10.631  1.00 15.73 ? 33  LEU L C   1 
ATOM   227  O O   . LEU A 1 33  ? 4.076   3.347   11.337  1.00 16.73 ? 33  LEU L O   1 
ATOM   228  C CB  . LEU A 1 33  ? 4.897   0.536   12.279  1.00 16.49 ? 33  LEU L CB  1 
ATOM   229  C CG  . LEU A 1 33  ? 3.738   -0.444  11.834  1.00 18.59 ? 33  LEU L CG  1 
ATOM   230  C CD1 . LEU A 1 33  ? 4.357   -1.806  11.736  1.00 17.33 ? 33  LEU L CD1 1 
ATOM   231  C CD2 . LEU A 1 33  ? 2.448   -0.084  12.535  1.00 14.95 ? 33  LEU L CD2 1 
ATOM   232  N N   . ALA A 1 34  ? 3.554   2.115   9.521   1.00 14.82 ? 34  ALA L N   1 
ATOM   233  C CA  . ALA A 1 34  ? 2.489   3.049   9.108   1.00 14.13 ? 34  ALA L CA  1 
ATOM   234  C C   . ALA A 1 34  ? 1.135   2.330   9.015   1.00 12.44 ? 34  ALA L C   1 
ATOM   235  O O   . ALA A 1 34  ? 0.917   1.147   8.913   1.00 12.75 ? 34  ALA L O   1 
ATOM   236  C CB  . ALA A 1 34  ? 2.897   3.824   7.800   1.00 11.73 ? 34  ALA L CB  1 
ATOM   237  N N   . TRP A 1 35  ? 0.088   3.187   9.073   1.00 12.93 ? 35  TRP L N   1 
ATOM   238  C CA  . TRP A 1 35  ? -1.298  2.768   8.972   1.00 13.02 ? 35  TRP L CA  1 
ATOM   239  C C   . TRP A 1 35  ? -1.963  3.550   7.851   1.00 13.35 ? 35  TRP L C   1 
ATOM   240  O O   . TRP A 1 35  ? -1.847  4.789   7.653   1.00 14.50 ? 35  TRP L O   1 
ATOM   241  C CB  . TRP A 1 35  ? -2.014  3.091   10.317  1.00 14.42 ? 35  TRP L CB  1 
ATOM   242  C CG  . TRP A 1 35  ? -1.669  2.204   11.464  1.00 12.70 ? 35  TRP L CG  1 
ATOM   243  C CD1 . TRP A 1 35  ? -0.742  2.479   12.411  1.00 13.00 ? 35  TRP L CD1 1 
ATOM   244  C CD2 . TRP A 1 35  ? -2.233  0.905   11.785  1.00 14.19 ? 35  TRP L CD2 1 
ATOM   245  N NE1 . TRP A 1 35  ? -0.712  1.441   13.331  1.00 14.94 ? 35  TRP L NE1 1 
ATOM   246  C CE2 . TRP A 1 35  ? -1.577  0.456   12.965  1.00 14.62 ? 35  TRP L CE2 1 
ATOM   247  C CE3 . TRP A 1 35  ? -3.197  0.085   11.192  1.00 12.82 ? 35  TRP L CE3 1 
ATOM   248  C CZ2 . TRP A 1 35  ? -1.903  -0.773  13.636  1.00 14.99 ? 35  TRP L CZ2 1 
ATOM   249  C CZ3 . TRP A 1 35  ? -3.517  -1.105  11.853  1.00 16.13 ? 35  TRP L CZ3 1 
ATOM   250  C CH2 . TRP A 1 35  ? -2.898  -1.524  13.047  1.00 14.51 ? 35  TRP L CH2 1 
ATOM   251  N N   . TYR A 1 36  ? -2.838  2.867   7.184   1.00 14.61 ? 36  TYR L N   1 
ATOM   252  C CA  . TYR A 1 36  ? -3.631  3.373   6.051   1.00 15.16 ? 36  TYR L CA  1 
ATOM   253  C C   . TYR A 1 36  ? -5.083  2.999   6.135   1.00 15.65 ? 36  TYR L C   1 
ATOM   254  O O   . TYR A 1 36  ? -5.380  1.900   6.663   1.00 17.06 ? 36  TYR L O   1 
ATOM   255  C CB  . TYR A 1 36  ? -3.253  2.719   4.643   1.00 14.28 ? 36  TYR L CB  1 
ATOM   256  C CG  . TYR A 1 36  ? -1.796  2.976   4.359   1.00 14.08 ? 36  TYR L CG  1 
ATOM   257  C CD1 . TYR A 1 36  ? -1.396  4.147   3.714   1.00 13.19 ? 36  TYR L CD1 1 
ATOM   258  C CD2 . TYR A 1 36  ? -0.783  2.091   4.756   1.00 14.60 ? 36  TYR L CD2 1 
ATOM   259  C CE1 . TYR A 1 36  ? -0.038  4.476   3.507   1.00 14.77 ? 36  TYR L CE1 1 
ATOM   260  C CE2 . TYR A 1 36  ? 0.574   2.362   4.566   1.00 14.41 ? 36  TYR L CE2 1 
ATOM   261  C CZ  . TYR A 1 36  ? 0.914   3.565   3.947   1.00 15.71 ? 36  TYR L CZ  1 
ATOM   262  O OH  . TYR A 1 36  ? 2.199   3.899   3.728   1.00 15.65 ? 36  TYR L OH  1 
ATOM   263  N N   . GLN A 1 37  ? -5.933  3.862   5.647   1.00 15.23 ? 37  GLN L N   1 
ATOM   264  C CA  . GLN A 1 37  ? -7.323  3.505   5.681   1.00 15.58 ? 37  GLN L CA  1 
ATOM   265  C C   . GLN A 1 37  ? -7.745  3.311   4.224   1.00 15.71 ? 37  GLN L C   1 
ATOM   266  O O   . GLN A 1 37  ? -7.251  4.126   3.407   1.00 15.96 ? 37  GLN L O   1 
ATOM   267  C CB  . GLN A 1 37  ? -8.117  4.644   6.314   1.00 20.83 ? 37  GLN L CB  1 
ATOM   268  C CG  . GLN A 1 37  ? -9.622  4.184   6.380   1.00 25.85 ? 37  GLN L CG  1 
ATOM   269  C CD  . GLN A 1 37  ? -10.450 5.412   6.664   1.00 31.28 ? 37  GLN L CD  1 
ATOM   270  O OE1 . GLN A 1 37  ? -10.161 6.582   6.465   1.00 33.13 ? 37  GLN L OE1 1 
ATOM   271  N NE2 . GLN A 1 37  ? -11.622 5.180   7.217   1.00 34.64 ? 37  GLN L NE2 1 
ATOM   272  N N   . GLN A 1 38  ? -8.588  2.396   3.877   1.00 16.85 ? 38  GLN L N   1 
ATOM   273  C CA  . GLN A 1 38  ? -9.005  2.357   2.424   1.00 19.32 ? 38  GLN L CA  1 
ATOM   274  C C   . GLN A 1 38  ? -10.541 2.253   2.345   1.00 21.04 ? 38  GLN L C   1 
ATOM   275  O O   . GLN A 1 38  ? -11.123 1.304   2.970   1.00 22.06 ? 38  GLN L O   1 
ATOM   276  C CB  . GLN A 1 38  ? -8.294  1.268   1.627   1.00 19.67 ? 38  GLN L CB  1 
ATOM   277  C CG  . GLN A 1 38  ? -8.803  1.088   0.173   1.00 19.63 ? 38  GLN L CG  1 
ATOM   278  C CD  . GLN A 1 38  ? -8.161  -0.078  -0.575  1.00 21.67 ? 38  GLN L CD  1 
ATOM   279  O OE1 . GLN A 1 38  ? -7.990  -1.143  0.084   1.00 24.09 ? 38  GLN L OE1 1 
ATOM   280  N NE2 . GLN A 1 38  ? -7.786  0.079   -1.871  1.00 18.83 ? 38  GLN L NE2 1 
ATOM   281  N N   . LYS A 1 39  ? -11.166 3.171   1.619   1.00 22.85 ? 39  LYS L N   1 
ATOM   282  C CA  . LYS A 1 39  ? -12.657 2.976   1.513   1.00 25.22 ? 39  LYS L CA  1 
ATOM   283  C C   . LYS A 1 39  ? -12.817 2.339   0.127   1.00 28.00 ? 39  LYS L C   1 
ATOM   284  O O   . LYS A 1 39  ? -11.960 2.359   -0.792  1.00 27.43 ? 39  LYS L O   1 
ATOM   285  C CB  . LYS A 1 39  ? -13.419 4.242   1.834   1.00 24.56 ? 39  LYS L CB  1 
ATOM   286  C CG  . LYS A 1 39  ? -12.985 4.995   3.092   0.50 19.70 ? 39  LYS L CG  1 
ATOM   287  C CD  . LYS A 1 39  ? -14.091 5.689   3.820   0.50 18.03 ? 39  LYS L CD  1 
ATOM   288  C CE  . LYS A 1 39  ? -13.767 7.083   4.279   0.50 18.37 ? 39  LYS L CE  1 
ATOM   289  N N   . GLN A 1 40  ? -13.943 1.652   -0.060  1.00 30.31 ? 40  GLN L N   1 
ATOM   290  C CA  . GLN A 1 40  ? -14.394 0.902   -1.269  1.00 31.26 ? 40  GLN L CA  1 
ATOM   291  C C   . GLN A 1 40  ? -14.262 1.718   -2.550  1.00 30.27 ? 40  GLN L C   1 
ATOM   292  O O   . GLN A 1 40  ? -14.721 2.863   -2.588  1.00 31.91 ? 40  GLN L O   1 
ATOM   293  C CB  . GLN A 1 40  ? -15.852 0.352   -1.145  1.00 30.88 ? 40  GLN L CB  1 
ATOM   294  C CG  . GLN A 1 40  ? -16.309 -0.622  -2.204  0.50 24.20 ? 40  GLN L CG  1 
ATOM   295  C CD  . GLN A 1 40  ? -15.627 -1.928  -1.953  0.50 22.13 ? 40  GLN L CD  1 
ATOM   296  O OE1 . GLN A 1 40  ? -14.481 -2.014  -2.318  0.50 24.05 ? 40  GLN L OE1 1 
ATOM   297  N NE2 . GLN A 1 40  ? -16.229 -2.920  -1.353  0.50 22.53 ? 40  GLN L NE2 1 
ATOM   298  N N   . GLY A 1 41  ? -13.565 1.108   -3.499  1.00 31.67 ? 41  GLY L N   1 
ATOM   299  C CA  . GLY A 1 41  ? -13.347 1.774   -4.783  1.00 31.44 ? 41  GLY L CA  1 
ATOM   300  C C   . GLY A 1 41  ? -12.403 2.937   -4.757  1.00 31.88 ? 41  GLY L C   1 
ATOM   301  O O   . GLY A 1 41  ? -12.313 3.713   -5.757  1.00 33.27 ? 41  GLY L O   1 
ATOM   302  N N   . LYS A 1 42  ? -11.674 3.104   -3.647  1.00 30.71 ? 42  LYS L N   1 
ATOM   303  C CA  . LYS A 1 42  ? -10.699 4.221   -3.510  1.00 26.89 ? 42  LYS L CA  1 
ATOM   304  C C   . LYS A 1 42  ? -9.378  3.589   -3.104  1.00 24.64 ? 42  LYS L C   1 
ATOM   305  O O   . LYS A 1 42  ? -9.194  2.411   -2.702  1.00 23.12 ? 42  LYS L O   1 
ATOM   306  C CB  . LYS A 1 42  ? -11.360 5.275   -2.632  1.00 27.63 ? 42  LYS L CB  1 
ATOM   307  N N   . SER A 1 43  ? -8.341  4.410   -3.271  1.00 22.75 ? 43  SER L N   1 
ATOM   308  C CA  . SER A 1 43  ? -6.970  3.970   -2.926  1.00 21.93 ? 43  SER L CA  1 
ATOM   309  C C   . SER A 1 43  ? -6.747  4.232   -1.416  1.00 20.95 ? 43  SER L C   1 
ATOM   310  O O   . SER A 1 43  ? -7.408  5.050   -0.728  1.00 18.72 ? 43  SER L O   1 
ATOM   311  C CB  . SER A 1 43  ? -5.973  4.617   -3.884  1.00 21.72 ? 43  SER L CB  1 
ATOM   312  O OG  . SER A 1 43  ? -6.099  6.015   -3.620  1.00 24.10 ? 43  SER L OG  1 
ATOM   313  N N   . PRO A 1 44  ? -5.781  3.487   -0.888  1.00 20.18 ? 44  PRO L N   1 
ATOM   314  C CA  . PRO A 1 44  ? -5.464  3.605   0.539   1.00 21.19 ? 44  PRO L CA  1 
ATOM   315  C C   . PRO A 1 44  ? -5.058  5.016   0.874   1.00 21.55 ? 44  PRO L C   1 
ATOM   316  O O   . PRO A 1 44  ? -4.527  5.661   -0.040  1.00 23.73 ? 44  PRO L O   1 
ATOM   317  C CB  . PRO A 1 44  ? -4.304  2.641   0.663   1.00 20.62 ? 44  PRO L CB  1 
ATOM   318  C CG  . PRO A 1 44  ? -4.515  1.657   -0.472  1.00 20.19 ? 44  PRO L CG  1 
ATOM   319  C CD  . PRO A 1 44  ? -4.986  2.500   -1.621  1.00 19.46 ? 44  PRO L CD  1 
ATOM   320  N N   . GLN A 1 45  ? -5.255  5.562   2.053   1.00 20.61 ? 45  GLN L N   1 
ATOM   321  C CA  . GLN A 1 45  ? -4.898  6.895   2.491   1.00 19.62 ? 45  GLN L CA  1 
ATOM   322  C C   . GLN A 1 45  ? -4.015  6.774   3.778   1.00 17.81 ? 45  GLN L C   1 
ATOM   323  O O   . GLN A 1 45  ? -4.493  6.073   4.697   1.00 16.86 ? 45  GLN L O   1 
ATOM   324  C CB  . GLN A 1 45  ? -6.141  7.698   2.920   1.00 19.48 ? 45  GLN L CB  1 
ATOM   325  C CG  . GLN A 1 45  ? -6.814  8.414   1.784   0.50 22.68 ? 45  GLN L CG  1 
ATOM   326  C CD  . GLN A 1 45  ? -7.923  9.291   2.314   0.50 25.94 ? 45  GLN L CD  1 
ATOM   327  O OE1 . GLN A 1 45  ? -8.256  10.175  1.498   0.50 28.89 ? 45  GLN L OE1 1 
ATOM   328  N NE2 . GLN A 1 45  ? -8.444  9.083   3.533   0.50 25.83 ? 45  GLN L NE2 1 
ATOM   329  N N   . LEU A 1 46  ? -2.919  7.480   3.811   1.00 16.27 ? 46  LEU L N   1 
ATOM   330  C CA  . LEU A 1 46  ? -2.040  7.417   4.965   1.00 16.33 ? 46  LEU L CA  1 
ATOM   331  C C   . LEU A 1 46  ? -2.683  7.968   6.218   1.00 18.02 ? 46  LEU L C   1 
ATOM   332  O O   . LEU A 1 46  ? -3.234  9.067   6.078   1.00 19.45 ? 46  LEU L O   1 
ATOM   333  C CB  . LEU A 1 46  ? -0.748  8.221   4.624   1.00 16.95 ? 46  LEU L CB  1 
ATOM   334  C CG  . LEU A 1 46  ? 0.274   8.227   5.813   1.00 18.62 ? 46  LEU L CG  1 
ATOM   335  C CD1 . LEU A 1 46  ? 0.934   6.848   6.055   1.00 15.94 ? 46  LEU L CD1 1 
ATOM   336  C CD2 . LEU A 1 46  ? 1.239   9.360   5.478   1.00 16.15 ? 46  LEU L CD2 1 
ATOM   337  N N   . LEU A 1 47  ? -2.628  7.399   7.395   1.00 18.08 ? 47  LEU L N   1 
ATOM   338  C CA  . LEU A 1 47  ? -3.176  7.969   8.609   1.00 18.71 ? 47  LEU L CA  1 
ATOM   339  C C   . LEU A 1 47  ? -2.087  8.335   9.639   1.00 18.67 ? 47  LEU L C   1 
ATOM   340  O O   . LEU A 1 47  ? -2.102  9.402   10.292  1.00 19.64 ? 47  LEU L O   1 
ATOM   341  C CB  . LEU A 1 47  ? -4.120  6.957   9.267   1.00 19.26 ? 47  LEU L CB  1 
ATOM   342  C CG  . LEU A 1 47  ? -5.364  6.418   8.618   1.00 22.62 ? 47  LEU L CG  1 
ATOM   343  C CD1 . LEU A 1 47  ? -5.963  5.258   9.442   1.00 22.00 ? 47  LEU L CD1 1 
ATOM   344  C CD2 . LEU A 1 47  ? -6.404  7.513   8.541   1.00 21.25 ? 47  LEU L CD2 1 
ATOM   345  N N   . VAL A 1 48  ? -1.206  7.316   9.804   1.00 18.04 ? 48  VAL L N   1 
ATOM   346  C CA  . VAL A 1 48  ? -0.164  7.428   10.848  1.00 17.50 ? 48  VAL L CA  1 
ATOM   347  C C   . VAL A 1 48  ? 1.127   6.935   10.294  1.00 16.13 ? 48  VAL L C   1 
ATOM   348  O O   . VAL A 1 48  ? 1.011   6.003   9.495   1.00 18.77 ? 48  VAL L O   1 
ATOM   349  C CB  . VAL A 1 48  ? -0.641  6.619   12.109  1.00 18.57 ? 48  VAL L CB  1 
ATOM   350  C CG1 . VAL A 1 48  ? 0.390   6.500   13.249  1.00 18.54 ? 48  VAL L CG1 1 
ATOM   351  C CG2 . VAL A 1 48  ? -1.905  7.189   12.733  1.00 19.72 ? 48  VAL L CG2 1 
ATOM   352  N N   . TYR A 1 49  ? 2.270   7.438   10.685  1.00 14.49 ? 49  TYR L N   1 
ATOM   353  C CA  . TYR A 1 49  ? 3.566   6.981   10.198  1.00 15.43 ? 49  TYR L CA  1 
ATOM   354  C C   . TYR A 1 49  ? 4.444   7.074   11.478  1.00 15.44 ? 49  TYR L C   1 
ATOM   355  O O   . TYR A 1 49  ? 4.105   7.748   12.441  1.00 15.47 ? 49  TYR L O   1 
ATOM   356  C CB  . TYR A 1 49  ? 4.141   7.673   8.951   1.00 16.12 ? 49  TYR L CB  1 
ATOM   357  C CG  . TYR A 1 49  ? 4.287   9.191   9.105   1.00 19.42 ? 49  TYR L CG  1 
ATOM   358  C CD1 . TYR A 1 49  ? 3.185   10.041  8.881   1.00 20.68 ? 49  TYR L CD1 1 
ATOM   359  C CD2 . TYR A 1 49  ? 5.517   9.811   9.409   1.00 20.67 ? 49  TYR L CD2 1 
ATOM   360  C CE1 . TYR A 1 49  ? 3.305   11.414  9.025   1.00 22.23 ? 49  TYR L CE1 1 
ATOM   361  C CE2 . TYR A 1 49  ? 5.609   11.199  9.565   1.00 20.05 ? 49  TYR L CE2 1 
ATOM   362  C CZ  . TYR A 1 49  ? 4.520   11.981  9.358   1.00 22.07 ? 49  TYR L CZ  1 
ATOM   363  O OH  . TYR A 1 49  ? 4.500   13.372  9.494   1.00 27.79 ? 49  TYR L OH  1 
ATOM   364  N N   . TYR A 1 50  ? 5.546   6.386   11.415  1.00 15.69 ? 50  TYR L N   1 
ATOM   365  C CA  . TYR A 1 50  ? 6.538   6.188   12.420  1.00 17.88 ? 50  TYR L CA  1 
ATOM   366  C C   . TYR A 1 50  ? 5.847   5.935   13.766  1.00 17.58 ? 50  TYR L C   1 
ATOM   367  O O   . TYR A 1 50  ? 6.038   6.551   14.829  1.00 15.97 ? 50  TYR L O   1 
ATOM   368  C CB  . TYR A 1 50  ? 7.637   7.302   12.471  1.00 21.27 ? 50  TYR L CB  1 
ATOM   369  C CG  . TYR A 1 50  ? 8.871   6.700   13.224  1.00 24.90 ? 50  TYR L CG  1 
ATOM   370  C CD1 . TYR A 1 50  ? 9.699   5.733   12.692  1.00 24.39 ? 50  TYR L CD1 1 
ATOM   371  C CD2 . TYR A 1 50  ? 9.074   7.123   14.581  1.00 26.53 ? 50  TYR L CD2 1 
ATOM   372  C CE1 . TYR A 1 50  ? 10.763  5.169   13.373  1.00 26.08 ? 50  TYR L CE1 1 
ATOM   373  C CE2 . TYR A 1 50  ? 10.127  6.538   15.288  1.00 29.18 ? 50  TYR L CE2 1 
ATOM   374  C CZ  . TYR A 1 50  ? 10.961  5.585   14.664  1.00 28.24 ? 50  TYR L CZ  1 
ATOM   375  O OH  . TYR A 1 50  ? 11.985  5.088   15.413  1.00 31.55 ? 50  TYR L OH  1 
ATOM   376  N N   . THR A 1 51  ? 4.948   4.981   13.697  1.00 16.52 ? 51  THR L N   1 
ATOM   377  C CA  . THR A 1 51  ? 4.108   4.494   14.792  1.00 16.98 ? 51  THR L CA  1 
ATOM   378  C C   . THR A 1 51  ? 3.052   5.426   15.365  1.00 15.57 ? 51  THR L C   1 
ATOM   379  O O   . THR A 1 51  ? 1.915   4.942   15.565  1.00 16.89 ? 51  THR L O   1 
ATOM   380  C CB  . THR A 1 51  ? 4.975   3.929   16.053  1.00 16.59 ? 51  THR L CB  1 
ATOM   381  O OG1 . THR A 1 51  ? 5.919   2.938   15.513  1.00 16.65 ? 51  THR L OG1 1 
ATOM   382  C CG2 . THR A 1 51  ? 4.123   3.317   17.197  1.00 13.57 ? 51  THR L CG2 1 
ATOM   383  N N   . THR A 1 52  ? 3.433   6.635   15.715  1.00 15.87 ? 52  THR L N   1 
ATOM   384  C CA  . THR A 1 52  ? 2.546   7.570   16.377  1.00 13.77 ? 52  THR L CA  1 
ATOM   385  C C   . THR A 1 52  ? 2.319   8.815   15.602  1.00 15.15 ? 52  THR L C   1 
ATOM   386  O O   . THR A 1 52  ? 1.367   9.439   16.123  1.00 17.24 ? 52  THR L O   1 
ATOM   387  C CB  . THR A 1 52  ? 3.166   7.979   17.800  1.00 12.85 ? 52  THR L CB  1 
ATOM   388  O OG1 . THR A 1 52  ? 4.405   8.699   17.454  1.00 14.24 ? 52  THR L OG1 1 
ATOM   389  C CG2 . THR A 1 52  ? 3.408   6.784   18.706  1.00 11.86 ? 52  THR L CG2 1 
ATOM   390  N N   . THR A 1 53  ? 2.972   9.261   14.587  1.00 16.24 ? 53  THR L N   1 
ATOM   391  C CA  . THR A 1 53  ? 2.639   10.574  13.966  1.00 19.35 ? 53  THR L CA  1 
ATOM   392  C C   . THR A 1 53  ? 1.440   10.599  13.019  1.00 20.26 ? 53  THR L C   1 
ATOM   393  O O   . THR A 1 53  ? 1.499   9.828   12.051  1.00 20.84 ? 53  THR L O   1 
ATOM   394  C CB  . THR A 1 53  ? 3.781   11.103  13.045  1.00 19.54 ? 53  THR L CB  1 
ATOM   395  O OG1 . THR A 1 53  ? 4.882   10.873  13.999  1.00 22.79 ? 53  THR L OG1 1 
ATOM   396  C CG2 . THR A 1 53  ? 3.689   12.558  12.672  1.00 20.45 ? 53  THR L CG2 1 
ATOM   397  N N   . LEU A 1 54  ? 0.502   11.488  13.273  1.00 20.77 ? 54  LEU L N   1 
ATOM   398  C CA  . LEU A 1 54  ? -0.689  11.521  12.405  1.00 22.06 ? 54  LEU L CA  1 
ATOM   399  C C   . LEU A 1 54  ? -0.366  12.190  11.087  1.00 23.74 ? 54  LEU L C   1 
ATOM   400  O O   . LEU A 1 54  ? 0.457   13.152  11.217  1.00 23.52 ? 54  LEU L O   1 
ATOM   401  C CB  . LEU A 1 54  ? -1.772  12.224  13.216  1.00 23.68 ? 54  LEU L CB  1 
ATOM   402  C CG  . LEU A 1 54  ? -2.538  11.488  14.279  1.00 26.54 ? 54  LEU L CG  1 
ATOM   403  C CD1 . LEU A 1 54  ? -3.727  12.361  14.724  1.00 26.83 ? 54  LEU L CD1 1 
ATOM   404  C CD2 . LEU A 1 54  ? -3.058  10.177  13.722  1.00 27.57 ? 54  LEU L CD2 1 
ATOM   405  N N   . ALA A 1 55  ? -0.943  11.768  9.960   1.00 23.92 ? 55  ALA L N   1 
ATOM   406  C CA  . ALA A 1 55  ? -0.622  12.555  8.740   1.00 25.08 ? 55  ALA L CA  1 
ATOM   407  C C   . ALA A 1 55  ? -1.523  13.845  8.789   1.00 27.05 ? 55  ALA L C   1 
ATOM   408  O O   . ALA A 1 55  ? -2.412  14.148  9.660   1.00 26.89 ? 55  ALA L O   1 
ATOM   409  C CB  . ALA A 1 55  ? -0.838  11.789  7.491   1.00 22.03 ? 55  ALA L CB  1 
ATOM   410  N N   . ALA A 1 56  ? -1.276  14.689  7.770   1.00 28.87 ? 56  ALA L N   1 
ATOM   411  C CA  . ALA A 1 56  ? -2.018  15.969  7.660   1.00 30.38 ? 56  ALA L CA  1 
ATOM   412  C C   . ALA A 1 56  ? -3.515  15.767  7.470   1.00 30.22 ? 56  ALA L C   1 
ATOM   413  O O   . ALA A 1 56  ? -3.980  14.990  6.624   1.00 31.35 ? 56  ALA L O   1 
ATOM   414  C CB  . ALA A 1 56  ? -1.531  16.824  6.488   1.00 32.35 ? 56  ALA L CB  1 
ATOM   415  N N   . GLY A 1 57  ? -4.194  16.544  8.308   1.00 31.11 ? 57  GLY L N   1 
ATOM   416  C CA  . GLY A 1 57  ? -5.673  16.489  8.249   1.00 30.99 ? 57  GLY L CA  1 
ATOM   417  C C   . GLY A 1 57  ? -6.303  15.208  8.756   1.00 31.76 ? 57  GLY L C   1 
ATOM   418  O O   . GLY A 1 57  ? -7.491  14.902  8.425   1.00 34.07 ? 57  GLY L O   1 
ATOM   419  N N   . VAL A 1 58  ? -5.520  14.403  9.486   1.00 29.73 ? 58  VAL L N   1 
ATOM   420  C CA  . VAL A 1 58  ? -6.117  13.188  10.014  1.00 28.15 ? 58  VAL L CA  1 
ATOM   421  C C   . VAL A 1 58  ? -6.705  13.703  11.330  1.00 28.67 ? 58  VAL L C   1 
ATOM   422  O O   . VAL A 1 58  ? -6.011  14.334  12.113  1.00 28.70 ? 58  VAL L O   1 
ATOM   423  C CB  . VAL A 1 58  ? -5.095  12.035  10.155  1.00 26.53 ? 58  VAL L CB  1 
ATOM   424  C CG1 . VAL A 1 58  ? -5.732  10.806  10.813  1.00 24.95 ? 58  VAL L CG1 1 
ATOM   425  C CG2 . VAL A 1 58  ? -4.494  11.756  8.808   1.00 26.58 ? 58  VAL L CG2 1 
ATOM   426  N N   . PRO A 1 59  ? -7.920  13.323  11.605  1.00 29.74 ? 59  PRO L N   1 
ATOM   427  C CA  . PRO A 1 59  ? -8.606  13.685  12.819  1.00 29.49 ? 59  PRO L CA  1 
ATOM   428  C C   . PRO A 1 59  ? -7.901  13.120  14.030  1.00 30.64 ? 59  PRO L C   1 
ATOM   429  O O   . PRO A 1 59  ? -7.379  11.977  13.982  1.00 31.28 ? 59  PRO L O   1 
ATOM   430  C CB  . PRO A 1 59  ? -9.949  12.976  12.652  1.00 29.85 ? 59  PRO L CB  1 
ATOM   431  C CG  . PRO A 1 59  ? -10.122 12.830  11.170  1.00 30.29 ? 59  PRO L CG  1 
ATOM   432  C CD  . PRO A 1 59  ? -8.734  12.506  10.664  1.00 29.92 ? 59  PRO L CD  1 
ATOM   433  N N   . SER A 1 60  ? -7.957  13.898  15.073  1.00 29.82 ? 60  SER L N   1 
ATOM   434  C CA  . SER A 1 60  ? -7.365  13.574  16.391  1.00 30.56 ? 60  SER L CA  1 
ATOM   435  C C   . SER A 1 60  ? -7.943  12.322  17.070  1.00 29.80 ? 60  SER L C   1 
ATOM   436  O O   . SER A 1 60  ? -7.238  11.859  17.994  1.00 29.43 ? 60  SER L O   1 
ATOM   437  N N   . ARG A 1 61  ? -9.093  11.794  16.672  1.00 28.76 ? 61  ARG L N   1 
ATOM   438  C CA  . ARG A 1 61  ? -9.766  10.598  17.157  1.00 27.15 ? 61  ARG L CA  1 
ATOM   439  C C   . ARG A 1 61  ? -8.913  9.353   16.822  1.00 26.44 ? 61  ARG L C   1 
ATOM   440  O O   . ARG A 1 61  ? -9.205  8.277   17.434  1.00 26.98 ? 61  ARG L O   1 
ATOM   441  C CB  . ARG A 1 61  ? -11.208 10.286  16.716  1.00 27.07 ? 61  ARG L CB  1 
ATOM   442  C CG  . ARG A 1 61  ? -11.574 10.451  15.257  1.00 30.00 ? 61  ARG L CG  1 
ATOM   443  C CD  . ARG A 1 61  ? -13.007 10.266  14.797  1.00 28.21 ? 61  ARG L CD  1 
ATOM   444  N NE  . ARG A 1 61  ? -13.306 10.757  13.400  1.00 27.23 ? 61  ARG L NE  1 
ATOM   445  N N   . PHE A 1 62  ? -7.886  9.494   15.975  1.00 23.88 ? 62  PHE L N   1 
ATOM   446  C CA  . PHE A 1 62  ? -7.031  8.339   15.656  1.00 21.87 ? 62  PHE L CA  1 
ATOM   447  C C   . PHE A 1 62  ? -5.736  8.307   16.432  1.00 20.41 ? 62  PHE L C   1 
ATOM   448  O O   . PHE A 1 62  ? -5.164  9.380   16.412  1.00 21.91 ? 62  PHE L O   1 
ATOM   449  C CB  . PHE A 1 62  ? -6.534  8.334   14.178  1.00 18.68 ? 62  PHE L CB  1 
ATOM   450  C CG  . PHE A 1 62  ? -7.703  8.064   13.264  1.00 21.36 ? 62  PHE L CG  1 
ATOM   451  C CD1 . PHE A 1 62  ? -8.069  6.751   13.008  1.00 20.91 ? 62  PHE L CD1 1 
ATOM   452  C CD2 . PHE A 1 62  ? -8.441  9.111   12.710  1.00 22.98 ? 62  PHE L CD2 1 
ATOM   453  C CE1 . PHE A 1 62  ? -9.096  6.379   12.146  1.00 20.28 ? 62  PHE L CE1 1 
ATOM   454  C CE2 . PHE A 1 62  ? -9.504  8.772   11.854  1.00 24.66 ? 62  PHE L CE2 1 
ATOM   455  C CZ  . PHE A 1 62  ? -9.820  7.403   11.583  1.00 22.70 ? 62  PHE L CZ  1 
ATOM   456  N N   . SER A 1 63  ? -5.292  7.232   16.983  1.00 21.04 ? 63  SER L N   1 
ATOM   457  C CA  . SER A 1 63  ? -3.950  7.264   17.626  1.00 22.07 ? 63  SER L CA  1 
ATOM   458  C C   . SER A 1 63  ? -3.243  5.913   17.425  1.00 20.84 ? 63  SER L C   1 
ATOM   459  O O   . SER A 1 63  ? -3.928  4.831   17.461  1.00 22.99 ? 63  SER L O   1 
ATOM   460  C CB  . SER A 1 63  ? -3.893  7.660   19.119  1.00 23.66 ? 63  SER L CB  1 
ATOM   461  O OG  . SER A 1 63  ? -4.875  6.909   19.803  1.00 27.78 ? 63  SER L OG  1 
ATOM   462  N N   . GLY A 1 64  ? -1.941  5.998   17.192  1.00 19.55 ? 64  GLY L N   1 
ATOM   463  C CA  . GLY A 1 64  ? -1.203  4.709   17.062  1.00 18.71 ? 64  GLY L CA  1 
ATOM   464  C C   . GLY A 1 64  ? -0.194  4.630   18.233  1.00 19.98 ? 64  GLY L C   1 
ATOM   465  O O   . GLY A 1 64  ? 0.321   5.651   18.797  1.00 19.95 ? 64  GLY L O   1 
ATOM   466  N N   . SER A 1 65  ? 0.179   3.403   18.540  1.00 17.48 ? 65  SER L N   1 
ATOM   467  C CA  . SER A 1 65  ? 1.199   3.148   19.583  1.00 17.52 ? 65  SER L CA  1 
ATOM   468  C C   . SER A 1 65  ? 1.845   1.812   19.274  1.00 16.97 ? 65  SER L C   1 
ATOM   469  O O   . SER A 1 65  ? 1.402   1.007   18.409  1.00 17.25 ? 65  SER L O   1 
ATOM   470  C CB  . SER A 1 65  ? 0.476   3.054   20.945  1.00 16.44 ? 65  SER L CB  1 
ATOM   471  O OG  . SER A 1 65  ? -0.450  1.930   20.879  1.00 22.26 ? 65  SER L OG  1 
ATOM   472  N N   . GLY A 1 66  ? 2.952   1.540   19.961  1.00 17.55 ? 66  GLY L N   1 
ATOM   473  C CA  . GLY A 1 66  ? 3.616   0.264   19.758  1.00 15.70 ? 66  GLY L CA  1 
ATOM   474  C C   . GLY A 1 66  ? 5.096   0.364   19.724  1.00 15.31 ? 66  GLY L C   1 
ATOM   475  O O   . GLY A 1 66  ? 5.689   1.414   19.818  1.00 15.93 ? 66  GLY L O   1 
ATOM   476  N N   . SER A 1 67  ? 5.717   -0.797  19.625  1.00 15.52 ? 67  SER L N   1 
ATOM   477  C CA  . SER A 1 67  ? 7.169   -0.856  19.425  1.00 17.97 ? 67  SER L CA  1 
ATOM   478  C C   . SER A 1 67  ? 7.494   -2.306  19.218  1.00 18.57 ? 67  SER L C   1 
ATOM   479  O O   . SER A 1 67  ? 6.532   -3.032  19.570  1.00 19.38 ? 67  SER L O   1 
ATOM   480  C CB  . SER A 1 67  ? 8.014   -0.285  20.592  1.00 25.71 ? 67  SER L CB  1 
ATOM   481  O OG  . SER A 1 67  ? 7.454   -0.927  21.748  1.00 30.49 ? 67  SER L OG  1 
ATOM   482  N N   . GLY A 1 68  ? 8.725   -2.613  18.829  1.00 19.60 ? 68  GLY L N   1 
ATOM   483  C CA  . GLY A 1 68  ? 9.041   -4.064  18.685  1.00 18.68 ? 68  GLY L CA  1 
ATOM   484  C C   . GLY A 1 68  ? 8.216   -4.739  17.625  1.00 19.68 ? 68  GLY L C   1 
ATOM   485  O O   . GLY A 1 68  ? 8.197   -4.409  16.424  1.00 19.31 ? 68  GLY L O   1 
ATOM   486  N N   . THR A 1 69  ? 7.454   -5.770  18.060  1.00 19.11 ? 69  THR L N   1 
ATOM   487  C CA  . THR A 1 69  ? 6.635   -6.540  17.107  1.00 17.75 ? 69  THR L CA  1 
ATOM   488  C C   . THR A 1 69  ? 5.166   -6.316  17.341  1.00 18.84 ? 69  THR L C   1 
ATOM   489  O O   . THR A 1 69  ? 4.433   -7.024  16.680  1.00 19.37 ? 69  THR L O   1 
ATOM   490  C CB  . THR A 1 69  ? 7.077   -8.041  17.356  1.00 19.42 ? 69  THR L CB  1 
ATOM   491  O OG1 . THR A 1 69  ? 6.819   -8.206  18.821  1.00 21.20 ? 69  THR L OG1 1 
ATOM   492  C CG2 . THR A 1 69  ? 8.515   -8.455  17.054  1.00 17.48 ? 69  THR L CG2 1 
ATOM   493  N N   . GLN A 1 70  ? 4.738   -5.417  18.229  1.00 17.70 ? 70  GLN L N   1 
ATOM   494  C CA  . GLN A 1 70  ? 3.342   -5.204  18.475  1.00 18.91 ? 70  GLN L CA  1 
ATOM   495  C C   . GLN A 1 70  ? 2.987   -3.747  18.336  1.00 19.58 ? 70  GLN L C   1 
ATOM   496  O O   . GLN A 1 70  ? 3.646   -2.914  18.952  1.00 20.17 ? 70  GLN L O   1 
ATOM   497  C CB  . GLN A 1 70  ? 2.994   -5.715  19.888  1.00 21.91 ? 70  GLN L CB  1 
ATOM   498  C CG  . GLN A 1 70  ? 1.608   -6.372  19.761  0.50 26.06 ? 70  GLN L CG  1 
ATOM   499  C CD  . GLN A 1 70  ? 1.748   -7.789  20.236  0.50 29.71 ? 70  GLN L CD  1 
ATOM   500  O OE1 . GLN A 1 70  ? 2.616   -8.129  21.059  0.50 33.39 ? 70  GLN L OE1 1 
ATOM   501  N NE2 . GLN A 1 70  ? 0.828   -8.610  19.763  0.50 30.08 ? 70  GLN L NE2 1 
ATOM   502  N N   . TYR A 1 71  ? 1.965   -3.375  17.571  1.00 19.44 ? 71  TYR L N   1 
ATOM   503  C CA  . TYR A 1 71  ? 1.499   -2.022  17.249  1.00 17.23 ? 71  TYR L CA  1 
ATOM   504  C C   . TYR A 1 71  ? 0.009   -1.896  17.287  1.00 16.96 ? 71  TYR L C   1 
ATOM   505  O O   . TYR A 1 71  ? -0.731  -2.845  17.037  1.00 15.73 ? 71  TYR L O   1 
ATOM   506  C CB  . TYR A 1 71  ? 2.000   -1.688  15.795  1.00 16.18 ? 71  TYR L CB  1 
ATOM   507  C CG  . TYR A 1 71  ? 3.516   -1.764  15.765  1.00 16.65 ? 71  TYR L CG  1 
ATOM   508  C CD1 . TYR A 1 71  ? 4.262   -2.917  15.454  1.00 16.51 ? 71  TYR L CD1 1 
ATOM   509  C CD2 . TYR A 1 71  ? 4.250   -0.566  16.036  1.00 16.04 ? 71  TYR L CD2 1 
ATOM   510  C CE1 . TYR A 1 71  ? 5.658   -2.864  15.489  1.00 16.08 ? 71  TYR L CE1 1 
ATOM   511  C CE2 . TYR A 1 71  ? 5.642   -0.549  16.003  1.00 16.14 ? 71  TYR L CE2 1 
ATOM   512  C CZ  . TYR A 1 71  ? 6.350   -1.701  15.782  1.00 16.34 ? 71  TYR L CZ  1 
ATOM   513  O OH  . TYR A 1 71  ? 7.713   -1.596  15.843  1.00 14.32 ? 71  TYR L OH  1 
ATOM   514  N N   . SER A 1 72  ? -0.531  -0.734  17.636  1.00 17.52 ? 72  SER L N   1 
ATOM   515  C CA  . SER A 1 72  ? -2.010  -0.676  17.629  1.00 20.37 ? 72  SER L CA  1 
ATOM   516  C C   . SER A 1 72  ? -2.504  0.699   17.171  1.00 18.61 ? 72  SER L C   1 
ATOM   517  O O   . SER A 1 72  ? -1.795  1.689   17.275  1.00 19.69 ? 72  SER L O   1 
ATOM   518  C CB  . SER A 1 72  ? -2.669  -1.237  18.923  1.00 25.19 ? 72  SER L CB  1 
ATOM   519  O OG  . SER A 1 72  ? -2.193  -0.595  20.047  1.00 27.27 ? 72  SER L OG  1 
ATOM   520  N N   . LEU A 1 73  ? -3.719  0.589   16.628  1.00 18.46 ? 73  LEU L N   1 
ATOM   521  C CA  . LEU A 1 73  ? -4.411  1.790   16.133  1.00 18.15 ? 73  LEU L CA  1 
ATOM   522  C C   . LEU A 1 73  ? -5.683  1.832   16.959  1.00 18.71 ? 73  LEU L C   1 
ATOM   523  O O   . LEU A 1 73  ? -6.416  0.847   16.966  1.00 18.90 ? 73  LEU L O   1 
ATOM   524  C CB  . LEU A 1 73  ? -4.750  1.765   14.615  1.00 16.28 ? 73  LEU L CB  1 
ATOM   525  C CG  . LEU A 1 73  ? -5.347  3.098   14.086  1.00 15.58 ? 73  LEU L CG  1 
ATOM   526  C CD1 . LEU A 1 73  ? -4.285  4.194   14.075  1.00 15.60 ? 73  LEU L CD1 1 
ATOM   527  C CD2 . LEU A 1 73  ? -5.955  2.782   12.738  1.00 14.68 ? 73  LEU L CD2 1 
ATOM   528  N N   . LYS A 1 74  ? -5.881  2.958   17.576  1.00 19.85 ? 74  LYS L N   1 
ATOM   529  C CA  . LYS A 1 74  ? -7.107  3.182   18.384  1.00 19.92 ? 74  LYS L CA  1 
ATOM   530  C C   . LYS A 1 74  ? -7.854  4.326   17.691  1.00 19.70 ? 74  LYS L C   1 
ATOM   531  O O   . LYS A 1 74  ? -7.307  5.391   17.292  1.00 21.92 ? 74  LYS L O   1 
ATOM   532  C CB  . LYS A 1 74  ? -6.830  3.657   19.830  1.00 17.30 ? 74  LYS L CB  1 
ATOM   533  C CG  . LYS A 1 74  ? -8.117  3.515   20.656  0.50 16.78 ? 74  LYS L CG  1 
ATOM   534  C CD  . LYS A 1 74  ? -8.008  4.116   22.049  0.50 15.82 ? 74  LYS L CD  1 
ATOM   535  C CE  . LYS A 1 74  ? -7.671  3.015   23.025  0.50 16.46 ? 74  LYS L CE  1 
ATOM   536  N NZ  . LYS A 1 74  ? -7.711  3.554   24.429  0.50 20.19 ? 74  LYS L NZ  1 
ATOM   537  N N   . ILE A 1 75  ? -9.129  4.041   17.560  1.00 21.20 ? 75  ILE L N   1 
ATOM   538  C CA  . ILE A 1 75  ? -10.092 5.014   16.997  1.00 23.01 ? 75  ILE L CA  1 
ATOM   539  C C   . ILE A 1 75  ? -11.180 5.291   18.106  1.00 24.79 ? 75  ILE L C   1 
ATOM   540  O O   . ILE A 1 75  ? -11.950 4.411   18.496  1.00 24.95 ? 75  ILE L O   1 
ATOM   541  C CB  . ILE A 1 75  ? -10.767 4.637   15.649  1.00 20.64 ? 75  ILE L CB  1 
ATOM   542  C CG1 . ILE A 1 75  ? -9.751  3.858   14.777  1.00 18.17 ? 75  ILE L CG1 1 
ATOM   543  C CG2 . ILE A 1 75  ? -11.307 5.990   15.041  1.00 19.93 ? 75  ILE L CG2 1 
ATOM   544  C CD1 . ILE A 1 75  ? -10.483 3.348   13.506  1.00 19.08 ? 75  ILE L CD1 1 
ATOM   545  N N   . ASN A 1 76  ? -11.112 6.511   18.546  1.00 25.84 ? 76  ASN L N   1 
ATOM   546  C CA  . ASN A 1 76  ? -11.997 7.056   19.560  1.00 29.73 ? 76  ASN L CA  1 
ATOM   547  C C   . ASN A 1 76  ? -13.370 7.429   19.010  1.00 31.01 ? 76  ASN L C   1 
ATOM   548  O O   . ASN A 1 76  ? -13.319 8.194   18.050  1.00 31.80 ? 76  ASN L O   1 
ATOM   549  C CB  . ASN A 1 76  ? -11.379 8.302   20.199  0.50 27.76 ? 76  ASN L CB  1 
ATOM   550  C CG  . ASN A 1 76  ? -11.392 8.005   21.687  0.50 29.69 ? 76  ASN L CG  1 
ATOM   551  O OD1 . ASN A 1 76  ? -10.325 7.551   22.118  0.50 30.64 ? 76  ASN L OD1 1 
ATOM   552  N ND2 . ASN A 1 76  ? -12.545 8.245   22.322  0.50 30.10 ? 76  ASN L ND2 1 
ATOM   553  N N   . SER A 1 77  ? -14.452 6.938   19.627  1.00 32.98 ? 77  SER L N   1 
ATOM   554  C CA  . SER A 1 77  ? -15.785 7.373   19.133  1.00 34.40 ? 77  SER L CA  1 
ATOM   555  C C   . SER A 1 77  ? -15.916 7.504   17.635  1.00 33.21 ? 77  SER L C   1 
ATOM   556  O O   . SER A 1 77  ? -15.888 8.518   16.891  1.00 33.57 ? 77  SER L O   1 
ATOM   557  C CB  . SER A 1 77  ? -16.051 8.691   19.855  1.00 39.78 ? 77  SER L CB  1 
ATOM   558  O OG  . SER A 1 77  ? -15.654 9.871   19.101  1.00 47.36 ? 77  SER L OG  1 
ATOM   559  N N   . LEU A 1 78  ? -16.085 6.341   17.060  1.00 32.98 ? 78  LEU L N   1 
ATOM   560  C CA  . LEU A 1 78  ? -16.205 6.210   15.620  1.00 31.20 ? 78  LEU L CA  1 
ATOM   561  C C   . LEU A 1 78  ? -17.299 7.120   15.024  1.00 32.09 ? 78  LEU L C   1 
ATOM   562  O O   . LEU A 1 78  ? -18.402 7.257   15.534  1.00 30.81 ? 78  LEU L O   1 
ATOM   563  C CB  . LEU A 1 78  ? -16.513 4.776   15.286  1.00 29.91 ? 78  LEU L CB  1 
ATOM   564  C CG  . LEU A 1 78  ? -15.460 3.686   15.417  1.00 30.14 ? 78  LEU L CG  1 
ATOM   565  C CD1 . LEU A 1 78  ? -16.206 2.394   15.744  1.00 29.84 ? 78  LEU L CD1 1 
ATOM   566  C CD2 . LEU A 1 78  ? -14.762 3.720   14.043  1.00 28.34 ? 78  LEU L CD2 1 
ATOM   567  N N   . GLN A 1 79  ? -16.816 7.610   13.856  1.00 30.83 ? 79  GLN L N   1 
ATOM   568  C CA  . GLN A 1 79  ? -17.632 8.454   12.962  1.00 31.88 ? 79  GLN L CA  1 
ATOM   569  C C   . GLN A 1 79  ? -17.949 7.601   11.717  1.00 32.76 ? 79  GLN L C   1 
ATOM   570  O O   . GLN A 1 79  ? -17.280 6.592   11.367  1.00 32.46 ? 79  GLN L O   1 
ATOM   571  C CB  . GLN A 1 79  ? -17.069 9.870   12.848  1.00 29.56 ? 79  GLN L CB  1 
ATOM   572  C CG  . GLN A 1 79  ? -17.359 10.671  14.141  0.50 24.18 ? 79  GLN L CG  1 
ATOM   573  C CD  . GLN A 1 79  ? -18.795 10.904  14.524  0.50 24.24 ? 79  GLN L CD  1 
ATOM   574  O OE1 . GLN A 1 79  ? -19.608 11.794  14.175  0.50 22.89 ? 79  GLN L OE1 1 
ATOM   575  N NE2 . GLN A 1 79  ? -19.224 9.973   15.405  0.50 23.83 ? 79  GLN L NE2 1 
ATOM   576  N N   . PRO A 1 80  ? -19.112 7.879   11.140  1.00 32.42 ? 80  PRO L N   1 
ATOM   577  C CA  . PRO A 1 80  ? -19.611 7.135   9.974   1.00 32.48 ? 80  PRO L CA  1 
ATOM   578  C C   . PRO A 1 80  ? -18.558 6.995   8.882   1.00 31.40 ? 80  PRO L C   1 
ATOM   579  O O   . PRO A 1 80  ? -18.430 5.984   8.213   1.00 30.82 ? 80  PRO L O   1 
ATOM   580  C CB  . PRO A 1 80  ? -20.826 7.959   9.544   1.00 33.34 ? 80  PRO L CB  1 
ATOM   581  C CG  . PRO A 1 80  ? -21.296 8.569   10.852  1.00 34.72 ? 80  PRO L CG  1 
ATOM   582  C CD  . PRO A 1 80  ? -19.987 9.005   11.532  1.00 32.96 ? 80  PRO L CD  1 
ATOM   583  N N   . ASP A 1 81  ? -17.761 7.990   8.700   1.00 30.33 ? 81  ASP L N   1 
ATOM   584  C CA  . ASP A 1 81  ? -16.653 8.243   7.812   1.00 29.45 ? 81  ASP L CA  1 
ATOM   585  C C   . ASP A 1 81  ? -15.506 7.283   8.148   1.00 29.55 ? 81  ASP L C   1 
ATOM   586  O O   . ASP A 1 81  ? -14.649 7.139   7.258   1.00 31.62 ? 81  ASP L O   1 
ATOM   587  C CB  . ASP A 1 81  ? -16.189 9.702   7.836   0.50 27.22 ? 81  ASP L CB  1 
ATOM   588  C CG  . ASP A 1 81  ? -16.536 10.648  8.975   0.50 28.84 ? 81  ASP L CG  1 
ATOM   589  O OD1 . ASP A 1 81  ? -17.699 10.687  9.496   0.50 26.59 ? 81  ASP L OD1 1 
ATOM   590  O OD2 . ASP A 1 81  ? -15.692 11.484  9.403   0.50 28.06 ? 81  ASP L OD2 1 
ATOM   591  N N   . ASP A 1 82  ? -15.443 6.633   9.269   1.00 27.39 ? 82  ASP L N   1 
ATOM   592  C CA  . ASP A 1 82  ? -14.356 5.746   9.647   1.00 25.95 ? 82  ASP L CA  1 
ATOM   593  C C   . ASP A 1 82  ? -14.541 4.281   9.239   1.00 26.40 ? 82  ASP L C   1 
ATOM   594  O O   . ASP A 1 82  ? -13.590 3.502   9.517   1.00 26.54 ? 82  ASP L O   1 
ATOM   595  C CB  . ASP A 1 82  ? -14.152 5.761   11.201  1.00 23.88 ? 82  ASP L CB  1 
ATOM   596  C CG  . ASP A 1 82  ? -13.787 7.127   11.665  1.00 24.37 ? 82  ASP L CG  1 
ATOM   597  O OD1 . ASP A 1 82  ? -13.345 8.065   10.971  1.00 24.32 ? 82  ASP L OD1 1 
ATOM   598  O OD2 . ASP A 1 82  ? -13.910 7.421   12.870  1.00 29.54 ? 82  ASP L OD2 1 
ATOM   599  N N   . PHE A 1 83  ? -15.664 4.002   8.607   1.00 24.78 ? 83  PHE L N   1 
ATOM   600  C CA  . PHE A 1 83  ? -15.872 2.565   8.270   1.00 26.21 ? 83  PHE L CA  1 
ATOM   601  C C   . PHE A 1 83  ? -14.995 2.319   7.076   1.00 25.96 ? 83  PHE L C   1 
ATOM   602  O O   . PHE A 1 83  ? -14.644 3.265   6.340   1.00 27.76 ? 83  PHE L O   1 
ATOM   603  C CB  . PHE A 1 83  ? -17.364 2.275   8.342   1.00 30.22 ? 83  PHE L CB  1 
ATOM   604  C CG  . PHE A 1 83  ? -17.892 2.256   9.772   1.00 34.09 ? 83  PHE L CG  1 
ATOM   605  C CD1 . PHE A 1 83  ? -17.705 1.147   10.612  1.00 34.24 ? 83  PHE L CD1 1 
ATOM   606  C CD2 . PHE A 1 83  ? -18.620 3.356   10.299  1.00 35.59 ? 83  PHE L CD2 1 
ATOM   607  C CE1 . PHE A 1 83  ? -18.199 1.112   11.925  1.00 33.30 ? 83  PHE L CE1 1 
ATOM   608  C CE2 . PHE A 1 83  ? -19.088 3.329   11.629  1.00 36.92 ? 83  PHE L CE2 1 
ATOM   609  C CZ  . PHE A 1 83  ? -18.878 2.226   12.440  1.00 34.02 ? 83  PHE L CZ  1 
ATOM   610  N N   . GLY A 1 84  ? -14.470 1.096   6.958   1.00 24.16 ? 84  GLY L N   1 
ATOM   611  C CA  . GLY A 1 84  ? -13.579 0.849   5.820   1.00 22.81 ? 84  GLY L CA  1 
ATOM   612  C C   . GLY A 1 84  ? -12.527 -0.190  6.212   1.00 22.53 ? 84  GLY L C   1 
ATOM   613  O O   . GLY A 1 84  ? -12.776 -0.861  7.254   1.00 22.44 ? 84  GLY L O   1 
ATOM   614  N N   . SER A 1 85  ? -11.491 -0.237  5.332   1.00 21.29 ? 85  SER L N   1 
ATOM   615  C CA  . SER A 1 85  ? -10.422 -1.246  5.727   1.00 20.08 ? 85  SER L CA  1 
ATOM   616  C C   . SER A 1 85  ? -9.181  -0.559  6.266   1.00 17.79 ? 85  SER L C   1 
ATOM   617  O O   . SER A 1 85  ? -8.899  0.554   5.772   1.00 18.91 ? 85  SER L O   1 
ATOM   618  C CB  . SER A 1 85  ? -10.078 -2.073  4.522   1.00 22.62 ? 85  SER L CB  1 
ATOM   619  O OG  . SER A 1 85  ? -10.963 -3.169  4.465   1.00 25.75 ? 85  SER L OG  1 
ATOM   620  N N   . TYR A 1 86  ? -8.490  -1.226  7.191   1.00 16.27 ? 86  TYR L N   1 
ATOM   621  C CA  . TYR A 1 86  ? -7.301  -0.643  7.804   1.00 15.14 ? 86  TYR L CA  1 
ATOM   622  C C   . TYR A 1 86  ? -6.117  -1.604  7.643   1.00 15.72 ? 86  TYR L C   1 
ATOM   623  O O   . TYR A 1 86  ? -6.291  -2.791  7.874   1.00 17.32 ? 86  TYR L O   1 
ATOM   624  C CB  . TYR A 1 86  ? -7.487  -0.303  9.308   1.00 15.28 ? 86  TYR L CB  1 
ATOM   625  C CG  . TYR A 1 86  ? -8.481  0.812   9.453   1.00 14.97 ? 86  TYR L CG  1 
ATOM   626  C CD1 . TYR A 1 86  ? -9.865  0.643   9.420   1.00 17.08 ? 86  TYR L CD1 1 
ATOM   627  C CD2 . TYR A 1 86  ? -7.971  2.084   9.589   1.00 15.70 ? 86  TYR L CD2 1 
ATOM   628  C CE1 . TYR A 1 86  ? -10.760 1.725   9.512   1.00 18.52 ? 86  TYR L CE1 1 
ATOM   629  C CE2 . TYR A 1 86  ? -8.838  3.168   9.739   1.00 20.08 ? 86  TYR L CE2 1 
ATOM   630  C CZ  . TYR A 1 86  ? -10.229 3.003   9.692   1.00 20.23 ? 86  TYR L CZ  1 
ATOM   631  O OH  . TYR A 1 86  ? -10.949 4.214   9.815   1.00 19.27 ? 86  TYR L OH  1 
ATOM   632  N N   . TYR A 1 87  ? -5.002  -1.010  7.208   1.00 15.20 ? 87  TYR L N   1 
ATOM   633  C CA  . TYR A 1 87  ? -3.790  -1.762  6.917   1.00 16.29 ? 87  TYR L CA  1 
ATOM   634  C C   . TYR A 1 87  ? -2.550  -1.210  7.585   1.00 15.00 ? 87  TYR L C   1 
ATOM   635  O O   . TYR A 1 87  ? -2.436  0.026   7.527   1.00 16.60 ? 87  TYR L O   1 
ATOM   636  C CB  . TYR A 1 87  ? -3.504  -1.667  5.339   1.00 15.68 ? 87  TYR L CB  1 
ATOM   637  C CG  . TYR A 1 87  ? -4.513  -2.454  4.496   1.00 14.98 ? 87  TYR L CG  1 
ATOM   638  C CD1 . TYR A 1 87  ? -4.495  -3.852  4.411   1.00 15.10 ? 87  TYR L CD1 1 
ATOM   639  C CD2 . TYR A 1 87  ? -5.528  -1.752  3.840   1.00 16.15 ? 87  TYR L CD2 1 
ATOM   640  C CE1 . TYR A 1 87  ? -5.424  -4.537  3.635   1.00 17.04 ? 87  TYR L CE1 1 
ATOM   641  C CE2 . TYR A 1 87  ? -6.505  -2.401  3.080   1.00 17.42 ? 87  TYR L CE2 1 
ATOM   642  C CZ  . TYR A 1 87  ? -6.421  -3.817  3.006   1.00 19.82 ? 87  TYR L CZ  1 
ATOM   643  O OH  . TYR A 1 87  ? -7.384  -4.431  2.252   1.00 22.29 ? 87  TYR L OH  1 
ATOM   644  N N   . CYS A 1 88  ? -1.703  -2.077  8.090   1.00 15.22 ? 88  CYS L N   1 
ATOM   645  C CA  . CYS A 1 88  ? -0.421  -1.636  8.659   1.00 14.15 ? 88  CYS L CA  1 
ATOM   646  C C   . CYS A 1 88  ? 0.582   -2.079  7.560   1.00 14.00 ? 88  CYS L C   1 
ATOM   647  O O   . CYS A 1 88  ? 0.444   -3.004  6.777   1.00 14.93 ? 88  CYS L O   1 
ATOM   648  C CB  . CYS A 1 88  ? -0.106  -2.153  10.023  1.00 13.88 ? 88  CYS L CB  1 
ATOM   649  S SG  . CYS A 1 88  ? -0.178  -4.002  10.093  1.00 18.70 ? 88  CYS L SG  1 
ATOM   650  N N   . GLN A 1 89  ? 1.684   -1.365  7.526   1.00 14.58 ? 89  GLN L N   1 
ATOM   651  C CA  . GLN A 1 89  ? 2.818   -1.512  6.648   1.00 14.49 ? 89  GLN L CA  1 
ATOM   652  C C   . GLN A 1 89  ? 4.108   -1.133  7.376   1.00 14.13 ? 89  GLN L C   1 
ATOM   653  O O   . GLN A 1 89  ? 4.175   -0.061  7.997   1.00 16.67 ? 89  GLN L O   1 
ATOM   654  C CB  . GLN A 1 89  ? 2.680   -0.606  5.421   1.00 15.89 ? 89  GLN L CB  1 
ATOM   655  C CG  . GLN A 1 89  ? 3.764   -0.942  4.378   1.00 14.13 ? 89  GLN L CG  1 
ATOM   656  C CD  . GLN A 1 89  ? 4.134   0.229   3.518   1.00 16.15 ? 89  GLN L CD  1 
ATOM   657  O OE1 . GLN A 1 89  ? 5.090   0.178   2.692   1.00 23.24 ? 89  GLN L OE1 1 
ATOM   658  N NE2 . GLN A 1 89  ? 3.425   1.321   3.501   1.00 13.31 ? 89  GLN L NE2 1 
ATOM   659  N N   . HIS A 1 90  ? 5.158   -1.935  7.239   1.00 13.80 ? 90  HIS L N   1 
ATOM   660  C CA  . HIS A 1 90  ? 6.451   -1.632  7.870   1.00 12.80 ? 90  HIS L CA  1 
ATOM   661  C C   . HIS A 1 90  ? 7.385   -1.106  6.793   1.00 14.37 ? 90  HIS L C   1 
ATOM   662  O O   . HIS A 1 90  ? 7.223   -1.280  5.558   1.00 11.89 ? 90  HIS L O   1 
ATOM   663  C CB  . HIS A 1 90  ? 6.964   -2.855  8.636   1.00 11.89 ? 90  HIS L CB  1 
ATOM   664  C CG  . HIS A 1 90  ? 7.650   -3.841  7.733   1.00 13.26 ? 90  HIS L CG  1 
ATOM   665  N ND1 . HIS A 1 90  ? 8.935   -3.634  7.327   1.00 13.60 ? 90  HIS L ND1 1 
ATOM   666  C CD2 . HIS A 1 90  ? 7.259   -4.992  7.124   1.00 12.92 ? 90  HIS L CD2 1 
ATOM   667  C CE1 . HIS A 1 90  ? 9.375   -4.566  6.532   1.00 12.45 ? 90  HIS L CE1 1 
ATOM   668  N NE2 . HIS A 1 90  ? 8.348   -5.436  6.424   1.00 15.13 ? 90  HIS L NE2 1 
ATOM   669  N N   . PHE A 1 91  ? 8.454   -0.429  7.284   1.00 14.73 ? 91  PHE L N   1 
ATOM   670  C CA  . PHE A 1 91  ? 9.468   0.205   6.447   1.00 14.61 ? 91  PHE L CA  1 
ATOM   671  C C   . PHE A 1 91  ? 10.814  -0.187  6.997   1.00 15.39 ? 91  PHE L C   1 
ATOM   672  O O   . PHE A 1 91  ? 11.787  0.602   6.920   1.00 18.86 ? 91  PHE L O   1 
ATOM   673  C CB  . PHE A 1 91  ? 9.292   1.737   6.341   1.00 13.63 ? 91  PHE L CB  1 
ATOM   674  C CG  . PHE A 1 91  ? 8.105   2.235   5.606   1.00 15.39 ? 91  PHE L CG  1 
ATOM   675  C CD1 . PHE A 1 91  ? 6.830   2.259   6.176   1.00 15.69 ? 91  PHE L CD1 1 
ATOM   676  C CD2 . PHE A 1 91  ? 8.290   2.673   4.257   1.00 15.92 ? 91  PHE L CD2 1 
ATOM   677  C CE1 . PHE A 1 91  ? 5.754   2.814   5.456   1.00 16.29 ? 91  PHE L CE1 1 
ATOM   678  C CE2 . PHE A 1 91  ? 7.254   3.202   3.479   1.00 15.00 ? 91  PHE L CE2 1 
ATOM   679  C CZ  . PHE A 1 91  ? 5.992   3.266   4.119   1.00 17.94 ? 91  PHE L CZ  1 
ATOM   680  N N   . TRP A 1 92  ? 10.912  -1.389  7.510   1.00 15.84 ? 92  TRP L N   1 
ATOM   681  C CA  . TRP A 1 92  ? 12.255  -1.780  8.033   1.00 16.64 ? 92  TRP L CA  1 
ATOM   682  C C   . TRP A 1 92  ? 12.997  -2.494  6.930   1.00 16.82 ? 92  TRP L C   1 
ATOM   683  O O   . TRP A 1 92  ? 12.640  -3.621  6.553   1.00 18.28 ? 92  TRP L O   1 
ATOM   684  C CB  . TRP A 1 92  ? 12.065  -2.527  9.356   1.00 19.65 ? 92  TRP L CB  1 
ATOM   685  C CG  . TRP A 1 92  ? 13.390  -3.056  9.833   1.00 21.26 ? 92  TRP L CG  1 
ATOM   686  C CD1 . TRP A 1 92  ? 13.875  -4.340  9.760   1.00 21.30 ? 92  TRP L CD1 1 
ATOM   687  C CD2 . TRP A 1 92  ? 14.428  -2.237  10.381  1.00 21.94 ? 92  TRP L CD2 1 
ATOM   688  N NE1 . TRP A 1 92  ? 15.151  -4.394  10.226  1.00 23.13 ? 92  TRP L NE1 1 
ATOM   689  C CE2 . TRP A 1 92  ? 15.518  -3.134  10.648  1.00 23.36 ? 92  TRP L CE2 1 
ATOM   690  C CE3 . TRP A 1 92  ? 14.545  -0.889  10.659  1.00 20.19 ? 92  TRP L CE3 1 
ATOM   691  C CZ2 . TRP A 1 92  ? 16.718  -2.669  11.219  1.00 24.46 ? 92  TRP L CZ2 1 
ATOM   692  C CZ3 . TRP A 1 92  ? 15.728  -0.419  11.266  1.00 19.19 ? 92  TRP L CZ3 1 
ATOM   693  C CH2 . TRP A 1 92  ? 16.785  -1.294  11.526  1.00 20.88 ? 92  TRP L CH2 1 
ATOM   694  N N   . SER A 1 93  ? 14.016  -1.864  6.435   1.00 16.74 ? 93  SER L N   1 
ATOM   695  C CA  . SER A 1 93  ? 14.834  -2.437  5.321   1.00 20.00 ? 93  SER L CA  1 
ATOM   696  C C   . SER A 1 93  ? 13.915  -2.763  4.178   1.00 21.18 ? 93  SER L C   1 
ATOM   697  O O   . SER A 1 93  ? 12.915  -2.065  3.956   1.00 21.32 ? 93  SER L O   1 
ATOM   698  C CB  . SER A 1 93  ? 15.617  -3.640  5.835   1.00 23.04 ? 93  SER L CB  1 
ATOM   699  O OG  . SER A 1 93  ? 16.522  -4.063  4.818   1.00 25.73 ? 93  SER L OG  1 
ATOM   700  N N   . THR A 1 94  ? 14.176  -3.778  3.387   1.00 23.01 ? 94  THR L N   1 
ATOM   701  C CA  . THR A 1 94  ? 13.358  -4.239  2.240   1.00 23.40 ? 94  THR L CA  1 
ATOM   702  C C   . THR A 1 94  ? 13.442  -5.762  2.145   1.00 23.40 ? 94  THR L C   1 
ATOM   703  O O   . THR A 1 94  ? 14.491  -6.314  2.565   1.00 23.72 ? 94  THR L O   1 
ATOM   704  C CB  . THR A 1 94  ? 13.802  -3.717  0.818   1.00 22.71 ? 94  THR L CB  1 
ATOM   705  O OG1 . THR A 1 94  ? 15.237  -3.972  0.751   1.00 25.01 ? 94  THR L OG1 1 
ATOM   706  C CG2 . THR A 1 94  ? 13.556  -2.229  0.641   1.00 24.68 ? 94  THR L CG2 1 
ATOM   707  N N   . PRO A 1 95  ? 12.427  -6.444  1.603   1.00 22.75 ? 95  PRO L N   1 
ATOM   708  C CA  . PRO A 1 95  ? 11.221  -5.836  1.093   1.00 21.09 ? 95  PRO L CA  1 
ATOM   709  C C   . PRO A 1 95  ? 10.354  -5.293  2.183   1.00 19.48 ? 95  PRO L C   1 
ATOM   710  O O   . PRO A 1 95  ? 10.536  -5.631  3.364   1.00 21.62 ? 95  PRO L O   1 
ATOM   711  C CB  . PRO A 1 95  ? 10.585  -7.091  0.461   1.00 23.00 ? 95  PRO L CB  1 
ATOM   712  C CG  . PRO A 1 95  ? 10.995  -8.227  1.347   1.00 22.75 ? 95  PRO L CG  1 
ATOM   713  C CD  . PRO A 1 95  ? 12.493  -7.931  1.482   1.00 21.38 ? 95  PRO L CD  1 
ATOM   714  N N   . ARG A 1 96  ? 9.355   -4.514  1.914   1.00 18.39 ? 96  ARG L N   1 
ATOM   715  C CA  . ARG A 1 96  ? 8.329   -3.949  2.801   1.00 15.70 ? 96  ARG L CA  1 
ATOM   716  C C   . ARG A 1 96  ? 7.160   -4.903  2.722   1.00 15.40 ? 96  ARG L C   1 
ATOM   717  O O   . ARG A 1 96  ? 7.118   -5.777  1.795   1.00 16.30 ? 96  ARG L O   1 
ATOM   718  C CB  . ARG A 1 96  ? 7.831   -2.581  2.366   1.00 16.28 ? 96  ARG L CB  1 
ATOM   719  C CG  . ARG A 1 96  ? 8.674   -1.314  2.670   1.00 16.88 ? 96  ARG L CG  1 
ATOM   720  C CD  . ARG A 1 96  ? 9.996   -1.324  2.007   1.00 20.73 ? 96  ARG L CD  1 
ATOM   721  N NE  . ARG A 1 96  ? 10.757  -0.085  2.135   1.00 19.88 ? 96  ARG L NE  1 
ATOM   722  C CZ  . ARG A 1 96  ? 10.411  1.116   1.661   1.00 21.65 ? 96  ARG L CZ  1 
ATOM   723  N NH1 . ARG A 1 96  ? 9.336   1.404   0.962   1.00 19.60 ? 96  ARG L NH1 1 
ATOM   724  N NH2 . ARG A 1 96  ? 11.320  2.071   1.920   1.00 20.96 ? 96  ARG L NH2 1 
ATOM   725  N N   . SER A 1 97  ? 6.186   -4.830  3.578   1.00 15.67 ? 97  SER L N   1 
ATOM   726  C CA  . SER A 1 97  ? 5.016   -5.730  3.480   1.00 14.70 ? 97  SER L CA  1 
ATOM   727  C C   . SER A 1 97  ? 3.915   -5.002  4.235   1.00 15.50 ? 97  SER L C   1 
ATOM   728  O O   . SER A 1 97  ? 4.210   -4.095  5.023   1.00 16.87 ? 97  SER L O   1 
ATOM   729  C CB  . SER A 1 97  ? 5.181   -7.143  3.978   1.00 13.80 ? 97  SER L CB  1 
ATOM   730  O OG  . SER A 1 97  ? 5.388   -7.128  5.384   1.00 18.17 ? 97  SER L OG  1 
ATOM   731  N N   . PHE A 1 98  ? 2.691   -5.435  3.987   1.00 14.84 ? 98  PHE L N   1 
ATOM   732  C CA  . PHE A 1 98  ? 1.507   -4.911  4.588   1.00 14.10 ? 98  PHE L CA  1 
ATOM   733  C C   . PHE A 1 98  ? 0.896   -5.992  5.442   1.00 14.90 ? 98  PHE L C   1 
ATOM   734  O O   . PHE A 1 98  ? 1.132   -7.139  5.033   1.00 15.29 ? 98  PHE L O   1 
ATOM   735  C CB  . PHE A 1 98  ? 0.516   -4.526  3.407   1.00 12.52 ? 98  PHE L CB  1 
ATOM   736  C CG  . PHE A 1 98  ? 0.871   -3.317  2.592   1.00 14.31 ? 98  PHE L CG  1 
ATOM   737  C CD1 . PHE A 1 98  ? 0.381   -2.019  2.981   1.00 15.90 ? 98  PHE L CD1 1 
ATOM   738  C CD2 . PHE A 1 98  ? 1.618   -3.419  1.414   1.00 13.15 ? 98  PHE L CD2 1 
ATOM   739  C CE1 . PHE A 1 98  ? 0.672   -0.825  2.233   1.00 14.20 ? 98  PHE L CE1 1 
ATOM   740  C CE2 . PHE A 1 98  ? 1.885   -2.265  0.674   1.00 15.14 ? 98  PHE L CE2 1 
ATOM   741  C CZ  . PHE A 1 98  ? 1.437   -0.963  1.068   1.00 14.35 ? 98  PHE L CZ  1 
ATOM   742  N N   . GLY A 1 99  ? 0.149   -5.732  6.488   1.00 14.22 ? 99  GLY L N   1 
ATOM   743  C CA  . GLY A 1 99  ? -0.604  -6.761  7.212   1.00 14.88 ? 99  GLY L CA  1 
ATOM   744  C C   . GLY A 1 99  ? -1.811  -7.058  6.278   1.00 17.93 ? 99  GLY L C   1 
ATOM   745  O O   . GLY A 1 99  ? -2.113  -6.425  5.200   1.00 18.42 ? 99  GLY L O   1 
ATOM   746  N N   . GLY A 1 100 ? -2.610  -8.060  6.640   1.00 18.10 ? 100 GLY L N   1 
ATOM   747  C CA  . GLY A 1 100 ? -3.782  -8.574  5.992   1.00 17.05 ? 100 GLY L CA  1 
ATOM   748  C C   . GLY A 1 100 ? -5.001  -7.665  5.936   1.00 18.30 ? 100 GLY L C   1 
ATOM   749  O O   . GLY A 1 100 ? -5.899  -7.801  5.066   1.00 17.82 ? 100 GLY L O   1 
ATOM   750  N N   . GLY A 1 101 ? -5.062  -6.691  6.804   1.00 17.29 ? 101 GLY L N   1 
ATOM   751  C CA  . GLY A 1 101 ? -6.153  -5.747  6.810   1.00 16.07 ? 101 GLY L CA  1 
ATOM   752  C C   . GLY A 1 101 ? -7.185  -6.143  7.860   1.00 16.83 ? 101 GLY L C   1 
ATOM   753  O O   . GLY A 1 101 ? -7.380  -7.326  8.189   1.00 14.68 ? 101 GLY L O   1 
ATOM   754  N N   . THR A 1 102 ? -7.824  -5.041  8.315   1.00 17.01 ? 102 THR L N   1 
ATOM   755  C CA  . THR A 1 102 ? -8.937  -5.199  9.256   1.00 18.30 ? 102 THR L CA  1 
ATOM   756  C C   . THR A 1 102 ? -10.165 -4.537  8.628   1.00 18.39 ? 102 THR L C   1 
ATOM   757  O O   . THR A 1 102 ? -10.075 -3.320  8.424   1.00 18.52 ? 102 THR L O   1 
ATOM   758  C CB  . THR A 1 102 ? -8.741  -4.652  10.733  1.00 18.41 ? 102 THR L CB  1 
ATOM   759  O OG1 . THR A 1 102 ? -7.609  -5.327  11.327  1.00 19.20 ? 102 THR L OG1 1 
ATOM   760  C CG2 . THR A 1 102 ? -9.983  -4.911  11.650  1.00 21.26 ? 102 THR L CG2 1 
ATOM   761  N N   . LYS A 1 103 ? -11.291 -5.152  8.480   1.00 18.27 ? 103 LYS L N   1 
ATOM   762  C CA  . LYS A 1 103 ? -12.465 -4.504  7.918   1.00 20.37 ? 103 LYS L CA  1 
ATOM   763  C C   . LYS A 1 103 ? -13.341 -4.006  9.062   1.00 22.14 ? 103 LYS L C   1 
ATOM   764  O O   . LYS A 1 103 ? -13.743 -4.851  9.812   1.00 22.58 ? 103 LYS L O   1 
ATOM   765  C CB  . LYS A 1 103 ? -13.257 -5.457  6.998   1.00 25.16 ? 103 LYS L CB  1 
ATOM   766  C CG  . LYS A 1 103 ? -14.300 -5.045  5.950   1.00 26.04 ? 103 LYS L CG  1 
ATOM   767  N N   . LEU A 1 104 ? -13.572 -2.725  9.147   1.00 23.70 ? 104 LEU L N   1 
ATOM   768  C CA  . LEU A 1 104 ? -14.426 -2.061  10.109  1.00 25.78 ? 104 LEU L CA  1 
ATOM   769  C C   . LEU A 1 104 ? -15.777 -1.764  9.424   1.00 25.19 ? 104 LEU L C   1 
ATOM   770  O O   . LEU A 1 104 ? -15.877 -0.994  8.476   1.00 25.65 ? 104 LEU L O   1 
ATOM   771  C CB  . LEU A 1 104 ? -13.748 -0.787  10.583  1.00 27.54 ? 104 LEU L CB  1 
ATOM   772  C CG  . LEU A 1 104 ? -14.231 -0.125  11.835  1.00 28.71 ? 104 LEU L CG  1 
ATOM   773  C CD1 . LEU A 1 104 ? -14.412 -1.041  13.059  1.00 29.39 ? 104 LEU L CD1 1 
ATOM   774  C CD2 . LEU A 1 104 ? -13.061 0.796   12.206  1.00 28.63 ? 104 LEU L CD2 1 
ATOM   775  N N   . GLU A 1 105 ? -16.779 -2.456  9.965   1.00 26.09 ? 105 GLU L N   1 
ATOM   776  C CA  . GLU A 1 105 ? -18.182 -2.327  9.489   1.00 26.10 ? 105 GLU L CA  1 
ATOM   777  C C   . GLU A 1 105 ? -19.127 -1.780  10.584  1.00 23.81 ? 105 GLU L C   1 
ATOM   778  O O   . GLU A 1 105 ? -18.910 -2.002  11.786  0.50 22.15 ? 105 GLU L O   1 
ATOM   779  C CB  . GLU A 1 105 ? -18.806 -3.689  9.180   1.00 30.17 ? 105 GLU L CB  1 
ATOM   780  C CG  . GLU A 1 105 ? -17.918 -4.864  8.786   0.50 31.42 ? 105 GLU L CG  1 
ATOM   781  C CD  . GLU A 1 105 ? -18.623 -5.947  8.022   0.50 33.47 ? 105 GLU L CD  1 
ATOM   782  O OE1 . GLU A 1 105 ? -19.464 -6.576  8.726   0.50 34.22 ? 105 GLU L OE1 1 
ATOM   783  O OE2 . GLU A 1 105 ? -18.360 -6.117  6.841   0.50 34.84 ? 105 GLU L OE2 1 
ATOM   784  N N   . ILE A 1 106 ? -20.087 -1.099  10.023  0.50 22.72 ? 106 ILE L N   1 
ATOM   785  C CA  . ILE A 1 106 ? -21.182 -0.439  10.707  0.50 22.95 ? 106 ILE L CA  1 
ATOM   786  C C   . ILE A 1 106 ? -22.344 -1.374  10.990  0.50 23.46 ? 106 ILE L C   1 
ATOM   787  O O   . ILE A 1 106 ? -22.224 -2.605  10.720  0.50 24.77 ? 106 ILE L O   1 
ATOM   788  C CB  . ILE A 1 106 ? -21.663 0.810   9.861   0.50 21.31 ? 106 ILE L CB  1 
ATOM   789  C CG1 . ILE A 1 106 ? -22.342 1.814   10.813  0.50 21.53 ? 106 ILE L CG1 1 
ATOM   790  C CG2 . ILE A 1 106 ? -22.545 0.384   8.699   0.50 21.08 ? 106 ILE L CG2 1 
ATOM   791  C CD1 . ILE A 1 106 ? -22.741 3.184   10.182  0.50 22.02 ? 106 ILE L CD1 1 
ATOM   792  N N   . GLN B 2 1   ? 0.866   20.398  -7.159  0.95 27.34 ? 201 GLN H N   1 
ATOM   793  C CA  . GLN B 2 1   ? -0.311  19.458  -6.849  0.95 23.57 ? 201 GLN H CA  1 
ATOM   794  C C   . GLN B 2 1   ? 0.331   18.102  -7.080  0.95 25.45 ? 201 GLN H C   1 
ATOM   795  O O   . GLN B 2 1   ? 1.003   17.895  -8.155  0.95 25.97 ? 201 GLN H O   1 
ATOM   796  C CB  . GLN B 2 1   ? -1.292  20.104  -7.907  0.95 22.09 ? 201 GLN H CB  1 
ATOM   797  C CG  . GLN B 2 1   ? -0.279  21.029  -8.705  0.95 15.64 ? 201 GLN H CG  1 
ATOM   798  N N   . VAL B 2 2   ? 0.357   17.063  -6.315  1.00 24.27 ? 202 VAL H N   1 
ATOM   799  C CA  . VAL B 2 2   ? 1.015   15.775  -6.692  1.00 25.07 ? 202 VAL H CA  1 
ATOM   800  C C   . VAL B 2 2   ? -0.026  14.837  -7.362  1.00 25.25 ? 202 VAL H C   1 
ATOM   801  O O   . VAL B 2 2   ? -1.123  14.701  -6.686  1.00 26.50 ? 202 VAL H O   1 
ATOM   802  C CB  . VAL B 2 2   ? 1.650   15.254  -5.402  1.00 23.82 ? 202 VAL H CB  1 
ATOM   803  C CG1 . VAL B 2 2   ? 2.037   13.781  -5.546  1.00 24.61 ? 202 VAL H CG1 1 
ATOM   804  C CG2 . VAL B 2 2   ? 2.774   16.216  -4.999  1.00 24.14 ? 202 VAL H CG2 1 
ATOM   805  N N   . GLN B 2 3   ? 0.305   14.229  -8.495  1.00 21.57 ? 203 GLN H N   1 
ATOM   806  C CA  . GLN B 2 3   ? -0.743  13.377  -9.082  1.00 19.94 ? 203 GLN H CA  1 
ATOM   807  C C   . GLN B 2 3   ? -0.086  12.125  -9.608  1.00 19.62 ? 203 GLN H C   1 
ATOM   808  O O   . GLN B 2 3   ? 1.076   12.188  -10.090 1.00 20.54 ? 203 GLN H O   1 
ATOM   809  C CB  . GLN B 2 3   ? -1.529  14.330  -10.038 1.00 17.27 ? 203 GLN H CB  1 
ATOM   810  C CG  . GLN B 2 3   ? -1.949  13.634  -11.288 0.50 18.79 ? 203 GLN H CG  1 
ATOM   811  C CD  . GLN B 2 3   ? -2.869  14.197  -12.318 0.50 16.78 ? 203 GLN H CD  1 
ATOM   812  O OE1 . GLN B 2 3   ? -3.705  15.074  -12.085 0.50 18.25 ? 203 GLN H OE1 1 
ATOM   813  N NE2 . GLN B 2 3   ? -2.723  13.593  -13.497 0.50 14.87 ? 203 GLN H NE2 1 
ATOM   814  N N   . LEU B 2 4   ? -0.724  10.954  -9.422  1.00 18.11 ? 204 LEU H N   1 
ATOM   815  C CA  . LEU B 2 4   ? -0.157  9.698   -9.910  1.00 17.16 ? 204 LEU H CA  1 
ATOM   816  C C   . LEU B 2 4   ? -1.335  9.045   -10.667 1.00 16.94 ? 204 LEU H C   1 
ATOM   817  O O   . LEU B 2 4   ? -2.386  8.983   -10.057 1.00 17.78 ? 204 LEU H O   1 
ATOM   818  C CB  . LEU B 2 4   ? 0.487   8.836   -8.817  1.00 14.98 ? 204 LEU H CB  1 
ATOM   819  C CG  . LEU B 2 4   ? 1.650   9.332   -7.983  1.00 14.07 ? 204 LEU H CG  1 
ATOM   820  C CD1 . LEU B 2 4   ? 1.027   9.929   -6.721  1.00 14.41 ? 204 LEU H CD1 1 
ATOM   821  C CD2 . LEU B 2 4   ? 2.509   8.154   -7.570  1.00 17.09 ? 204 LEU H CD2 1 
ATOM   822  N N   . GLN B 2 5   ? -1.107  8.678   -11.888 1.00 16.37 ? 205 GLN H N   1 
ATOM   823  C CA  . GLN B 2 5   ? -2.147  8.046   -12.735 1.00 18.73 ? 205 GLN H CA  1 
ATOM   824  C C   . GLN B 2 5   ? -1.510  6.858   -13.464 1.00 17.22 ? 205 GLN H C   1 
ATOM   825  O O   . GLN B 2 5   ? -0.557  7.015   -14.215 1.00 16.83 ? 205 GLN H O   1 
ATOM   826  C CB  . GLN B 2 5   ? -2.820  9.000   -13.727 1.00 17.48 ? 205 GLN H CB  1 
ATOM   827  C CG  . GLN B 2 5   ? -3.675  10.058  -13.106 1.00 22.56 ? 205 GLN H CG  1 
ATOM   828  C CD  . GLN B 2 5   ? -4.567  10.790  -14.134 1.00 23.74 ? 205 GLN H CD  1 
ATOM   829  O OE1 . GLN B 2 5   ? -4.247  10.968  -15.305 1.00 24.72 ? 205 GLN H OE1 1 
ATOM   830  N NE2 . GLN B 2 5   ? -5.746  11.264  -13.752 1.00 22.04 ? 205 GLN H NE2 1 
ATOM   831  N N   . GLU B 2 6   ? -2.074  5.657   -13.217 1.00 17.69 ? 206 GLU H N   1 
ATOM   832  C CA  . GLU B 2 6   ? -1.678  4.359   -13.744 1.00 15.60 ? 206 GLU H CA  1 
ATOM   833  C C   . GLU B 2 6   ? -2.514  4.043   -15.021 1.00 16.38 ? 206 GLU H C   1 
ATOM   834  O O   . GLU B 2 6   ? -3.697  4.389   -15.005 1.00 15.43 ? 206 GLU H O   1 
ATOM   835  C CB  . GLU B 2 6   ? -1.996  3.195   -12.804 1.00 13.29 ? 206 GLU H CB  1 
ATOM   836  C CG  . GLU B 2 6   ? -1.456  3.321   -11.394 1.00 10.88 ? 206 GLU H CG  1 
ATOM   837  C CD  . GLU B 2 6   ? -2.243  4.079   -10.372 1.00 12.82 ? 206 GLU H CD  1 
ATOM   838  O OE1 . GLU B 2 6   ? -3.261  4.747   -10.646 1.00 12.33 ? 206 GLU H OE1 1 
ATOM   839  O OE2 . GLU B 2 6   ? -1.858  3.993   -9.174  1.00 12.81 ? 206 GLU H OE2 1 
ATOM   840  N N   . SER B 2 7   ? -1.938  3.464   -16.030 1.00 14.33 ? 207 SER H N   1 
ATOM   841  C CA  . SER B 2 7   ? -2.636  3.067   -17.227 1.00 16.90 ? 207 SER H CA  1 
ATOM   842  C C   . SER B 2 7   ? -2.110  1.637   -17.477 1.00 17.74 ? 207 SER H C   1 
ATOM   843  O O   . SER B 2 7   ? -0.868  1.438   -17.394 1.00 19.08 ? 207 SER H O   1 
ATOM   844  C CB  . SER B 2 7   ? -2.358  3.907   -18.466 1.00 19.98 ? 207 SER H CB  1 
ATOM   845  O OG  . SER B 2 7   ? -1.006  4.355   -18.343 1.00 24.07 ? 207 SER H OG  1 
ATOM   846  N N   . GLY B 2 8   ? -2.968  0.692   -17.702 1.00 17.76 ? 208 GLY H N   1 
ATOM   847  C CA  . GLY B 2 8   ? -2.624  -0.718  -17.892 1.00 18.19 ? 208 GLY H CA  1 
ATOM   848  C C   . GLY B 2 8   ? -3.371  -1.301  -19.098 1.00 18.60 ? 208 GLY H C   1 
ATOM   849  O O   . GLY B 2 8   ? -4.128  -0.486  -19.683 1.00 19.05 ? 208 GLY H O   1 
ATOM   850  N N   . PRO B 2 9   ? -3.154  -2.584  -19.369 1.00 18.61 ? 209 PRO H N   1 
ATOM   851  C CA  . PRO B 2 9   ? -3.740  -3.274  -20.500 1.00 19.66 ? 209 PRO H CA  1 
ATOM   852  C C   . PRO B 2 9   ? -5.173  -3.735  -20.362 1.00 19.94 ? 209 PRO H C   1 
ATOM   853  O O   . PRO B 2 9   ? -5.597  -4.102  -21.456 1.00 20.31 ? 209 PRO H O   1 
ATOM   854  C CB  . PRO B 2 9   ? -2.932  -4.580  -20.712 1.00 19.28 ? 209 PRO H CB  1 
ATOM   855  C CG  . PRO B 2 9   ? -2.410  -4.903  -19.341 1.00 19.21 ? 209 PRO H CG  1 
ATOM   856  C CD  . PRO B 2 9   ? -2.231  -3.504  -18.699 1.00 18.53 ? 209 PRO H CD  1 
ATOM   857  N N   . GLY B 2 10  ? -5.739  -3.748  -19.196 1.00 19.00 ? 210 GLY H N   1 
ATOM   858  C CA  . GLY B 2 10  ? -7.147  -4.202  -19.109 1.00 19.19 ? 210 GLY H CA  1 
ATOM   859  C C   . GLY B 2 10  ? -7.125  -5.715  -19.089 1.00 20.36 ? 210 GLY H C   1 
ATOM   860  O O   . GLY B 2 10  ? -6.489  -6.176  -18.098 1.00 21.85 ? 210 GLY H O   1 
ATOM   861  N N   . LEU B 2 11  ? -7.688  -6.436  -20.030 1.00 17.49 ? 211 LEU H N   1 
ATOM   862  C CA  . LEU B 2 11  ? -7.587  -7.893  -19.934 1.00 17.63 ? 211 LEU H CA  1 
ATOM   863  C C   . LEU B 2 11  ? -6.373  -8.326  -20.730 1.00 18.73 ? 211 LEU H C   1 
ATOM   864  O O   . LEU B 2 11  ? -6.085  -7.699  -21.799 1.00 20.17 ? 211 LEU H O   1 
ATOM   865  C CB  . LEU B 2 11  ? -8.800  -8.497  -20.607 1.00 22.20 ? 211 LEU H CB  1 
ATOM   866  C CG  . LEU B 2 11  ? -10.087 -8.884  -20.016 1.00 26.76 ? 211 LEU H CG  1 
ATOM   867  C CD1 . LEU B 2 11  ? -10.662 -7.655  -19.252 1.00 27.64 ? 211 LEU H CD1 1 
ATOM   868  C CD2 . LEU B 2 11  ? -11.089 -9.220  -21.166 1.00 26.20 ? 211 LEU H CD2 1 
ATOM   869  N N   . VAL B 2 12  ? -5.739  -9.374  -20.322 1.00 16.98 ? 212 VAL H N   1 
ATOM   870  C CA  . VAL B 2 12  ? -4.567  -9.953  -20.905 1.00 18.10 ? 212 VAL H CA  1 
ATOM   871  C C   . VAL B 2 12  ? -4.724  -11.447 -20.578 1.00 18.88 ? 212 VAL H C   1 
ATOM   872  O O   . VAL B 2 12  ? -5.269  -11.944 -19.602 1.00 18.24 ? 212 VAL H O   1 
ATOM   873  C CB  . VAL B 2 12  ? -3.229  -9.389  -20.306 1.00 21.52 ? 212 VAL H CB  1 
ATOM   874  C CG1 . VAL B 2 12  ? -2.928  -7.963  -20.722 1.00 25.74 ? 212 VAL H CG1 1 
ATOM   875  C CG2 . VAL B 2 12  ? -3.262  -9.255  -18.785 1.00 22.15 ? 212 VAL H CG2 1 
ATOM   876  N N   . ALA B 2 13  ? -4.148  -12.165 -21.550 1.00 20.16 ? 213 ALA H N   1 
ATOM   877  C CA  . ALA B 2 13  ? -4.185  -13.606 -21.479 1.00 19.73 ? 213 ALA H CA  1 
ATOM   878  C C   . ALA B 2 13  ? -3.028  -14.091 -20.616 1.00 21.07 ? 213 ALA H C   1 
ATOM   879  O O   . ALA B 2 13  ? -1.929  -13.521 -20.542 1.00 21.82 ? 213 ALA H O   1 
ATOM   880  C CB  . ALA B 2 13  ? -4.048  -13.987 -22.960 1.00 18.04 ? 213 ALA H CB  1 
ATOM   881  N N   . PRO B 2 14  ? -3.229  -15.207 -19.971 1.00 22.12 ? 214 PRO H N   1 
ATOM   882  C CA  . PRO B 2 14  ? -2.189  -15.866 -19.172 1.00 23.75 ? 214 PRO H CA  1 
ATOM   883  C C   . PRO B 2 14  ? -0.942  -16.092 -19.987 1.00 24.94 ? 214 PRO H C   1 
ATOM   884  O O   . PRO B 2 14  ? -1.006  -16.218 -21.224 1.00 27.42 ? 214 PRO H O   1 
ATOM   885  C CB  . PRO B 2 14  ? -2.807  -17.186 -18.728 1.00 24.11 ? 214 PRO H CB  1 
ATOM   886  C CG  . PRO B 2 14  ? -4.301  -17.024 -19.017 1.00 25.63 ? 214 PRO H CG  1 
ATOM   887  C CD  . PRO B 2 14  ? -4.546  -15.915 -20.003 1.00 22.81 ? 214 PRO H CD  1 
ATOM   888  N N   . SER B 2 15  ? 0.225   -16.192 -19.396 1.00 25.97 ? 215 SER H N   1 
ATOM   889  C CA  . SER B 2 15  ? 1.516   -16.360 -20.012 1.00 27.57 ? 215 SER H CA  1 
ATOM   890  C C   . SER B 2 15  ? 1.932   -15.135 -20.785 1.00 28.92 ? 215 SER H C   1 
ATOM   891  O O   . SER B 2 15  ? 3.087   -15.182 -21.311 1.00 31.56 ? 215 SER H O   1 
ATOM   892  C CB  . SER B 2 15  ? 1.605   -17.513 -21.018 1.00 29.62 ? 215 SER H CB  1 
ATOM   893  O OG  . SER B 2 15  ? 1.398   -18.619 -20.137 1.00 35.50 ? 215 SER H OG  1 
ATOM   894  N N   . GLN B 2 16  ? 1.118   -14.095 -20.882 1.00 29.01 ? 216 GLN H N   1 
ATOM   895  C CA  . GLN B 2 16  ? 1.699   -12.953 -21.640 1.00 28.62 ? 216 GLN H CA  1 
ATOM   896  C C   . GLN B 2 16  ? 2.450   -12.092 -20.630 1.00 28.67 ? 216 GLN H C   1 
ATOM   897  O O   . GLN B 2 16  ? 2.611   -12.450 -19.423 1.00 29.22 ? 216 GLN H O   1 
ATOM   898  C CB  . GLN B 2 16  ? 0.675   -12.159 -22.421 1.00 30.84 ? 216 GLN H CB  1 
ATOM   899  C CG  . GLN B 2 16  ? 0.006   -13.022 -23.472 1.00 34.12 ? 216 GLN H CG  1 
ATOM   900  C CD  . GLN B 2 16  ? 0.887   -13.591 -24.572 1.00 34.58 ? 216 GLN H CD  1 
ATOM   901  O OE1 . GLN B 2 16  ? 0.693   -14.765 -24.910 1.00 35.97 ? 216 GLN H OE1 1 
ATOM   902  N NE2 . GLN B 2 16  ? 1.783   -12.718 -25.033 1.00 34.18 ? 216 GLN H NE2 1 
ATOM   903  N N   . SER B 2 17  ? 2.901   -10.964 -21.187 1.00 27.36 ? 217 SER H N   1 
ATOM   904  C CA  . SER B 2 17  ? 3.660   -10.021 -20.299 1.00 27.36 ? 217 SER H CA  1 
ATOM   905  C C   . SER B 2 17  ? 2.689   -8.865  -20.073 1.00 27.77 ? 217 SER H C   1 
ATOM   906  O O   . SER B 2 17  ? 1.685   -8.737  -20.817 1.00 29.94 ? 217 SER H O   1 
ATOM   907  C CB  . SER B 2 17  ? 4.958   -9.595  -20.864 1.00 23.57 ? 217 SER H CB  1 
ATOM   908  N N   . LEU B 2 18  ? 2.960   -8.112  -19.035 1.00 26.36 ? 218 LEU H N   1 
ATOM   909  C CA  . LEU B 2 18  ? 2.127   -6.939  -18.698 1.00 25.54 ? 218 LEU H CA  1 
ATOM   910  C C   . LEU B 2 18  ? 3.073   -5.766  -18.511 1.00 24.37 ? 218 LEU H C   1 
ATOM   911  O O   . LEU B 2 18  ? 4.185   -5.950  -18.008 1.00 24.77 ? 218 LEU H O   1 
ATOM   912  C CB  . LEU B 2 18  ? 1.432   -7.426  -17.491 1.00 27.42 ? 218 LEU H CB  1 
ATOM   913  C CG  . LEU B 2 18  ? 0.939   -6.960  -16.202 1.00 31.09 ? 218 LEU H CG  1 
ATOM   914  C CD1 . LEU B 2 18  ? 1.833   -5.956  -15.507 1.00 33.04 ? 218 LEU H CD1 1 
ATOM   915  C CD2 . LEU B 2 18  ? -0.400  -6.344  -16.540 1.00 32.52 ? 218 LEU H CD2 1 
ATOM   916  N N   . SER B 2 19  ? 2.621   -4.592  -18.836 1.00 22.49 ? 219 SER H N   1 
ATOM   917  C CA  . SER B 2 19  ? 3.434   -3.399  -18.597 1.00 22.00 ? 219 SER H CA  1 
ATOM   918  C C   . SER B 2 19  ? 2.445   -2.385  -18.059 1.00 21.82 ? 219 SER H C   1 
ATOM   919  O O   . SER B 2 19  ? 1.382   -2.156  -18.716 1.00 23.06 ? 219 SER H O   1 
ATOM   920  C CB  . SER B 2 19  ? 4.165   -3.013  -19.877 1.00 23.35 ? 219 SER H CB  1 
ATOM   921  O OG  . SER B 2 19  ? 4.469   -1.620  -19.634 1.00 31.96 ? 219 SER H OG  1 
ATOM   922  N N   . ILE B 2 20  ? 2.686   -1.762  -16.916 1.00 19.49 ? 220 ILE H N   1 
ATOM   923  C CA  . ILE B 2 20  ? 1.757   -0.729  -16.404 1.00 17.08 ? 220 ILE H CA  1 
ATOM   924  C C   . ILE B 2 20  ? 2.553   0.576   -16.388 1.00 16.20 ? 220 ILE H C   1 
ATOM   925  O O   . ILE B 2 20  ? 3.769   0.494   -16.124 1.00 17.99 ? 220 ILE H O   1 
ATOM   926  C CB  . ILE B 2 20  ? 1.187   -1.067  -14.981 1.00 18.61 ? 220 ILE H CB  1 
ATOM   927  C CG1 . ILE B 2 20  ? 0.389   -2.376  -15.064 1.00 19.53 ? 220 ILE H CG1 1 
ATOM   928  C CG2 . ILE B 2 20  ? 0.326   0.139   -14.403 1.00 15.75 ? 220 ILE H CG2 1 
ATOM   929  C CD1 . ILE B 2 20  ? 0.352   -2.869  -13.577 1.00 22.53 ? 220 ILE H CD1 1 
ATOM   930  N N   . THR B 2 21  ? 1.951   1.704   -16.642 1.00 16.50 ? 221 THR H N   1 
ATOM   931  C CA  . THR B 2 21  ? 2.647   2.985   -16.613 1.00 17.20 ? 221 THR H CA  1 
ATOM   932  C C   . THR B 2 21  ? 2.091   3.824   -15.475 1.00 17.09 ? 221 THR H C   1 
ATOM   933  O O   . THR B 2 21  ? 0.855   3.887   -15.435 1.00 20.35 ? 221 THR H O   1 
ATOM   934  C CB  . THR B 2 21  ? 2.534   3.907   -17.903 1.00 18.02 ? 221 THR H CB  1 
ATOM   935  O OG1 . THR B 2 21  ? 3.084   3.082   -18.962 1.00 20.59 ? 221 THR H OG1 1 
ATOM   936  C CG2 . THR B 2 21  ? 3.420   5.146   -17.922 1.00 15.99 ? 221 THR H CG2 1 
ATOM   937  N N   . CYS B 2 22  ? 2.891   4.400   -14.628 1.00 16.91 ? 222 CYS H N   1 
ATOM   938  C CA  . CYS B 2 22  ? 2.483   5.307   -13.550 1.00 15.07 ? 222 CYS H CA  1 
ATOM   939  C C   . CYS B 2 22  ? 2.938   6.695   -14.041 1.00 14.70 ? 222 CYS H C   1 
ATOM   940  O O   . CYS B 2 22  ? 4.144   6.922   -14.049 1.00 13.57 ? 222 CYS H O   1 
ATOM   941  C CB  . CYS B 2 22  ? 3.164   4.926   -12.238 1.00 16.13 ? 222 CYS H CB  1 
ATOM   942  S SG  . CYS B 2 22  ? 2.835   6.148   -10.911 1.00 16.74 ? 222 CYS H SG  1 
ATOM   943  N N   . THR B 2 23  ? 2.073   7.614   -14.408 1.00 14.23 ? 223 THR H N   1 
ATOM   944  C CA  . THR B 2 23  ? 2.607   8.920   -14.859 1.00 15.02 ? 223 THR H CA  1 
ATOM   945  C C   . THR B 2 23  ? 2.483   9.829   -13.683 1.00 16.18 ? 223 THR H C   1 
ATOM   946  O O   . THR B 2 23  ? 1.347   9.848   -13.184 1.00 16.55 ? 223 THR H O   1 
ATOM   947  C CB  . THR B 2 23  ? 1.757   9.425   -16.082 1.00 16.38 ? 223 THR H CB  1 
ATOM   948  O OG1 . THR B 2 23  ? 1.882   8.356   -17.112 1.00 19.04 ? 223 THR H OG1 1 
ATOM   949  C CG2 . THR B 2 23  ? 2.178   10.820  -16.523 1.00 18.68 ? 223 THR H CG2 1 
ATOM   950  N N   . VAL B 2 24  ? 3.531   10.514  -13.286 1.00 16.28 ? 224 VAL H N   1 
ATOM   951  C CA  . VAL B 2 24  ? 3.475   11.395  -12.111 1.00 16.81 ? 224 VAL H CA  1 
ATOM   952  C C   . VAL B 2 24  ? 3.477   12.840  -12.497 1.00 18.11 ? 224 VAL H C   1 
ATOM   953  O O   . VAL B 2 24  ? 4.158   13.212  -13.475 1.00 19.45 ? 224 VAL H O   1 
ATOM   954  C CB  . VAL B 2 24  ? 4.640   10.926  -11.162 1.00 17.93 ? 224 VAL H CB  1 
ATOM   955  C CG1 . VAL B 2 24  ? 4.744   9.389   -10.939 1.00 13.14 ? 224 VAL H CG1 1 
ATOM   956  C CG2 . VAL B 2 24  ? 5.988   11.468  -11.593 1.00 15.81 ? 224 VAL H CG2 1 
ATOM   957  N N   . SER B 2 25  ? 2.832   13.734  -11.785 1.00 18.52 ? 225 SER H N   1 
ATOM   958  C CA  . SER B 2 25  ? 2.735   15.142  -11.969 1.00 18.55 ? 225 SER H CA  1 
ATOM   959  C C   . SER B 2 25  ? 2.925   15.806  -10.596 1.00 19.63 ? 225 SER H C   1 
ATOM   960  O O   . SER B 2 25  ? 2.460   15.288  -9.590  1.00 20.97 ? 225 SER H O   1 
ATOM   961  C CB  . SER B 2 25  ? 1.338   15.650  -12.331 1.00 21.31 ? 225 SER H CB  1 
ATOM   962  O OG  . SER B 2 25  ? 1.199   15.219  -13.683 1.00 26.16 ? 225 SER H OG  1 
ATOM   963  N N   . GLY B 2 26  ? 3.561   16.953  -10.715 1.00 18.91 ? 226 GLY H N   1 
ATOM   964  C CA  . GLY B 2 26  ? 3.802   17.814  -9.602  1.00 21.11 ? 226 GLY H CA  1 
ATOM   965  C C   . GLY B 2 26  ? 5.052   17.556  -8.818  1.00 22.67 ? 226 GLY H C   1 
ATOM   966  O O   . GLY B 2 26  ? 5.209   18.357  -7.885  1.00 24.67 ? 226 GLY H O   1 
ATOM   967  N N   . PHE B 2 27  ? 5.896   16.617  -9.074  1.00 22.89 ? 227 PHE H N   1 
ATOM   968  C CA  . PHE B 2 27  ? 7.096   16.371  -8.279  1.00 22.07 ? 227 PHE H CA  1 
ATOM   969  C C   . PHE B 2 27  ? 8.005   15.656  -9.291  1.00 23.88 ? 227 PHE H C   1 
ATOM   970  O O   . PHE B 2 27  ? 7.778   15.097  -10.385 1.00 22.61 ? 227 PHE H O   1 
ATOM   971  C CB  . PHE B 2 27  ? 6.797   15.609  -6.976  1.00 20.74 ? 227 PHE H CB  1 
ATOM   972  C CG  . PHE B 2 27  ? 6.390   14.185  -7.188  1.00 21.24 ? 227 PHE H CG  1 
ATOM   973  C CD1 . PHE B 2 27  ? 5.033   13.893  -7.457  1.00 21.39 ? 227 PHE H CD1 1 
ATOM   974  C CD2 . PHE B 2 27  ? 7.355   13.147  -7.229  1.00 18.50 ? 227 PHE H CD2 1 
ATOM   975  C CE1 . PHE B 2 27  ? 4.624   12.545  -7.712  1.00 21.49 ? 227 PHE H CE1 1 
ATOM   976  C CE2 . PHE B 2 27  ? 7.010   11.821  -7.529  1.00 18.05 ? 227 PHE H CE2 1 
ATOM   977  C CZ  . PHE B 2 27  ? 5.628   11.559  -7.719  1.00 19.94 ? 227 PHE H CZ  1 
ATOM   978  N N   . SER B 2 28  ? 9.222   15.665  -8.781  1.00 25.49 ? 228 SER H N   1 
ATOM   979  C CA  . SER B 2 28  ? 10.342  15.089  -9.476  1.00 26.96 ? 228 SER H CA  1 
ATOM   980  C C   . SER B 2 28  ? 10.677  13.661  -9.054  1.00 25.14 ? 228 SER H C   1 
ATOM   981  O O   . SER B 2 28  ? 10.814  13.476  -7.835  1.00 25.19 ? 228 SER H O   1 
ATOM   982  C CB  . SER B 2 28  ? 11.501  16.096  -9.143  1.00 29.81 ? 228 SER H CB  1 
ATOM   983  O OG  . SER B 2 28  ? 12.702  15.573  -9.787  1.00 34.52 ? 228 SER H OG  1 
ATOM   984  N N   . LEU B 2 29  ? 10.873  12.801  -10.054 1.00 23.95 ? 229 LEU H N   1 
ATOM   985  C CA  . LEU B 2 29  ? 11.217  11.374  -9.781  1.00 25.38 ? 229 LEU H CA  1 
ATOM   986  C C   . LEU B 2 29  ? 12.641  11.172  -9.239  1.00 25.24 ? 229 LEU H C   1 
ATOM   987  O O   . LEU B 2 29  ? 13.015  10.073  -8.820  1.00 26.14 ? 229 LEU H O   1 
ATOM   988  C CB  . LEU B 2 29  ? 10.985  10.500  -11.030 1.00 24.10 ? 229 LEU H CB  1 
ATOM   989  C CG  . LEU B 2 29  ? 9.555   10.152  -11.446 1.00 24.71 ? 229 LEU H CG  1 
ATOM   990  C CD1 . LEU B 2 29  ? 9.540   9.317   -12.755 1.00 23.30 ? 229 LEU H CD1 1 
ATOM   991  C CD2 . LEU B 2 29  ? 8.858   9.382   -10.319 1.00 20.47 ? 229 LEU H CD2 1 
ATOM   992  N N   . THR B 2 30  ? 13.396  12.240  -9.277  1.00 25.00 ? 230 THR H N   1 
ATOM   993  C CA  . THR B 2 30  ? 14.773  12.050  -8.776  1.00 26.44 ? 230 THR H CA  1 
ATOM   994  C C   . THR B 2 30  ? 14.754  12.292  -7.292  1.00 25.25 ? 230 THR H C   1 
ATOM   995  O O   . THR B 2 30  ? 15.619  11.858  -6.495  1.00 25.60 ? 230 THR H O   1 
ATOM   996  C CB  . THR B 2 30  ? 15.723  13.031  -9.580  1.00 29.75 ? 230 THR H CB  1 
ATOM   997  O OG1 . THR B 2 30  ? 15.184  14.336  -9.195  1.00 31.09 ? 230 THR H OG1 1 
ATOM   998  C CG2 . THR B 2 30  ? 15.639  12.887  -11.091 1.00 33.29 ? 230 THR H CG2 1 
ATOM   999  N N   . GLY B 2 31  ? 13.717  12.967  -6.857  1.00 24.49 ? 231 GLY H N   1 
ATOM   1000 C CA  . GLY B 2 31  ? 13.555  13.282  -5.480  1.00 24.17 ? 231 GLY H CA  1 
ATOM   1001 C C   . GLY B 2 31  ? 12.782  12.358  -4.541  1.00 24.51 ? 231 GLY H C   1 
ATOM   1002 O O   . GLY B 2 31  ? 12.900  12.558  -3.303  1.00 24.43 ? 231 GLY H O   1 
ATOM   1003 N N   . TYR B 2 32  ? 11.974  11.488  -5.074  1.00 22.80 ? 232 TYR H N   1 
ATOM   1004 C CA  . TYR B 2 32  ? 11.104  10.582  -4.338  1.00 21.24 ? 232 TYR H CA  1 
ATOM   1005 C C   . TYR B 2 32  ? 11.214  9.178   -4.891  1.00 20.60 ? 232 TYR H C   1 
ATOM   1006 O O   . TYR B 2 32  ? 11.667  8.883   -6.000  1.00 22.37 ? 232 TYR H O   1 
ATOM   1007 C CB  . TYR B 2 32  ? 9.666   11.050  -4.503  1.00 20.92 ? 232 TYR H CB  1 
ATOM   1008 C CG  . TYR B 2 32  ? 9.495   12.471  -3.995  1.00 23.62 ? 232 TYR H CG  1 
ATOM   1009 C CD1 . TYR B 2 32  ? 9.715   13.633  -4.748  1.00 22.90 ? 232 TYR H CD1 1 
ATOM   1010 C CD2 . TYR B 2 32  ? 9.088   12.585  -2.643  1.00 24.79 ? 232 TYR H CD2 1 
ATOM   1011 C CE1 . TYR B 2 32  ? 9.583   14.886  -4.153  1.00 23.39 ? 232 TYR H CE1 1 
ATOM   1012 C CE2 . TYR B 2 32  ? 8.879   13.837  -2.050  1.00 25.70 ? 232 TYR H CE2 1 
ATOM   1013 C CZ  . TYR B 2 32  ? 9.158   14.992  -2.820  1.00 25.91 ? 232 TYR H CZ  1 
ATOM   1014 O OH  . TYR B 2 32  ? 8.919   16.178  -2.142  1.00 26.26 ? 232 TYR H OH  1 
ATOM   1015 N N   . GLY B 2 33  ? 10.656  8.294   -4.094  1.00 21.00 ? 233 GLY H N   1 
ATOM   1016 C CA  . GLY B 2 33  ? 10.596  6.848   -4.445  1.00 19.14 ? 233 GLY H CA  1 
ATOM   1017 C C   . GLY B 2 33  ? 9.135   6.633   -4.940  1.00 17.95 ? 233 GLY H C   1 
ATOM   1018 O O   . GLY B 2 33  ? 8.237   7.427   -4.599  1.00 17.20 ? 233 GLY H O   1 
ATOM   1019 N N   . VAL B 2 34  ? 9.060   5.594   -5.736  1.00 16.16 ? 234 VAL H N   1 
ATOM   1020 C CA  . VAL B 2 34  ? 7.759   5.131   -6.291  1.00 16.38 ? 234 VAL H CA  1 
ATOM   1021 C C   . VAL B 2 34  ? 7.661   3.618   -5.960  1.00 14.44 ? 234 VAL H C   1 
ATOM   1022 O O   . VAL B 2 34  ? 8.456   2.809   -6.474  1.00 16.37 ? 234 VAL H O   1 
ATOM   1023 C CB  . VAL B 2 34  ? 7.464   5.541   -7.753  1.00 13.53 ? 234 VAL H CB  1 
ATOM   1024 C CG1 . VAL B 2 34  ? 6.080   4.999   -8.217  1.00 12.98 ? 234 VAL H CG1 1 
ATOM   1025 C CG2 . VAL B 2 34  ? 7.321   7.032   -7.917  1.00 13.38 ? 234 VAL H CG2 1 
ATOM   1026 N N   . ASN B 2 35  ? 6.617   3.275   -5.172  1.00 14.72 ? 235 ASN H N   1 
ATOM   1027 C CA  . ASN B 2 35  ? 6.380   1.854   -4.820  1.00 13.68 ? 235 ASN H CA  1 
ATOM   1028 C C   . ASN B 2 35  ? 5.282   1.248   -5.683  1.00 14.06 ? 235 ASN H C   1 
ATOM   1029 O O   . ASN B 2 35  ? 4.403   2.091   -5.991  1.00 15.02 ? 235 ASN H O   1 
ATOM   1030 C CB  . ASN B 2 35  ? 5.771   1.734   -3.413  1.00 13.85 ? 235 ASN H CB  1 
ATOM   1031 C CG  . ASN B 2 35  ? 6.842   1.980   -2.325  1.00 18.68 ? 235 ASN H CG  1 
ATOM   1032 O OD1 . ASN B 2 35  ? 6.991   1.069   -1.464  1.00 20.43 ? 235 ASN H OD1 1 
ATOM   1033 N ND2 . ASN B 2 35  ? 7.566   3.138   -2.335  1.00 14.08 ? 235 ASN H ND2 1 
ATOM   1034 N N   . TRP B 2 36  ? 5.309   -0.021  -5.958  1.00 14.51 ? 236 TRP H N   1 
ATOM   1035 C CA  . TRP B 2 36  ? 4.156   -0.616  -6.730  1.00 14.34 ? 236 TRP H CA  1 
ATOM   1036 C C   . TRP B 2 36  ? 3.480   -1.567  -5.726  1.00 13.66 ? 236 TRP H C   1 
ATOM   1037 O O   . TRP B 2 36  ? 4.190   -2.301  -5.062  1.00 13.26 ? 236 TRP H O   1 
ATOM   1038 C CB  . TRP B 2 36  ? 4.565   -1.405  -7.962  1.00 13.06 ? 236 TRP H CB  1 
ATOM   1039 C CG  . TRP B 2 36  ? 4.969   -0.488  -9.090  1.00 14.55 ? 236 TRP H CG  1 
ATOM   1040 C CD1 . TRP B 2 36  ? 6.224   -0.009  -9.375  1.00 14.01 ? 236 TRP H CD1 1 
ATOM   1041 C CD2 . TRP B 2 36  ? 4.067   0.072   -10.067 1.00 15.51 ? 236 TRP H CD2 1 
ATOM   1042 N NE1 . TRP B 2 36  ? 6.118   0.773   -10.527 1.00 16.74 ? 236 TRP H NE1 1 
ATOM   1043 C CE2 . TRP B 2 36  ? 4.841   0.811   -10.983 1.00 16.00 ? 236 TRP H CE2 1 
ATOM   1044 C CE3 . TRP B 2 36  ? 2.664   -0.042  -10.269 1.00 17.13 ? 236 TRP H CE3 1 
ATOM   1045 C CZ2 . TRP B 2 36  ? 4.249   1.512   -12.050 1.00 15.51 ? 236 TRP H CZ2 1 
ATOM   1046 C CZ3 . TRP B 2 36  ? 2.081   0.647   -11.327 1.00 17.60 ? 236 TRP H CZ3 1 
ATOM   1047 C CH2 . TRP B 2 36  ? 2.877   1.397   -12.221 1.00 17.13 ? 236 TRP H CH2 1 
ATOM   1048 N N   . VAL B 2 37  ? 2.189   -1.501  -5.570  1.00 13.53 ? 237 VAL H N   1 
ATOM   1049 C CA  . VAL B 2 37  ? 1.308   -2.235  -4.708  1.00 15.06 ? 237 VAL H CA  1 
ATOM   1050 C C   . VAL B 2 37  ? 0.140   -2.855  -5.497  1.00 16.04 ? 237 VAL H C   1 
ATOM   1051 O O   . VAL B 2 37  ? -0.428  -2.111  -6.343  1.00 17.82 ? 237 VAL H O   1 
ATOM   1052 C CB  . VAL B 2 37  ? 0.732   -1.343  -3.536  1.00 11.29 ? 237 VAL H CB  1 
ATOM   1053 C CG1 . VAL B 2 37  ? -0.144  -2.035  -2.466  1.00 7.57  ? 237 VAL H CG1 1 
ATOM   1054 C CG2 . VAL B 2 37  ? 1.866   -0.711  -2.755  1.00 13.96 ? 237 VAL H CG2 1 
ATOM   1055 N N   . ARG B 2 38  ? -0.197  -4.125  -5.197  1.00 16.12 ? 238 ARG H N   1 
ATOM   1056 C CA  . ARG B 2 38  ? -1.447  -4.600  -5.907  1.00 16.36 ? 238 ARG H CA  1 
ATOM   1057 C C   . ARG B 2 38  ? -2.466  -5.039  -4.851  1.00 17.14 ? 238 ARG H C   1 
ATOM   1058 O O   . ARG B 2 38  ? -2.127  -5.338  -3.685  1.00 15.80 ? 238 ARG H O   1 
ATOM   1059 C CB  . ARG B 2 38  ? -1.161  -5.659  -6.913  1.00 13.71 ? 238 ARG H CB  1 
ATOM   1060 C CG  . ARG B 2 38  ? -0.608  -6.963  -6.267  1.00 13.40 ? 238 ARG H CG  1 
ATOM   1061 C CD  . ARG B 2 38  ? -0.600  -8.022  -7.330  1.00 13.48 ? 238 ARG H CD  1 
ATOM   1062 N NE  . ARG B 2 38  ? -0.106  -9.330  -6.861  1.00 14.88 ? 238 ARG H NE  1 
ATOM   1063 C CZ  . ARG B 2 38  ? 0.254   -10.350 -7.645  1.00 14.06 ? 238 ARG H CZ  1 
ATOM   1064 N NH1 . ARG B 2 38  ? 0.219   -10.349 -8.975  1.00 12.87 ? 238 ARG H NH1 1 
ATOM   1065 N NH2 . ARG B 2 38  ? 0.607   -11.457 -6.962  1.00 15.00 ? 238 ARG H NH2 1 
ATOM   1066 N N   . GLN B 2 39  ? -3.712  -5.126  -5.264  1.00 16.35 ? 239 GLN H N   1 
ATOM   1067 C CA  . GLN B 2 39  ? -4.832  -5.562  -4.401  1.00 16.43 ? 239 GLN H CA  1 
ATOM   1068 C C   . GLN B 2 39  ? -5.661  -6.655  -5.159  1.00 16.78 ? 239 GLN H C   1 
ATOM   1069 O O   . GLN B 2 39  ? -6.286  -6.315  -6.198  1.00 14.71 ? 239 GLN H O   1 
ATOM   1070 C CB  . GLN B 2 39  ? -5.676  -4.373  -4.025  1.00 15.97 ? 239 GLN H CB  1 
ATOM   1071 C CG  . GLN B 2 39  ? -6.709  -4.981  -3.045  1.00 22.19 ? 239 GLN H CG  1 
ATOM   1072 C CD  . GLN B 2 39  ? -7.263  -3.801  -2.276  1.00 28.01 ? 239 GLN H CD  1 
ATOM   1073 O OE1 . GLN B 2 39  ? -7.665  -2.879  -3.030  1.00 31.33 ? 239 GLN H OE1 1 
ATOM   1074 N NE2 . GLN B 2 39  ? -7.247  -3.992  -0.932  1.00 28.62 ? 239 GLN H NE2 1 
ATOM   1075 N N   . LEU B 2 40  ? -5.535  -7.893  -4.662  1.00 17.44 ? 240 LEU H N   1 
ATOM   1076 C CA  . LEU B 2 40  ? -6.224  -9.016  -5.303  1.00 19.33 ? 240 LEU H CA  1 
ATOM   1077 C C   . LEU B 2 40  ? -7.680  -8.875  -4.825  1.00 19.74 ? 240 LEU H C   1 
ATOM   1078 O O   . LEU B 2 40  ? -7.970  -8.393  -3.741  1.00 19.35 ? 240 LEU H O   1 
ATOM   1079 C CB  . LEU B 2 40  ? -5.660  -10.387 -5.117  1.00 21.94 ? 240 LEU H CB  1 
ATOM   1080 C CG  . LEU B 2 40  ? -4.287  -10.935 -5.430  1.00 24.90 ? 240 LEU H CG  1 
ATOM   1081 C CD1 . LEU B 2 40  ? -4.434  -12.373 -5.929  1.00 24.63 ? 240 LEU H CD1 1 
ATOM   1082 C CD2 . LEU B 2 40  ? -3.509  -10.195 -6.489  1.00 26.02 ? 240 LEU H CD2 1 
ATOM   1083 N N   . PRO B 2 41  ? -8.509  -9.300  -5.733  1.00 20.60 ? 241 PRO H N   1 
ATOM   1084 C CA  . PRO B 2 41  ? -9.983  -9.211  -5.480  1.00 21.78 ? 241 PRO H CA  1 
ATOM   1085 C C   . PRO B 2 41  ? -10.353 -9.819  -4.140  1.00 21.34 ? 241 PRO H C   1 
ATOM   1086 O O   . PRO B 2 41  ? -10.007 -10.921 -3.710  1.00 21.52 ? 241 PRO H O   1 
ATOM   1087 C CB  . PRO B 2 41  ? -10.584 -9.845  -6.716  1.00 22.74 ? 241 PRO H CB  1 
ATOM   1088 C CG  . PRO B 2 41  ? -9.483  -9.712  -7.736  1.00 22.14 ? 241 PRO H CG  1 
ATOM   1089 C CD  . PRO B 2 41  ? -8.160  -9.948  -7.003  1.00 20.85 ? 241 PRO H CD  1 
ATOM   1090 N N   . GLY B 2 42  ? -11.019 -8.925  -3.458  1.00 21.96 ? 242 GLY H N   1 
ATOM   1091 C CA  . GLY B 2 42  ? -11.490 -9.218  -2.097  1.00 24.40 ? 242 GLY H CA  1 
ATOM   1092 C C   . GLY B 2 42  ? -10.320 -9.369  -1.089  1.00 27.14 ? 242 GLY H C   1 
ATOM   1093 O O   . GLY B 2 42  ? -10.674 -9.664  0.096   1.00 28.67 ? 242 GLY H O   1 
ATOM   1094 N N   . LYS B 2 43  ? -9.045  -9.144  -1.418  1.00 24.60 ? 243 LYS H N   1 
ATOM   1095 C CA  . LYS B 2 43  ? -7.983  -9.354  -0.428  1.00 20.83 ? 243 LYS H CA  1 
ATOM   1096 C C   . LYS B 2 43  ? -7.269  -8.079  -0.060  1.00 20.28 ? 243 LYS H C   1 
ATOM   1097 O O   . LYS B 2 43  ? -7.765  -6.960  -0.315  1.00 18.93 ? 243 LYS H O   1 
ATOM   1098 C CB  . LYS B 2 43  ? -7.093  -10.407 -1.080  1.00 21.65 ? 243 LYS H CB  1 
ATOM   1099 C CG  . LYS B 2 43  ? -7.903  -11.649 -1.506  0.50 20.24 ? 243 LYS H CG  1 
ATOM   1100 C CD  . LYS B 2 43  ? -6.964  -12.830 -1.519  0.50 22.76 ? 243 LYS H CD  1 
ATOM   1101 C CE  . LYS B 2 43  ? -7.847  -14.062 -1.733  0.50 26.86 ? 243 LYS H CE  1 
ATOM   1102 N NZ  . LYS B 2 43  ? -9.073  -13.564 -2.470  0.50 29.05 ? 243 LYS H NZ  1 
ATOM   1103 N N   . GLY B 2 44  ? -6.113  -8.205  0.603   1.00 19.46 ? 244 GLY H N   1 
ATOM   1104 C CA  . GLY B 2 44  ? -5.393  -6.981  1.038   1.00 18.40 ? 244 GLY H CA  1 
ATOM   1105 C C   . GLY B 2 44  ? -4.364  -6.447  0.018   1.00 17.85 ? 244 GLY H C   1 
ATOM   1106 O O   . GLY B 2 44  ? -4.292  -6.796  -1.168  1.00 17.80 ? 244 GLY H O   1 
ATOM   1107 N N   . LEU B 2 45  ? -3.518  -5.569  0.562   1.00 15.91 ? 245 LEU H N   1 
ATOM   1108 C CA  . LEU B 2 45  ? -2.500  -4.937  -0.252  1.00 14.98 ? 245 LEU H CA  1 
ATOM   1109 C C   . LEU B 2 45  ? -1.277  -5.811  -0.283  1.00 17.34 ? 245 LEU H C   1 
ATOM   1110 O O   . LEU B 2 45  ? -0.923  -6.387  0.793   1.00 19.19 ? 245 LEU H O   1 
ATOM   1111 C CB  . LEU B 2 45  ? -2.277  -3.602  0.420   1.00 12.58 ? 245 LEU H CB  1 
ATOM   1112 C CG  . LEU B 2 45  ? -3.497  -2.657  0.396   1.00 13.67 ? 245 LEU H CG  1 
ATOM   1113 C CD1 . LEU B 2 45  ? -3.054  -1.401  1.176   1.00 13.54 ? 245 LEU H CD1 1 
ATOM   1114 C CD2 . LEU B 2 45  ? -4.006  -2.339  -1.001  1.00 13.05 ? 245 LEU H CD2 1 
ATOM   1115 N N   . GLU B 2 46  ? -0.634  -5.884  -1.432  1.00 15.80 ? 246 GLU H N   1 
ATOM   1116 C CA  . GLU B 2 46  ? 0.584   -6.692  -1.530  1.00 14.70 ? 246 GLU H CA  1 
ATOM   1117 C C   . GLU B 2 46  ? 1.640   -5.788  -2.104  1.00 13.52 ? 246 GLU H C   1 
ATOM   1118 O O   . GLU B 2 46  ? 1.523   -5.234  -3.151  1.00 12.47 ? 246 GLU H O   1 
ATOM   1119 C CB  . GLU B 2 46  ? 0.297   -7.839  -2.445  1.00 16.49 ? 246 GLU H CB  1 
ATOM   1120 C CG  . GLU B 2 46  ? 1.528   -8.667  -2.788  1.00 25.56 ? 246 GLU H CG  1 
ATOM   1121 C CD  . GLU B 2 46  ? 1.262   -9.961  -3.503  1.00 29.02 ? 246 GLU H CD  1 
ATOM   1122 O OE1 . GLU B 2 46  ? 0.187   -10.102 -4.102  1.00 30.46 ? 246 GLU H OE1 1 
ATOM   1123 O OE2 . GLU B 2 46  ? 2.092   -10.825 -3.395  1.00 33.54 ? 246 GLU H OE2 1 
ATOM   1124 N N   . TRP B 2 47  ? 2.741   -5.585  -1.419  1.00 13.69 ? 247 TRP H N   1 
ATOM   1125 C CA  . TRP B 2 47  ? 3.909   -4.810  -1.804  1.00 13.95 ? 247 TRP H CA  1 
ATOM   1126 C C   . TRP B 2 47  ? 4.625   -5.536  -2.951  1.00 13.72 ? 247 TRP H C   1 
ATOM   1127 O O   . TRP B 2 47  ? 5.075   -6.695  -2.824  1.00 14.54 ? 247 TRP H O   1 
ATOM   1128 C CB  . TRP B 2 47  ? 4.820   -4.552  -0.591  1.00 11.96 ? 247 TRP H CB  1 
ATOM   1129 C CG  . TRP B 2 47  ? 5.878   -3.540  -0.935  1.00 12.31 ? 247 TRP H CG  1 
ATOM   1130 C CD1 . TRP B 2 47  ? 5.722   -2.163  -0.948  1.00 11.17 ? 247 TRP H CD1 1 
ATOM   1131 C CD2 . TRP B 2 47  ? 7.275   -3.799  -1.258  1.00 9.82  ? 247 TRP H CD2 1 
ATOM   1132 N NE1 . TRP B 2 47  ? 6.908   -1.559  -1.326  1.00 11.96 ? 247 TRP H NE1 1 
ATOM   1133 C CE2 . TRP B 2 47  ? 7.865   -2.562  -1.476  1.00 9.99  ? 247 TRP H CE2 1 
ATOM   1134 C CE3 . TRP B 2 47  ? 8.010   -4.990  -1.431  1.00 11.00 ? 247 TRP H CE3 1 
ATOM   1135 C CZ2 . TRP B 2 47  ? 9.212   -2.381  -1.760  1.00 11.13 ? 247 TRP H CZ2 1 
ATOM   1136 C CZ3 . TRP B 2 47  ? 9.341   -4.856  -1.746  1.00 10.64 ? 247 TRP H CZ3 1 
ATOM   1137 C CH2 . TRP B 2 47  ? 9.905   -3.600  -1.907  1.00 12.70 ? 247 TRP H CH2 1 
ATOM   1138 N N   . LEU B 2 48  ? 4.862   -4.899  -4.066  1.00 12.00 ? 248 LEU H N   1 
ATOM   1139 C CA  . LEU B 2 48  ? 5.552   -5.524  -5.194  1.00 13.44 ? 248 LEU H CA  1 
ATOM   1140 C C   . LEU B 2 48  ? 6.994   -5.117  -5.356  1.00 12.88 ? 248 LEU H C   1 
ATOM   1141 O O   . LEU B 2 48  ? 7.809   -5.958  -5.652  1.00 13.56 ? 248 LEU H O   1 
ATOM   1142 C CB  . LEU B 2 48  ? 4.750   -5.177  -6.498  1.00 14.89 ? 248 LEU H CB  1 
ATOM   1143 C CG  . LEU B 2 48  ? 3.355   -5.801  -6.652  1.00 17.93 ? 248 LEU H CG  1 
ATOM   1144 C CD1 . LEU B 2 48  ? 2.861   -5.422  -8.026  1.00 18.66 ? 248 LEU H CD1 1 
ATOM   1145 C CD2 . LEU B 2 48  ? 3.311   -7.355  -6.579  1.00 17.72 ? 248 LEU H CD2 1 
ATOM   1146 N N   . GLY B 2 49  ? 7.232   -3.853  -5.184  1.00 12.54 ? 249 GLY H N   1 
ATOM   1147 C CA  . GLY B 2 49  ? 8.623   -3.359  -5.289  1.00 13.66 ? 249 GLY H CA  1 
ATOM   1148 C C   . GLY B 2 49  ? 8.568   -1.847  -5.320  1.00 14.46 ? 249 GLY H C   1 
ATOM   1149 O O   . GLY B 2 49  ? 7.466   -1.239  -5.194  1.00 16.32 ? 249 GLY H O   1 
ATOM   1150 N N   . MET B 2 50  ? 9.806   -1.301  -5.545  1.00 15.08 ? 250 MET H N   1 
ATOM   1151 C CA  . MET B 2 50  ? 9.891   0.174   -5.588  1.00 14.38 ? 250 MET H CA  1 
ATOM   1152 C C   . MET B 2 50  ? 11.134  0.492   -6.410  1.00 15.33 ? 250 MET H C   1 
ATOM   1153 O O   . MET B 2 50  ? 12.032  -0.319  -6.610  1.00 14.05 ? 250 MET H O   1 
ATOM   1154 C CB  . MET B 2 50  ? 10.023  0.710   -4.163  1.00 15.27 ? 250 MET H CB  1 
ATOM   1155 C CG  . MET B 2 50  ? 11.372  0.221   -3.519  1.00 20.74 ? 250 MET H CG  1 
ATOM   1156 S SD  . MET B 2 50  ? 11.545  0.883   -1.769  1.00 25.65 ? 250 MET H SD  1 
ATOM   1157 C CE  . MET B 2 50  ? 11.571  2.675   -2.098  1.00 22.14 ? 250 MET H CE  1 
ATOM   1158 N N   . ILE B 2 51  ? 11.204  1.769   -6.762  1.00 16.87 ? 251 ILE H N   1 
ATOM   1159 C CA  . ILE B 2 51  ? 12.392  2.311   -7.430  1.00 18.18 ? 251 ILE H CA  1 
ATOM   1160 C C   . ILE B 2 51  ? 12.767  3.594   -6.639  1.00 19.09 ? 251 ILE H C   1 
ATOM   1161 O O   . ILE B 2 51  ? 11.936  4.529   -6.528  1.00 19.65 ? 251 ILE H O   1 
ATOM   1162 C CB  . ILE B 2 51  ? 12.213  2.610   -8.950  1.00 17.94 ? 251 ILE H CB  1 
ATOM   1163 C CG1 . ILE B 2 51  ? 13.637  3.080   -9.448  1.00 16.62 ? 251 ILE H CG1 1 
ATOM   1164 C CG2 . ILE B 2 51  ? 11.054  3.598   -9.248  1.00 16.43 ? 251 ILE H CG2 1 
ATOM   1165 C CD1 . ILE B 2 51  ? 13.758  2.773   -11.002 1.00 16.43 ? 251 ILE H CD1 1 
ATOM   1166 N N   . TRP B 2 52  ? 14.009  3.710   -6.141  1.00 19.23 ? 252 TRP H N   1 
ATOM   1167 C CA  . TRP B 2 52  ? 14.345  4.932   -5.377  1.00 17.88 ? 252 TRP H CA  1 
ATOM   1168 C C   . TRP B 2 52  ? 14.610  6.029   -6.377  1.00 17.23 ? 252 TRP H C   1 
ATOM   1169 O O   . TRP B 2 52  ? 14.806  5.743   -7.550  1.00 17.02 ? 252 TRP H O   1 
ATOM   1170 C CB  . TRP B 2 52  ? 15.620  4.665   -4.525  1.00 21.71 ? 252 TRP H CB  1 
ATOM   1171 C CG  . TRP B 2 52  ? 15.472  3.697   -3.398  1.00 23.37 ? 252 TRP H CG  1 
ATOM   1172 C CD1 . TRP B 2 52  ? 15.656  2.298   -3.399  1.00 24.32 ? 252 TRP H CD1 1 
ATOM   1173 C CD2 . TRP B 2 52  ? 15.038  4.014   -2.081  1.00 23.52 ? 252 TRP H CD2 1 
ATOM   1174 N NE1 . TRP B 2 52  ? 15.340  1.784   -2.161  1.00 27.83 ? 252 TRP H NE1 1 
ATOM   1175 C CE2 . TRP B 2 52  ? 14.985  2.811   -1.335  1.00 24.99 ? 252 TRP H CE2 1 
ATOM   1176 C CE3 . TRP B 2 52  ? 14.740  5.225   -1.537  1.00 25.86 ? 252 TRP H CE3 1 
ATOM   1177 C CZ2 . TRP B 2 52  ? 14.623  2.727   -0.015  1.00 27.72 ? 252 TRP H CZ2 1 
ATOM   1178 C CZ3 . TRP B 2 52  ? 14.347  5.120   -0.185  1.00 29.84 ? 252 TRP H CZ3 1 
ATOM   1179 C CH2 . TRP B 2 52  ? 14.267  3.945   0.568   1.00 28.41 ? 252 TRP H CH2 1 
ATOM   1180 N N   . GLY B 2 53  ? 14.741  7.246   -5.939  1.00 18.31 ? 253 GLY H N   1 
ATOM   1181 C CA  . GLY B 2 53  ? 15.007  8.457   -6.742  1.00 19.02 ? 253 GLY H CA  1 
ATOM   1182 C C   . GLY B 2 53  ? 16.317  8.235   -7.494  1.00 21.60 ? 253 GLY H C   1 
ATOM   1183 O O   . GLY B 2 53  ? 16.480  8.714   -8.651  1.00 22.70 ? 253 GLY H O   1 
ATOM   1184 N N   . ASP B 2 54  ? 17.245  7.464   -6.910  1.00 21.82 ? 254 ASP H N   1 
ATOM   1185 C CA  . ASP B 2 54  ? 18.528  7.264   -7.591  1.00 22.73 ? 254 ASP H CA  1 
ATOM   1186 C C   . ASP B 2 54  ? 18.528  6.124   -8.577  1.00 24.06 ? 254 ASP H C   1 
ATOM   1187 O O   . ASP B 2 54  ? 19.575  5.761   -9.135  1.00 25.04 ? 254 ASP H O   1 
ATOM   1188 C CB  . ASP B 2 54  ? 19.594  7.126   -6.493  1.00 22.30 ? 254 ASP H CB  1 
ATOM   1189 C CG  . ASP B 2 54  ? 19.378  5.844   -5.727  1.00 24.55 ? 254 ASP H CG  1 
ATOM   1190 O OD1 . ASP B 2 54  ? 18.364  5.147   -5.852  1.00 23.19 ? 254 ASP H OD1 1 
ATOM   1191 O OD2 . ASP B 2 54  ? 20.370  5.566   -4.981  1.00 26.57 ? 254 ASP H OD2 1 
ATOM   1192 N N   . GLY B 2 55  ? 17.373  5.524   -8.802  1.00 23.79 ? 255 GLY H N   1 
ATOM   1193 C CA  . GLY B 2 55  ? 17.284  4.426   -9.765  1.00 22.05 ? 255 GLY H CA  1 
ATOM   1194 C C   . GLY B 2 55  ? 17.495  3.092   -9.068  1.00 21.34 ? 255 GLY H C   1 
ATOM   1195 O O   . GLY B 2 55  ? 17.258  2.122   -9.852  1.00 21.72 ? 255 GLY H O   1 
ATOM   1196 N N   . ASN B 2 56  ? 17.857  3.036   -7.791  1.00 19.84 ? 256 ASN H N   1 
ATOM   1197 C CA  . ASN B 2 56  ? 17.963  1.624   -7.305  1.00 19.61 ? 256 ASN H CA  1 
ATOM   1198 C C   . ASN B 2 56  ? 16.539  1.044   -7.135  1.00 18.21 ? 256 ASN H C   1 
ATOM   1199 O O   . ASN B 2 56  ? 15.562  1.835   -6.938  1.00 19.30 ? 256 ASN H O   1 
ATOM   1200 C CB  . ASN B 2 56  ? 18.714  1.450   -5.997  1.00 23.34 ? 256 ASN H CB  1 
ATOM   1201 C CG  . ASN B 2 56  ? 20.142  1.807   -6.315  1.00 30.84 ? 256 ASN H CG  1 
ATOM   1202 O OD1 . ASN B 2 56  ? 20.890  0.982   -6.872  1.00 36.21 ? 256 ASN H OD1 1 
ATOM   1203 N ND2 . ASN B 2 56  ? 20.697  2.986   -6.094  1.00 33.66 ? 256 ASN H ND2 1 
ATOM   1204 N N   . THR B 2 57  ? 16.499  -0.264  -7.261  1.00 17.39 ? 257 THR H N   1 
ATOM   1205 C CA  . THR B 2 57  ? 15.208  -0.950  -7.098  1.00 18.81 ? 257 THR H CA  1 
ATOM   1206 C C   . THR B 2 57  ? 15.211  -2.029  -6.042  1.00 17.86 ? 257 THR H C   1 
ATOM   1207 O O   . THR B 2 57  ? 16.271  -2.573  -5.631  1.00 17.40 ? 257 THR H O   1 
ATOM   1208 C CB  . THR B 2 57  ? 14.669  -1.585  -8.452  1.00 18.17 ? 257 THR H CB  1 
ATOM   1209 O OG1 . THR B 2 57  ? 15.733  -2.530  -8.821  1.00 23.48 ? 257 THR H OG1 1 
ATOM   1210 C CG2 . THR B 2 57  ? 14.401  -0.610  -9.568  1.00 19.13 ? 257 THR H CG2 1 
ATOM   1211 N N   . ALA B 2 58  ? 13.991  -2.378  -5.620  1.00 17.26 ? 258 ALA H N   1 
ATOM   1212 C CA  . ALA B 2 58  ? 13.876  -3.476  -4.658  1.00 17.08 ? 258 ALA H CA  1 
ATOM   1213 C C   . ALA B 2 58  ? 12.572  -4.183  -5.007  1.00 17.98 ? 258 ALA H C   1 
ATOM   1214 O O   . ALA B 2 58  ? 11.661  -3.494  -5.492  1.00 17.36 ? 258 ALA H O   1 
ATOM   1215 C CB  . ALA B 2 58  ? 13.873  -2.972  -3.198  1.00 18.10 ? 258 ALA H CB  1 
ATOM   1216 N N   . TYR B 2 59  ? 12.496  -5.468  -4.700  1.00 18.21 ? 259 TYR H N   1 
ATOM   1217 C CA  . TYR B 2 59  ? 11.294  -6.243  -5.038  1.00 17.98 ? 259 TYR H CA  1 
ATOM   1218 C C   . TYR B 2 59  ? 10.802  -7.213  -4.000  1.00 19.65 ? 259 TYR H C   1 
ATOM   1219 O O   . TYR B 2 59  ? 11.506  -7.654  -3.039  1.00 21.14 ? 259 TYR H O   1 
ATOM   1220 C CB  . TYR B 2 59  ? 11.698  -7.189  -6.231  1.00 17.51 ? 259 TYR H CB  1 
ATOM   1221 C CG  . TYR B 2 59  ? 12.156  -6.430  -7.441  1.00 19.21 ? 259 TYR H CG  1 
ATOM   1222 C CD1 . TYR B 2 59  ? 11.157  -5.962  -8.283  1.00 19.41 ? 259 TYR H CD1 1 
ATOM   1223 C CD2 . TYR B 2 59  ? 13.499  -6.130  -7.710  1.00 21.17 ? 259 TYR H CD2 1 
ATOM   1224 C CE1 . TYR B 2 59  ? 11.508  -5.240  -9.421  1.00 21.39 ? 259 TYR H CE1 1 
ATOM   1225 C CE2 . TYR B 2 59  ? 13.853  -5.424  -8.856  1.00 22.26 ? 259 TYR H CE2 1 
ATOM   1226 C CZ  . TYR B 2 59  ? 12.830  -4.986  -9.730  1.00 21.92 ? 259 TYR H CZ  1 
ATOM   1227 O OH  . TYR B 2 59  ? 13.076  -4.294  -10.885 1.00 19.92 ? 259 TYR H OH  1 
ATOM   1228 N N   . ASN B 2 60  ? 9.532   -7.576  -4.168  1.00 19.62 ? 260 ASN H N   1 
ATOM   1229 C CA  . ASN B 2 60  ? 8.984   -8.609  -3.275  1.00 18.93 ? 260 ASN H CA  1 
ATOM   1230 C C   . ASN B 2 60  ? 9.804   -9.863  -3.583  1.00 20.97 ? 260 ASN H C   1 
ATOM   1231 O O   . ASN B 2 60  ? 9.996   -10.311 -4.714  1.00 21.63 ? 260 ASN H O   1 
ATOM   1232 C CB  . ASN B 2 60  ? 7.551   -8.652  -3.725  1.00 20.03 ? 260 ASN H CB  1 
ATOM   1233 C CG  . ASN B 2 60  ? 6.819   -9.866  -3.202  1.00 23.91 ? 260 ASN H CG  1 
ATOM   1234 O OD1 . ASN B 2 60  ? 7.175   -11.031 -3.366  1.00 25.84 ? 260 ASN H OD1 1 
ATOM   1235 N ND2 . ASN B 2 60  ? 5.676   -9.519  -2.575  1.00 26.21 ? 260 ASN H ND2 1 
ATOM   1236 N N   . SER B 2 61  ? 10.268  -10.555 -2.590  1.00 22.31 ? 261 SER H N   1 
ATOM   1237 C CA  . SER B 2 61  ? 11.029  -11.761 -2.612  1.00 26.45 ? 261 SER H CA  1 
ATOM   1238 C C   . SER B 2 61  ? 10.321  -12.832 -3.452  1.00 27.07 ? 261 SER H C   1 
ATOM   1239 O O   . SER B 2 61  ? 10.982  -13.409 -4.314  1.00 28.70 ? 261 SER H O   1 
ATOM   1240 C CB  . SER B 2 61  ? 11.153  -12.329 -1.171  1.00 29.81 ? 261 SER H CB  1 
ATOM   1241 O OG  . SER B 2 61  ? 11.967  -11.439 -0.428  1.00 36.71 ? 261 SER H OG  1 
ATOM   1242 N N   . ALA B 2 62  ? 9.085   -13.156 -3.195  1.00 26.83 ? 262 ALA H N   1 
ATOM   1243 C CA  . ALA B 2 62  ? 8.347   -14.168 -3.907  1.00 26.23 ? 262 ALA H CA  1 
ATOM   1244 C C   . ALA B 2 62  ? 8.218   -13.854 -5.399  1.00 27.86 ? 262 ALA H C   1 
ATOM   1245 O O   . ALA B 2 62  ? 8.339   -14.841 -6.134  1.00 29.52 ? 262 ALA H O   1 
ATOM   1246 C CB  . ALA B 2 62  ? 6.935   -14.259 -3.363  1.00 23.12 ? 262 ALA H CB  1 
ATOM   1247 N N   . LEU B 2 63  ? 7.995   -12.632 -5.862  1.00 26.61 ? 263 LEU H N   1 
ATOM   1248 C CA  . LEU B 2 63  ? 7.807   -12.333 -7.274  1.00 24.32 ? 263 LEU H CA  1 
ATOM   1249 C C   . LEU B 2 63  ? 8.959   -11.785 -8.098  1.00 24.30 ? 263 LEU H C   1 
ATOM   1250 O O   . LEU B 2 63  ? 8.913   -11.538 -9.308  1.00 24.03 ? 263 LEU H O   1 
ATOM   1251 C CB  . LEU B 2 63  ? 6.666   -11.282 -7.126  1.00 25.60 ? 263 LEU H CB  1 
ATOM   1252 C CG  . LEU B 2 63  ? 5.302   -11.730 -6.647  1.00 26.94 ? 263 LEU H CG  1 
ATOM   1253 C CD1 . LEU B 2 63  ? 4.346   -10.613 -6.223  1.00 25.66 ? 263 LEU H CD1 1 
ATOM   1254 C CD2 . LEU B 2 63  ? 4.692   -12.387 -7.914  1.00 29.66 ? 263 LEU H CD2 1 
ATOM   1255 N N   . LYS B 2 64  ? 10.064  -11.482 -7.440  1.00 24.21 ? 264 LYS H N   1 
ATOM   1256 C CA  . LYS B 2 64  ? 11.270  -10.890 -7.935  1.00 24.47 ? 264 LYS H CA  1 
ATOM   1257 C C   . LYS B 2 64  ? 11.691  -11.416 -9.310  1.00 27.16 ? 264 LYS H C   1 
ATOM   1258 O O   . LYS B 2 64  ? 12.097  -10.619 -10.165 1.00 27.31 ? 264 LYS H O   1 
ATOM   1259 C CB  . LYS B 2 64  ? 12.441  -11.136 -6.960  1.00 20.80 ? 264 LYS H CB  1 
ATOM   1260 C CG  . LYS B 2 64  ? 13.587  -10.202 -7.336  0.50 21.69 ? 264 LYS H CG  1 
ATOM   1261 C CD  . LYS B 2 64  ? 14.754  -10.297 -6.368  0.50 22.61 ? 264 LYS H CD  1 
ATOM   1262 C CE  . LYS B 2 64  ? 15.725  -9.205  -6.773  0.50 24.50 ? 264 LYS H CE  1 
ATOM   1263 N NZ  . LYS B 2 64  ? 17.090  -9.567  -6.295  0.50 27.92 ? 264 LYS H NZ  1 
ATOM   1264 N N   . SER B 2 65  ? 11.645  -12.754 -9.489  1.00 28.08 ? 265 SER H N   1 
ATOM   1265 C CA  . SER B 2 65  ? 12.131  -13.217 -10.804 1.00 28.60 ? 265 SER H CA  1 
ATOM   1266 C C   . SER B 2 65  ? 11.104  -12.883 -11.874 1.00 29.39 ? 265 SER H C   1 
ATOM   1267 O O   . SER B 2 65  ? 11.532  -13.017 -13.042 1.00 31.04 ? 265 SER H O   1 
ATOM   1268 C CB  . SER B 2 65  ? 12.447  -14.676 -10.644 1.00 30.48 ? 265 SER H CB  1 
ATOM   1269 O OG  . SER B 2 65  ? 11.214  -15.332 -10.365 1.00 35.05 ? 265 SER H OG  1 
ATOM   1270 N N   . ARG B 2 66  ? 9.863   -12.470 -11.578 1.00 27.52 ? 266 ARG H N   1 
ATOM   1271 C CA  . ARG B 2 66  ? 8.934   -12.150 -12.684 1.00 26.08 ? 266 ARG H CA  1 
ATOM   1272 C C   . ARG B 2 66  ? 8.703   -10.626 -12.818 1.00 24.63 ? 266 ARG H C   1 
ATOM   1273 O O   . ARG B 2 66  ? 7.961   -10.231 -13.705 1.00 24.75 ? 266 ARG H O   1 
ATOM   1274 C CB  . ARG B 2 66  ? 7.563   -12.736 -12.465 1.00 25.23 ? 266 ARG H CB  1 
ATOM   1275 C CG  . ARG B 2 66  ? 7.475   -14.208 -12.327 1.00 26.25 ? 266 ARG H CG  1 
ATOM   1276 C CD  . ARG B 2 66  ? 6.061   -14.625 -12.717 1.00 27.95 ? 266 ARG H CD  1 
ATOM   1277 N NE  . ARG B 2 66  ? 5.090   -14.389 -11.675 1.00 25.66 ? 266 ARG H NE  1 
ATOM   1278 C CZ  . ARG B 2 66  ? 3.883   -13.833 -11.845 1.00 25.36 ? 266 ARG H CZ  1 
ATOM   1279 N NH1 . ARG B 2 66  ? 3.361   -13.379 -12.947 1.00 23.64 ? 266 ARG H NH1 1 
ATOM   1280 N NH2 . ARG B 2 66  ? 3.251   -13.707 -10.645 1.00 27.17 ? 266 ARG H NH2 1 
ATOM   1281 N N   . LEU B 2 67  ? 9.328   -9.812  -12.000 1.00 24.13 ? 267 LEU H N   1 
ATOM   1282 C CA  . LEU B 2 67  ? 9.151   -8.351  -12.044 1.00 24.15 ? 267 LEU H CA  1 
ATOM   1283 C C   . LEU B 2 67  ? 10.288  -7.451  -12.469 1.00 23.25 ? 267 LEU H C   1 
ATOM   1284 O O   . LEU B 2 67  ? 11.396  -7.923  -12.151 1.00 24.07 ? 267 LEU H O   1 
ATOM   1285 C CB  . LEU B 2 67  ? 8.896   -8.006  -10.550 1.00 26.49 ? 267 LEU H CB  1 
ATOM   1286 C CG  . LEU B 2 67  ? 7.594   -8.466  -9.986  1.00 28.03 ? 267 LEU H CG  1 
ATOM   1287 C CD1 . LEU B 2 67  ? 7.523   -8.064  -8.523  1.00 28.28 ? 267 LEU H CD1 1 
ATOM   1288 C CD2 . LEU B 2 67  ? 6.450   -7.726  -10.692 1.00 31.02 ? 267 LEU H CD2 1 
ATOM   1289 N N   . SER B 2 68  ? 10.055  -6.277  -13.032 1.00 22.77 ? 268 SER H N   1 
ATOM   1290 C CA  . SER B 2 68  ? 11.027  -5.290  -13.425 1.00 21.43 ? 268 SER H CA  1 
ATOM   1291 C C   . SER B 2 68  ? 10.264  -3.957  -13.266 1.00 20.41 ? 268 SER H C   1 
ATOM   1292 O O   . SER B 2 68  ? 9.131   -3.794  -13.729 1.00 20.48 ? 268 SER H O   1 
ATOM   1293 C CB  . SER B 2 68  ? 11.553  -4.907  -14.819 1.00 23.49 ? 268 SER H CB  1 
ATOM   1294 O OG  . SER B 2 68  ? 11.484  -6.065  -15.526 1.00 29.66 ? 268 SER H OG  1 
ATOM   1295 N N   . ILE B 2 69  ? 11.109  -3.115  -12.684 1.00 19.68 ? 269 ILE H N   1 
ATOM   1296 C CA  . ILE B 2 69  ? 10.585  -1.739  -12.462 1.00 18.07 ? 269 ILE H CA  1 
ATOM   1297 C C   . ILE B 2 69  ? 11.600  -0.808  -13.061 1.00 18.71 ? 269 ILE H C   1 
ATOM   1298 O O   . ILE B 2 69  ? 12.791  -1.011  -12.810 1.00 19.18 ? 269 ILE H O   1 
ATOM   1299 C CB  . ILE B 2 69  ? 10.300  -1.468  -10.931 1.00 18.30 ? 269 ILE H CB  1 
ATOM   1300 C CG1 . ILE B 2 69  ? 9.141   -2.399  -10.409 1.00 16.95 ? 269 ILE H CG1 1 
ATOM   1301 C CG2 . ILE B 2 69  ? 9.991   0.069   -10.666 1.00 17.05 ? 269 ILE H CG2 1 
ATOM   1302 C CD1 . ILE B 2 69  ? 9.014   -2.405  -8.847  1.00 15.01 ? 269 ILE H CD1 1 
ATOM   1303 N N   . SER B 2 70  ? 11.138  0.216   -13.743 1.00 18.11 ? 270 SER H N   1 
ATOM   1304 C CA  . SER B 2 70  ? 12.156  1.150   -14.274 1.00 17.03 ? 270 SER H CA  1 
ATOM   1305 C C   . SER B 2 70  ? 11.440  2.476   -14.359 1.00 15.51 ? 270 SER H C   1 
ATOM   1306 O O   . SER B 2 70  ? 10.250  2.529   -14.037 1.00 12.36 ? 270 SER H O   1 
ATOM   1307 C CB  . SER B 2 70  ? 12.653  0.601   -15.616 1.00 20.63 ? 270 SER H CB  1 
ATOM   1308 O OG  . SER B 2 70  ? 11.584  0.644   -16.589 1.00 23.27 ? 270 SER H OG  1 
ATOM   1309 N N   . LYS B 2 71  ? 12.077  3.470   -14.861 1.00 14.52 ? 271 LYS H N   1 
ATOM   1310 C CA  . LYS B 2 71  ? 11.426  4.763   -14.960 1.00 17.69 ? 271 LYS H CA  1 
ATOM   1311 C C   . LYS B 2 71  ? 12.150  5.648   -15.935 1.00 21.05 ? 271 LYS H C   1 
ATOM   1312 O O   . LYS B 2 71  ? 13.343  5.430   -16.222 1.00 23.50 ? 271 LYS H O   1 
ATOM   1313 C CB  . LYS B 2 71  ? 11.453  5.526   -13.621 1.00 17.51 ? 271 LYS H CB  1 
ATOM   1314 C CG  . LYS B 2 71  ? 12.835  5.832   -13.030 1.00 15.98 ? 271 LYS H CG  1 
ATOM   1315 C CD  . LYS B 2 71  ? 12.572  6.631   -11.754 1.00 17.28 ? 271 LYS H CD  1 
ATOM   1316 C CE  . LYS B 2 71  ? 13.933  6.764   -11.064 1.00 20.47 ? 271 LYS H CE  1 
ATOM   1317 N NZ  . LYS B 2 71  ? 14.168  8.043   -10.404 1.00 22.50 ? 271 LYS H NZ  1 
ATOM   1318 N N   . ASP B 2 72  ? 11.498  6.685   -16.404 1.00 22.84 ? 272 ASP H N   1 
ATOM   1319 C CA  . ASP B 2 72  ? 12.020  7.691   -17.319 1.00 21.38 ? 272 ASP H CA  1 
ATOM   1320 C C   . ASP B 2 72  ? 11.790  9.019   -16.625 1.00 19.74 ? 272 ASP H C   1 
ATOM   1321 O O   . ASP B 2 72  ? 10.722  9.603   -16.604 1.00 20.19 ? 272 ASP H O   1 
ATOM   1322 C CB  . ASP B 2 72  ? 11.294  7.668   -18.634 1.00 26.88 ? 272 ASP H CB  1 
ATOM   1323 C CG  . ASP B 2 72  ? 12.045  8.570   -19.638 1.00 31.41 ? 272 ASP H CG  1 
ATOM   1324 O OD1 . ASP B 2 72  ? 12.498  9.700   -19.331 1.00 33.76 ? 272 ASP H OD1 1 
ATOM   1325 O OD2 . ASP B 2 72  ? 12.133  7.988   -20.744 1.00 34.70 ? 272 ASP H OD2 1 
ATOM   1326 N N   . ASN B 2 73  ? 12.888  9.491   -16.127 1.00 21.51 ? 273 ASN H N   1 
ATOM   1327 C CA  . ASN B 2 73  ? 12.812  10.759  -15.388 1.00 24.48 ? 273 ASN H CA  1 
ATOM   1328 C C   . ASN B 2 73  ? 12.378  11.829  -16.381 1.00 26.14 ? 273 ASN H C   1 
ATOM   1329 O O   . ASN B 2 73  ? 11.587  12.624  -15.888 1.00 27.32 ? 273 ASN H O   1 
ATOM   1330 C CB  . ASN B 2 73  ? 14.081  11.212  -14.718 1.00 27.62 ? 273 ASN H CB  1 
ATOM   1331 C CG  . ASN B 2 73  ? 14.476  10.290  -13.598 1.00 31.94 ? 273 ASN H CG  1 
ATOM   1332 O OD1 . ASN B 2 73  ? 13.770  10.147  -12.589 1.00 33.91 ? 273 ASN H OD1 1 
ATOM   1333 N ND2 . ASN B 2 73  ? 15.667  9.683   -13.719 1.00 34.91 ? 273 ASN H ND2 1 
ATOM   1334 N N   . SER B 2 74  ? 12.845  11.743  -17.618 1.00 26.87 ? 274 SER H N   1 
ATOM   1335 C CA  . SER B 2 74  ? 12.431  12.892  -18.475 1.00 27.18 ? 274 SER H CA  1 
ATOM   1336 C C   . SER B 2 74  ? 10.978  12.841  -18.834 1.00 26.13 ? 274 SER H C   1 
ATOM   1337 O O   . SER B 2 74  ? 10.369  13.920  -18.966 1.00 26.68 ? 274 SER H O   1 
ATOM   1338 C CB  . SER B 2 74  ? 13.410  13.043  -19.635 1.00 30.62 ? 274 SER H CB  1 
ATOM   1339 O OG  . SER B 2 74  ? 13.059  12.283  -20.776 1.00 35.63 ? 274 SER H OG  1 
ATOM   1340 N N   . LYS B 2 75  ? 10.435  11.686  -18.930 1.00 25.26 ? 275 LYS H N   1 
ATOM   1341 C CA  . LYS B 2 75  ? 9.001   11.485  -19.296 1.00 23.47 ? 275 LYS H CA  1 
ATOM   1342 C C   . LYS B 2 75  ? 8.194   11.474  -18.023 1.00 24.18 ? 275 LYS H C   1 
ATOM   1343 O O   . LYS B 2 75  ? 6.917   11.585  -18.064 1.00 23.84 ? 275 LYS H O   1 
ATOM   1344 C CB  . LYS B 2 75  ? 8.983   10.297  -20.285 1.00 25.36 ? 275 LYS H CB  1 
ATOM   1345 N N   . SER B 2 76  ? 8.827   11.472  -16.830 1.00 22.49 ? 276 SER H N   1 
ATOM   1346 C CA  . SER B 2 76  ? 8.095   11.490  -15.559 1.00 20.35 ? 276 SER H CA  1 
ATOM   1347 C C   . SER B 2 76  ? 7.243   10.236  -15.447 1.00 18.84 ? 276 SER H C   1 
ATOM   1348 O O   . SER B 2 76  ? 6.052   10.345  -15.071 1.00 18.25 ? 276 SER H O   1 
ATOM   1349 C CB  . SER B 2 76  ? 7.185   12.712  -15.519 1.00 22.88 ? 276 SER H CB  1 
ATOM   1350 O OG  . SER B 2 76  ? 7.621   13.602  -14.493 1.00 30.67 ? 276 SER H OG  1 
ATOM   1351 N N   . GLN B 2 77  ? 7.786   9.106   -15.854 1.00 19.25 ? 277 GLN H N   1 
ATOM   1352 C CA  . GLN B 2 77  ? 7.012   7.817   -15.870 1.00 18.52 ? 277 GLN H CA  1 
ATOM   1353 C C   . GLN B 2 77  ? 7.787   6.711   -15.201 1.00 17.80 ? 277 GLN H C   1 
ATOM   1354 O O   . GLN B 2 77  ? 9.025   6.669   -15.398 1.00 18.80 ? 277 GLN H O   1 
ATOM   1355 C CB  . GLN B 2 77  ? 6.635   7.267   -17.257 1.00 17.73 ? 277 GLN H CB  1 
ATOM   1356 C CG  . GLN B 2 77  ? 5.597   8.226   -17.839 1.00 21.02 ? 277 GLN H CG  1 
ATOM   1357 C CD  . GLN B 2 77  ? 5.245   7.885   -19.282 1.00 25.27 ? 277 GLN H CD  1 
ATOM   1358 O OE1 . GLN B 2 77  ? 6.073   7.353   -20.003 1.00 27.75 ? 277 GLN H OE1 1 
ATOM   1359 N NE2 . GLN B 2 77  ? 4.010   8.138   -19.724 1.00 26.67 ? 277 GLN H NE2 1 
ATOM   1360 N N   . VAL B 2 78  ? 7.024   5.894   -14.506 1.00 16.11 ? 278 VAL H N   1 
ATOM   1361 C CA  . VAL B 2 78  ? 7.597   4.756   -13.787 1.00 14.37 ? 278 VAL H CA  1 
ATOM   1362 C C   . VAL B 2 78  ? 6.905   3.590   -14.430 1.00 14.05 ? 278 VAL H C   1 
ATOM   1363 O O   . VAL B 2 78  ? 5.713   3.720   -14.712 1.00 14.38 ? 278 VAL H O   1 
ATOM   1364 C CB  . VAL B 2 78  ? 7.350   4.857   -12.235 1.00 13.73 ? 278 VAL H CB  1 
ATOM   1365 C CG1 . VAL B 2 78  ? 7.879   3.642   -11.511 1.00 12.12 ? 278 VAL H CG1 1 
ATOM   1366 C CG2 . VAL B 2 78  ? 7.875   6.172   -11.720 1.00 14.08 ? 278 VAL H CG2 1 
ATOM   1367 N N   . PHE B 2 79  ? 7.631   2.522   -14.644 1.00 15.68 ? 279 PHE H N   1 
ATOM   1368 C CA  . PHE B 2 79  ? 6.994   1.352   -15.300 1.00 16.53 ? 279 PHE H CA  1 
ATOM   1369 C C   . PHE B 2 79  ? 7.111   0.152   -14.392 1.00 17.40 ? 279 PHE H C   1 
ATOM   1370 O O   . PHE B 2 79  ? 8.096   -0.021  -13.630 1.00 18.41 ? 279 PHE H O   1 
ATOM   1371 C CB  . PHE B 2 79  ? 7.674   1.037   -16.681 1.00 16.59 ? 279 PHE H CB  1 
ATOM   1372 C CG  . PHE B 2 79  ? 7.897   2.296   -17.486 1.00 18.67 ? 279 PHE H CG  1 
ATOM   1373 C CD1 . PHE B 2 79  ? 6.812   2.865   -18.209 1.00 19.93 ? 279 PHE H CD1 1 
ATOM   1374 C CD2 . PHE B 2 79  ? 9.132   2.945   -17.464 1.00 19.26 ? 279 PHE H CD2 1 
ATOM   1375 C CE1 . PHE B 2 79  ? 6.944   4.045   -19.006 1.00 18.77 ? 279 PHE H CE1 1 
ATOM   1376 C CE2 . PHE B 2 79  ? 9.278   4.125   -18.196 1.00 21.00 ? 279 PHE H CE2 1 
ATOM   1377 C CZ  . PHE B 2 79  ? 8.208   4.640   -18.959 1.00 20.52 ? 279 PHE H CZ  1 
ATOM   1378 N N   . LEU B 2 80  ? 6.108   -0.685  -14.587 1.00 17.29 ? 280 LEU H N   1 
ATOM   1379 C CA  . LEU B 2 80  ? 6.120   -1.992  -13.910 1.00 18.49 ? 280 LEU H CA  1 
ATOM   1380 C C   . LEU B 2 80  ? 5.942   -3.053  -15.057 1.00 18.57 ? 280 LEU H C   1 
ATOM   1381 O O   . LEU B 2 80  ? 4.974   -2.893  -15.840 1.00 20.04 ? 280 LEU H O   1 
ATOM   1382 C CB  . LEU B 2 80  ? 5.066   -2.190  -12.831 1.00 18.14 ? 280 LEU H CB  1 
ATOM   1383 C CG  . LEU B 2 80  ? 4.860   -3.656  -12.364 1.00 18.59 ? 280 LEU H CG  1 
ATOM   1384 C CD1 . LEU B 2 80  ? 5.902   -4.062  -11.331 1.00 21.33 ? 280 LEU H CD1 1 
ATOM   1385 C CD2 . LEU B 2 80  ? 3.491   -3.775  -11.738 1.00 22.88 ? 280 LEU H CD2 1 
ATOM   1386 N N   . GLU B 2 81  ? 6.783   -4.067  -15.010 0.50 17.79 ? 281 GLU H N   1 
ATOM   1387 C CA  . GLU B 2 81  ? 6.632   -5.111  -16.001 1.00 19.20 ? 281 GLU H CA  1 
ATOM   1388 C C   . GLU B 2 81  ? 6.657   -6.436  -15.264 1.00 21.52 ? 281 GLU H C   1 
ATOM   1389 O O   . GLU B 2 81  ? 7.438   -6.675  -14.359 1.00 20.90 ? 281 GLU H O   1 
ATOM   1390 C CB  . GLU B 2 81  ? 7.687   -5.201  -17.116 1.00 21.46 ? 281 GLU H CB  1 
ATOM   1391 C CG  . GLU B 2 81  ? 7.839   -3.825  -17.826 1.00 24.07 ? 281 GLU H CG  1 
ATOM   1392 C CD  . GLU B 2 81  ? 8.725   -3.746  -19.019 0.50 24.30 ? 281 GLU H CD  1 
ATOM   1393 O OE1 . GLU B 2 81  ? 9.911   -3.548  -18.683 0.50 22.96 ? 281 GLU H OE1 1 
ATOM   1394 O OE2 . GLU B 2 81  ? 8.213   -3.889  -20.125 0.50 26.10 ? 281 GLU H OE2 1 
ATOM   1395 N N   . MET B 2 82  ? 5.724   -7.307  -15.680 1.00 22.78 ? 282 MET H N   1 
ATOM   1396 C CA  . MET B 2 82  ? 5.538   -8.637  -15.093 1.00 24.30 ? 282 MET H CA  1 
ATOM   1397 C C   . MET B 2 82  ? 5.273   -9.608  -16.245 1.00 25.13 ? 282 MET H C   1 
ATOM   1398 O O   . MET B 2 82  ? 4.520   -9.530  -17.216 1.00 24.53 ? 282 MET H O   1 
ATOM   1399 C CB  . MET B 2 82  ? 4.435   -8.565  -14.072 1.00 26.97 ? 282 MET H CB  1 
ATOM   1400 C CG  . MET B 2 82  ? 4.490   -9.610  -12.994 1.00 34.24 ? 282 MET H CG  1 
ATOM   1401 S SD  . MET B 2 82  ? 3.006   -9.739  -11.875 1.00 37.41 ? 282 MET H SD  1 
ATOM   1402 C CE  . MET B 2 82  ? 2.599   -7.938  -11.867 1.00 36.94 ? 282 MET H CE  1 
ATOM   1403 N N   . ASP B 2 83  ? 6.104   -10.623 -16.116 1.00 27.02 ? 283 ASP H N   1 
ATOM   1404 C CA  . ASP B 2 83  ? 6.224   -11.785 -16.984 1.00 27.67 ? 283 ASP H CA  1 
ATOM   1405 C C   . ASP B 2 83  ? 5.356   -12.927 -16.428 1.00 28.00 ? 283 ASP H C   1 
ATOM   1406 O O   . ASP B 2 83  ? 4.974   -13.036 -15.242 1.00 28.03 ? 283 ASP H O   1 
ATOM   1407 C CB  . ASP B 2 83  ? 7.633   -12.393 -16.969 0.50 28.15 ? 283 ASP H CB  1 
ATOM   1408 C CG  . ASP B 2 83  ? 8.510   -11.572 -17.879 0.50 33.54 ? 283 ASP H CG  1 
ATOM   1409 O OD1 . ASP B 2 83  ? 7.985   -10.895 -18.810 0.50 36.21 ? 283 ASP H OD1 1 
ATOM   1410 O OD2 . ASP B 2 83  ? 9.726   -11.687 -17.554 0.50 35.41 ? 283 ASP H OD2 1 
ATOM   1411 N N   . SER B 2 84  ? 5.166   -13.754 -17.456 1.00 28.22 ? 284 SER H N   1 
ATOM   1412 C CA  . SER B 2 84  ? 4.467   -15.047 -17.237 1.00 26.57 ? 284 SER H CA  1 
ATOM   1413 C C   . SER B 2 84  ? 3.290   -14.947 -16.300 1.00 24.97 ? 284 SER H C   1 
ATOM   1414 O O   . SER B 2 84  ? 3.284   -15.508 -15.198 1.00 24.20 ? 284 SER H O   1 
ATOM   1415 C CB  . SER B 2 84  ? 5.722   -15.813 -16.760 1.00 28.37 ? 284 SER H CB  1 
ATOM   1416 N N   . LEU B 2 85  ? 2.293   -14.164 -16.793 1.00 25.13 ? 285 LEU H N   1 
ATOM   1417 C CA  . LEU B 2 85  ? 1.067   -13.937 -16.026 1.00 23.31 ? 285 LEU H CA  1 
ATOM   1418 C C   . LEU B 2 85  ? 0.294   -15.232 -15.770 1.00 24.67 ? 285 LEU H C   1 
ATOM   1419 O O   . LEU B 2 85  ? 0.214   -16.179 -16.591 1.00 24.17 ? 285 LEU H O   1 
ATOM   1420 C CB  . LEU B 2 85  ? 0.191   -12.903 -16.728 1.00 23.35 ? 285 LEU H CB  1 
ATOM   1421 C CG  . LEU B 2 85  ? 0.838   -11.539 -16.940 1.00 24.52 ? 285 LEU H CG  1 
ATOM   1422 C CD1 . LEU B 2 85  ? -0.034  -10.772 -17.908 1.00 21.51 ? 285 LEU H CD1 1 
ATOM   1423 C CD2 . LEU B 2 85  ? 0.948   -10.815 -15.606 1.00 24.04 ? 285 LEU H CD2 1 
ATOM   1424 N N   . HIS B 2 86  ? -0.262  -15.232 -14.547 1.00 23.70 ? 286 HIS H N   1 
ATOM   1425 C CA  . HIS B 2 86  ? -1.075  -16.331 -14.025 1.00 22.14 ? 286 HIS H CA  1 
ATOM   1426 C C   . HIS B 2 86  ? -2.435  -15.721 -13.851 1.00 21.69 ? 286 HIS H C   1 
ATOM   1427 O O   . HIS B 2 86  ? -2.497  -14.493 -13.650 1.00 21.61 ? 286 HIS H O   1 
ATOM   1428 C CB  . HIS B 2 86  ? -0.527  -16.793 -12.652 1.00 22.18 ? 286 HIS H CB  1 
ATOM   1429 C CG  . HIS B 2 86  ? 0.903   -17.217 -12.760 0.50 20.03 ? 286 HIS H CG  1 
ATOM   1430 N ND1 . HIS B 2 86  ? 1.366   -17.934 -13.837 0.50 20.01 ? 286 HIS H ND1 1 
ATOM   1431 C CD2 . HIS B 2 86  ? 1.941   -17.026 -11.903 0.50 18.89 ? 286 HIS H CD2 1 
ATOM   1432 C CE1 . HIS B 2 86  ? 2.669   -18.152 -13.628 0.50 20.07 ? 286 HIS H CE1 1 
ATOM   1433 N NE2 . HIS B 2 86  ? 3.039   -17.627 -12.483 0.50 17.28 ? 286 HIS H NE2 1 
ATOM   1434 N N   . THR B 2 87  ? -3.484  -16.465 -13.780 1.00 21.71 ? 287 THR H N   1 
ATOM   1435 C CA  . THR B 2 87  ? -4.828  -15.863 -13.588 1.00 22.54 ? 287 THR H CA  1 
ATOM   1436 C C   . THR B 2 87  ? -4.860  -15.232 -12.215 1.00 21.20 ? 287 THR H C   1 
ATOM   1437 O O   . THR B 2 87  ? -5.674  -14.288 -12.085 1.00 21.25 ? 287 THR H O   1 
ATOM   1438 C CB  . THR B 2 87  ? -6.045  -16.851 -13.854 1.00 22.67 ? 287 THR H CB  1 
ATOM   1439 O OG1 . THR B 2 87  ? -5.675  -17.935 -12.983 1.00 26.46 ? 287 THR H OG1 1 
ATOM   1440 C CG2 . THR B 2 87  ? -6.081  -17.452 -15.266 1.00 24.07 ? 287 THR H CG2 1 
ATOM   1441 N N   . ASP B 2 88  ? -3.963  -15.706 -11.323 1.00 22.10 ? 288 ASP H N   1 
ATOM   1442 C CA  . ASP B 2 88  ? -4.080  -15.098 -9.954  1.00 22.23 ? 288 ASP H CA  1 
ATOM   1443 C C   . ASP B 2 88  ? -3.338  -13.775 -9.875  1.00 20.90 ? 288 ASP H C   1 
ATOM   1444 O O   . ASP B 2 88  ? -3.226  -13.132 -8.827  1.00 21.70 ? 288 ASP H O   1 
ATOM   1445 C CB  . ASP B 2 88  ? -3.949  -16.114 -8.860  0.50 23.90 ? 288 ASP H CB  1 
ATOM   1446 C CG  . ASP B 2 88  ? -2.686  -16.910 -8.898  0.50 27.28 ? 288 ASP H CG  1 
ATOM   1447 O OD1 . ASP B 2 88  ? -1.665  -16.207 -9.014  0.50 29.69 ? 288 ASP H OD1 1 
ATOM   1448 O OD2 . ASP B 2 88  ? -2.714  -18.156 -8.813  0.50 30.72 ? 288 ASP H OD2 1 
ATOM   1449 N N   . ASP B 2 89  ? -2.871  -13.300 -11.006 1.00 20.02 ? 289 ASP H N   1 
ATOM   1450 C CA  . ASP B 2 89  ? -2.217  -11.960 -11.097 1.00 19.40 ? 289 ASP H CA  1 
ATOM   1451 C C   . ASP B 2 89  ? -3.333  -10.940 -11.318 1.00 18.14 ? 289 ASP H C   1 
ATOM   1452 O O   . ASP B 2 89  ? -3.005  -9.765  -11.383 1.00 18.54 ? 289 ASP H O   1 
ATOM   1453 C CB  . ASP B 2 89  ? -1.100  -11.874 -12.112 1.00 19.01 ? 289 ASP H CB  1 
ATOM   1454 C CG  . ASP B 2 89  ? 0.145   -12.694 -11.787 1.00 20.93 ? 289 ASP H CG  1 
ATOM   1455 O OD1 . ASP B 2 89  ? 0.474   -12.645 -10.556 1.00 21.99 ? 289 ASP H OD1 1 
ATOM   1456 O OD2 . ASP B 2 89  ? 0.782   -13.321 -12.662 1.00 22.15 ? 289 ASP H OD2 1 
ATOM   1457 N N   . THR B 2 90  ? -4.595  -11.295 -11.437 1.00 17.73 ? 290 THR H N   1 
ATOM   1458 C CA  . THR B 2 90  ? -5.746  -10.425 -11.576 1.00 17.22 ? 290 THR H CA  1 
ATOM   1459 C C   . THR B 2 90  ? -5.843  -9.555  -10.291 1.00 16.80 ? 290 THR H C   1 
ATOM   1460 O O   . THR B 2 90  ? -6.003  -10.123 -9.175  1.00 16.25 ? 290 THR H O   1 
ATOM   1461 C CB  . THR B 2 90  ? -7.093  -11.245 -11.784 1.00 16.52 ? 290 THR H CB  1 
ATOM   1462 O OG1 . THR B 2 90  ? -6.833  -11.929 -13.051 1.00 17.99 ? 290 THR H OG1 1 
ATOM   1463 C CG2 . THR B 2 90  ? -8.420  -10.433 -11.758 1.00 12.78 ? 290 THR H CG2 1 
ATOM   1464 N N   . ALA B 2 91  ? -5.761  -8.251  -10.475 1.00 15.38 ? 291 ALA H N   1 
ATOM   1465 C CA  . ALA B 2 91  ? -5.739  -7.363  -9.262  1.00 16.11 ? 291 ALA H CA  1 
ATOM   1466 C C   . ALA B 2 91  ? -5.734  -5.906  -9.727  1.00 16.74 ? 291 ALA H C   1 
ATOM   1467 O O   . ALA B 2 91  ? -5.619  -5.553  -10.949 1.00 16.93 ? 291 ALA H O   1 
ATOM   1468 C CB  . ALA B 2 91  ? -4.434  -7.680  -8.491  1.00 12.35 ? 291 ALA H CB  1 
ATOM   1469 N N   . ARG B 2 92  ? -5.842  -5.046  -8.717  1.00 15.71 ? 292 ARG H N   1 
ATOM   1470 C CA  . ARG B 2 92  ? -5.788  -3.603  -8.922  1.00 15.43 ? 292 ARG H CA  1 
ATOM   1471 C C   . ARG B 2 92  ? -4.349  -3.256  -8.612  1.00 14.18 ? 292 ARG H C   1 
ATOM   1472 O O   . ARG B 2 92  ? -3.900  -3.728  -7.574  1.00 14.96 ? 292 ARG H O   1 
ATOM   1473 C CB  . ARG B 2 92  ? -6.757  -2.729  -8.122  1.00 17.94 ? 292 ARG H CB  1 
ATOM   1474 C CG  . ARG B 2 92  ? -6.833  -1.323  -8.727  1.00 18.97 ? 292 ARG H CG  1 
ATOM   1475 C CD  . ARG B 2 92  ? -8.194  -0.813  -8.453  1.00 23.73 ? 292 ARG H CD  1 
ATOM   1476 N NE  . ARG B 2 92  ? -8.377  0.506   -9.000  1.00 27.67 ? 292 ARG H NE  1 
ATOM   1477 C CZ  . ARG B 2 92  ? -8.990  0.888   -10.103 1.00 28.68 ? 292 ARG H CZ  1 
ATOM   1478 N NH1 . ARG B 2 92  ? -9.574  0.023   -10.933 1.00 31.27 ? 292 ARG H NH1 1 
ATOM   1479 N NH2 . ARG B 2 92  ? -9.011  2.207   -10.355 1.00 29.97 ? 292 ARG H NH2 1 
ATOM   1480 N N   . TYR B 2 93  ? -3.756  -2.559  -9.570  1.00 14.72 ? 293 TYR H N   1 
ATOM   1481 C CA  . TYR B 2 93  ? -2.318  -2.184  -9.432  1.00 14.46 ? 293 TYR H CA  1 
ATOM   1482 C C   . TYR B 2 93  ? -2.207  -0.700  -9.165  1.00 15.11 ? 293 TYR H C   1 
ATOM   1483 O O   . TYR B 2 93  ? -2.827  0.121   -9.831  1.00 16.11 ? 293 TYR H O   1 
ATOM   1484 C CB  . TYR B 2 93  ? -1.475  -2.581  -10.665 1.00 12.79 ? 293 TYR H CB  1 
ATOM   1485 C CG  . TYR B 2 93  ? -1.353  -4.091  -10.781 1.00 11.03 ? 293 TYR H CG  1 
ATOM   1486 C CD1 . TYR B 2 93  ? -2.404  -4.886  -11.249 1.00 9.97  ? 293 TYR H CD1 1 
ATOM   1487 C CD2 . TYR B 2 93  ? -0.183  -4.697  -10.391 1.00 10.15 ? 293 TYR H CD2 1 
ATOM   1488 C CE1 . TYR B 2 93  ? -2.255  -6.285  -11.312 1.00 11.02 ? 293 TYR H CE1 1 
ATOM   1489 C CE2 . TYR B 2 93  ? -0.016  -6.074  -10.481 1.00 10.49 ? 293 TYR H CE2 1 
ATOM   1490 C CZ  . TYR B 2 93  ? -1.062  -6.845  -10.934 1.00 11.29 ? 293 TYR H CZ  1 
ATOM   1491 O OH  . TYR B 2 93  ? -0.860  -8.192  -10.970 1.00 12.19 ? 293 TYR H OH  1 
ATOM   1492 N N   . TYR B 2 94  ? -1.419  -0.389  -8.121  1.00 14.96 ? 294 TYR H N   1 
ATOM   1493 C CA  . TYR B 2 94  ? -1.189  0.976   -7.731  1.00 14.75 ? 294 TYR H CA  1 
ATOM   1494 C C   . TYR B 2 94  ? 0.264   1.437   -7.656  1.00 14.99 ? 294 TYR H C   1 
ATOM   1495 O O   . TYR B 2 94  ? 1.123   0.694   -7.194  1.00 15.18 ? 294 TYR H O   1 
ATOM   1496 C CB  . TYR B 2 94  ? -1.649  1.142   -6.274  1.00 16.02 ? 294 TYR H CB  1 
ATOM   1497 C CG  . TYR B 2 94  ? -3.108  0.899   -5.922  1.00 17.73 ? 294 TYR H CG  1 
ATOM   1498 C CD1 . TYR B 2 94  ? -4.065  1.897   -6.076  1.00 16.82 ? 294 TYR H CD1 1 
ATOM   1499 C CD2 . TYR B 2 94  ? -3.446  -0.378  -5.395  1.00 18.64 ? 294 TYR H CD2 1 
ATOM   1500 C CE1 . TYR B 2 94  ? -5.392  1.636   -5.673  1.00 20.58 ? 294 TYR H CE1 1 
ATOM   1501 C CE2 . TYR B 2 94  ? -4.771  -0.637  -5.037  1.00 20.98 ? 294 TYR H CE2 1 
ATOM   1502 C CZ  . TYR B 2 94  ? -5.724  0.373   -5.172  1.00 22.23 ? 294 TYR H CZ  1 
ATOM   1503 O OH  . TYR B 2 94  ? -6.996  0.034   -4.753  1.00 24.96 ? 294 TYR H OH  1 
ATOM   1504 N N   . CYS B 2 95  ? 0.431   2.730   -8.006  1.00 14.10 ? 295 CYS H N   1 
ATOM   1505 C CA  . CYS B 2 95  ? 1.775   3.335   -7.800  1.00 15.00 ? 295 CYS H CA  1 
ATOM   1506 C C   . CYS B 2 95  ? 1.502   4.364   -6.660  1.00 13.92 ? 295 CYS H C   1 
ATOM   1507 O O   . CYS B 2 95  ? 0.471   5.033   -6.428  1.00 14.87 ? 295 CYS H O   1 
ATOM   1508 C CB  . CYS B 2 95  ? 2.494   3.897   -8.995  1.00 14.12 ? 295 CYS H CB  1 
ATOM   1509 S SG  . CYS B 2 95  ? 1.465   5.204   -9.793  1.00 15.88 ? 295 CYS H SG  1 
ATOM   1510 N N   . ALA B 2 96  ? 2.536   4.522   -5.813  1.00 13.02 ? 296 ALA H N   1 
ATOM   1511 C CA  . ALA B 2 96  ? 2.438   5.400   -4.645  1.00 13.99 ? 296 ALA H CA  1 
ATOM   1512 C C   . ALA B 2 96  ? 3.788   6.047   -4.407  1.00 12.80 ? 296 ALA H C   1 
ATOM   1513 O O   . ALA B 2 96  ? 4.787   5.392   -4.576  1.00 13.08 ? 296 ALA H O   1 
ATOM   1514 C CB  . ALA B 2 96  ? 1.944   4.551   -3.452  1.00 11.02 ? 296 ALA H CB  1 
ATOM   1515 N N   . ARG B 2 97  ? 3.655   7.331   -4.079  1.00 13.86 ? 297 ARG H N   1 
ATOM   1516 C CA  . ARG B 2 97  ? 4.892   8.108   -3.808  1.00 17.36 ? 297 ARG H CA  1 
ATOM   1517 C C   . ARG B 2 97  ? 5.429   7.822   -2.378  1.00 18.55 ? 297 ARG H C   1 
ATOM   1518 O O   . ARG B 2 97  ? 4.660   7.812   -1.372  1.00 18.78 ? 297 ARG H O   1 
ATOM   1519 C CB  . ARG B 2 97  ? 4.627   9.662   -3.906  1.00 15.08 ? 297 ARG H CB  1 
ATOM   1520 C CG  . ARG B 2 97  ? 6.046   10.323  -3.834  1.00 16.50 ? 297 ARG H CG  1 
ATOM   1521 C CD  . ARG B 2 97  ? 5.871   11.803  -4.037  1.00 19.14 ? 297 ARG H CD  1 
ATOM   1522 N NE  . ARG B 2 97  ? 5.313   12.393  -2.796  1.00 21.13 ? 297 ARG H NE  1 
ATOM   1523 C CZ  . ARG B 2 97  ? 5.354   13.743  -2.657  1.00 23.27 ? 297 ARG H CZ  1 
ATOM   1524 N NH1 . ARG B 2 97  ? 5.869   14.558  -3.613  1.00 21.98 ? 297 ARG H NH1 1 
ATOM   1525 N NH2 . ARG B 2 97  ? 4.926   14.300  -1.513  1.00 20.05 ? 297 ARG H NH2 1 
ATOM   1526 N N   . GLU B 2 98  ? 6.723   7.667   -2.251  1.00 17.65 ? 298 GLU H N   1 
ATOM   1527 C CA  . GLU B 2 98  ? 7.328   7.466   -0.942  1.00 19.14 ? 298 GLU H CA  1 
ATOM   1528 C C   . GLU B 2 98  ? 8.262   8.657   -0.627  1.00 20.65 ? 298 GLU H C   1 
ATOM   1529 O O   . GLU B 2 98  ? 9.129   9.215   -1.340  1.00 20.66 ? 298 GLU H O   1 
ATOM   1530 C CB  . GLU B 2 98  ? 8.228   6.222   -0.927  1.00 15.68 ? 298 GLU H CB  1 
ATOM   1531 C CG  . GLU B 2 98  ? 8.837   5.999   0.437   1.00 19.56 ? 298 GLU H CG  1 
ATOM   1532 C CD  . GLU B 2 98  ? 9.500   4.681   0.650   1.00 24.14 ? 298 GLU H CD  1 
ATOM   1533 O OE1 . GLU B 2 98  ? 9.166   3.769   -0.140  1.00 24.72 ? 298 GLU H OE1 1 
ATOM   1534 O OE2 . GLU B 2 98  ? 10.283  4.448   1.536   1.00 24.47 ? 298 GLU H OE2 1 
ATOM   1535 N N   . ARG B 2 99  ? 8.075   9.020   0.627   1.00 22.69 ? 299 ARG H N   1 
ATOM   1536 C CA  . ARG B 2 99  ? 8.902   10.084  1.236   1.00 25.05 ? 299 ARG H CA  1 
ATOM   1537 C C   . ARG B 2 99  ? 9.032   9.916   2.741   1.00 23.91 ? 299 ARG H C   1 
ATOM   1538 O O   . ARG B 2 99  ? 7.984   9.952   3.408   1.00 25.06 ? 299 ARG H O   1 
ATOM   1539 C CB  . ARG B 2 99  ? 8.139   11.374  0.820   1.00 27.65 ? 299 ARG H CB  1 
ATOM   1540 C CG  . ARG B 2 99  ? 8.251   12.559  1.736   0.50 26.50 ? 299 ARG H CG  1 
ATOM   1541 C CD  . ARG B 2 99  ? 7.032   13.370  1.592   0.50 28.36 ? 299 ARG H CD  1 
ATOM   1542 N NE  . ARG B 2 99  ? 7.383   14.567  2.353   0.50 31.66 ? 299 ARG H NE  1 
ATOM   1543 C CZ  . ARG B 2 99  ? 6.422   14.944  3.240   0.50 33.18 ? 299 ARG H CZ  1 
ATOM   1544 N NH1 . ARG B 2 99  ? 5.289   14.203  3.312   0.50 33.30 ? 299 ARG H NH1 1 
ATOM   1545 N NH2 . ARG B 2 99  ? 6.712   16.018  3.964   0.50 33.03 ? 299 ARG H NH2 1 
ATOM   1546 N N   . ASP B 2 100 ? 10.167  9.777   3.319   1.00 23.28 ? 300 ASP H N   1 
ATOM   1547 C CA  . ASP B 2 100 ? 10.336  9.717   4.777   1.00 25.72 ? 300 ASP H CA  1 
ATOM   1548 C C   . ASP B 2 100 ? 9.444   8.632   5.416   1.00 25.14 ? 300 ASP H C   1 
ATOM   1549 O O   . ASP B 2 100 ? 8.593   9.006   6.259   1.00 26.29 ? 300 ASP H O   1 
ATOM   1550 C CB  . ASP B 2 100 ? 10.124  11.074  5.547   1.00 25.04 ? 300 ASP H CB  1 
ATOM   1551 C CG  . ASP B 2 100 ? 10.943  12.173  4.866   0.50 25.75 ? 300 ASP H CG  1 
ATOM   1552 O OD1 . ASP B 2 100 ? 12.144  11.863  4.659   0.50 25.99 ? 300 ASP H OD1 1 
ATOM   1553 O OD2 . ASP B 2 100 ? 10.488  13.280  4.475   0.50 26.09 ? 300 ASP H OD2 1 
ATOM   1554 N N   . TYR B 2 101 ? 9.713   7.400   4.962   1.00 25.20 ? 301 TYR H N   1 
ATOM   1555 C CA  . TYR B 2 101 ? 8.953   6.283   5.576   1.00 23.98 ? 301 TYR H CA  1 
ATOM   1556 C C   . TYR B 2 101 ? 7.445   6.336   5.569   1.00 21.79 ? 301 TYR H C   1 
ATOM   1557 O O   . TYR B 2 101 ? 6.777   6.058   6.581   1.00 21.48 ? 301 TYR H O   1 
ATOM   1558 C CB  . TYR B 2 101 ? 9.411   6.163   7.084   1.00 24.68 ? 301 TYR H CB  1 
ATOM   1559 C CG  . TYR B 2 101 ? 10.894  6.026   7.165   1.00 26.16 ? 301 TYR H CG  1 
ATOM   1560 C CD1 . TYR B 2 101 ? 11.449  4.854   6.697   1.00 28.71 ? 301 TYR H CD1 1 
ATOM   1561 C CD2 . TYR B 2 101 ? 11.727  7.054   7.618   1.00 27.78 ? 301 TYR H CD2 1 
ATOM   1562 C CE1 . TYR B 2 101 ? 12.840  4.710   6.744   1.00 32.39 ? 301 TYR H CE1 1 
ATOM   1563 C CE2 . TYR B 2 101 ? 13.107  6.926   7.696   1.00 29.74 ? 301 TYR H CE2 1 
ATOM   1564 C CZ  . TYR B 2 101 ? 13.677  5.720   7.255   1.00 31.87 ? 301 TYR H CZ  1 
ATOM   1565 O OH  . TYR B 2 101 ? 15.041  5.500   7.260   1.00 33.64 ? 301 TYR H OH  1 
ATOM   1566 N N   . ARG B 2 102 ? 6.899   6.684   4.427   1.00 20.42 ? 302 ARG H N   1 
ATOM   1567 C CA  . ARG B 2 102 ? 5.427   6.729   4.284   1.00 18.71 ? 302 ARG H CA  1 
ATOM   1568 C C   . ARG B 2 102 ? 5.082   6.829   2.781   1.00 16.73 ? 302 ARG H C   1 
ATOM   1569 O O   . ARG B 2 102 ? 5.901   7.370   2.015   1.00 15.21 ? 302 ARG H O   1 
ATOM   1570 C CB  . ARG B 2 102 ? 4.794   7.846   5.087   1.00 21.44 ? 302 ARG H CB  1 
ATOM   1571 C CG  . ARG B 2 102 ? 4.966   9.267   4.548   1.00 22.38 ? 302 ARG H CG  1 
ATOM   1572 C CD  . ARG B 2 102 ? 5.403   10.009  5.744   1.00 28.52 ? 302 ARG H CD  1 
ATOM   1573 N NE  . ARG B 2 102 ? 5.020   11.410  5.649   1.00 33.96 ? 302 ARG H NE  1 
ATOM   1574 C CZ  . ARG B 2 102 ? 5.984   12.293  6.013   1.00 36.35 ? 302 ARG H CZ  1 
ATOM   1575 N NH1 . ARG B 2 102 ? 7.225   12.079  6.432   1.00 39.15 ? 302 ARG H NH1 1 
ATOM   1576 N NH2 . ARG B 2 102 ? 5.513   13.527  5.877   1.00 39.75 ? 302 ARG H NH2 1 
ATOM   1577 N N   . LEU B 2 103 ? 3.886   6.306   2.538   1.00 15.22 ? 303 LEU H N   1 
ATOM   1578 C CA  . LEU B 2 103 ? 3.390   6.375   1.073   1.00 15.93 ? 303 LEU H CA  1 
ATOM   1579 C C   . LEU B 2 103 ? 2.328   7.428   1.197   1.00 14.17 ? 303 LEU H C   1 
ATOM   1580 O O   . LEU B 2 103 ? 1.255   7.133   1.673   1.00 14.51 ? 303 LEU H O   1 
ATOM   1581 C CB  . LEU B 2 103 ? 2.915   5.057   0.517   1.00 14.31 ? 303 LEU H CB  1 
ATOM   1582 C CG  . LEU B 2 103 ? 3.860   3.867   0.636   1.00 15.15 ? 303 LEU H CG  1 
ATOM   1583 C CD1 . LEU B 2 103 ? 3.245   2.584   0.048   1.00 16.63 ? 303 LEU H CD1 1 
ATOM   1584 C CD2 . LEU B 2 103 ? 5.115   4.188   -0.156  1.00 16.38 ? 303 LEU H CD2 1 
ATOM   1585 N N   . ASP B 2 104 ? 2.729   8.640   0.875   1.00 15.49 ? 304 ASP H N   1 
ATOM   1586 C CA  . ASP B 2 104 ? 1.814   9.768   1.086   1.00 15.67 ? 304 ASP H CA  1 
ATOM   1587 C C   . ASP B 2 104 ? 0.819   10.056  -0.011  1.00 17.19 ? 304 ASP H C   1 
ATOM   1588 O O   . ASP B 2 104 ? -0.175  10.595  0.488   1.00 18.91 ? 304 ASP H O   1 
ATOM   1589 C CB  . ASP B 2 104 ? 2.592   11.014  1.413   1.00 17.48 ? 304 ASP H CB  1 
ATOM   1590 C CG  . ASP B 2 104 ? 3.551   11.413  0.312   1.00 21.41 ? 304 ASP H CG  1 
ATOM   1591 O OD1 . ASP B 2 104 ? 3.888   10.811  -0.712  1.00 21.54 ? 304 ASP H OD1 1 
ATOM   1592 O OD2 . ASP B 2 104 ? 4.125   12.514  0.586   1.00 26.12 ? 304 ASP H OD2 1 
ATOM   1593 N N   . TYR B 2 105 ? 1.095   9.724   -1.263  1.00 17.64 ? 305 TYR H N   1 
ATOM   1594 C CA  . TYR B 2 105 ? 0.131   9.983   -2.348  1.00 16.92 ? 305 TYR H CA  1 
ATOM   1595 C C   . TYR B 2 105 ? 0.048   8.701   -3.142  1.00 16.52 ? 305 TYR H C   1 
ATOM   1596 O O   . TYR B 2 105 ? 1.100   8.064   -3.369  1.00 18.99 ? 305 TYR H O   1 
ATOM   1597 C CB  . TYR B 2 105 ? 0.654   11.073  -3.290  1.00 15.46 ? 305 TYR H CB  1 
ATOM   1598 C CG  . TYR B 2 105 ? 0.542   12.438  -2.648  1.00 14.81 ? 305 TYR H CG  1 
ATOM   1599 C CD1 . TYR B 2 105 ? -0.688  13.077  -2.831  0.50 11.84 ? 305 TYR H CD1 1 
ATOM   1600 C CD2 . TYR B 2 105 ? 1.580   13.029  -1.937  0.50 10.81 ? 305 TYR H CD2 1 
ATOM   1601 C CE1 . TYR B 2 105 ? -0.847  14.339  -2.284  0.50 9.99  ? 305 TYR H CE1 1 
ATOM   1602 C CE2 . TYR B 2 105 ? 1.406   14.258  -1.367  0.50 10.58 ? 305 TYR H CE2 1 
ATOM   1603 C CZ  . TYR B 2 105 ? 0.180   14.883  -1.582  0.50 11.22 ? 305 TYR H CZ  1 
ATOM   1604 O OH  . TYR B 2 105 ? -0.117  16.140  -1.110  0.50 13.07 ? 305 TYR H OH  1 
ATOM   1605 N N   . TRP B 2 106 ? -1.109  8.310   -3.572  1.00 16.91 ? 306 TRP H N   1 
ATOM   1606 C CA  . TRP B 2 106 ? -1.380  7.092   -4.326  1.00 16.63 ? 306 TRP H CA  1 
ATOM   1607 C C   . TRP B 2 106 ? -2.101  7.392   -5.626  1.00 17.00 ? 306 TRP H C   1 
ATOM   1608 O O   . TRP B 2 106 ? -2.848  8.370   -5.736  1.00 18.58 ? 306 TRP H O   1 
ATOM   1609 C CB  . TRP B 2 106 ? -2.286  6.114   -3.516  1.00 13.73 ? 306 TRP H CB  1 
ATOM   1610 C CG  . TRP B 2 106 ? -1.670  5.536   -2.297  1.00 14.74 ? 306 TRP H CG  1 
ATOM   1611 C CD1 . TRP B 2 106 ? -1.220  6.224   -1.155  1.00 15.20 ? 306 TRP H CD1 1 
ATOM   1612 C CD2 . TRP B 2 106 ? -1.380  4.172   -2.020  1.00 14.75 ? 306 TRP H CD2 1 
ATOM   1613 N NE1 . TRP B 2 106 ? -0.712  5.375   -0.215  1.00 15.54 ? 306 TRP H NE1 1 
ATOM   1614 C CE2 . TRP B 2 106 ? -0.786  4.101   -0.723  1.00 15.34 ? 306 TRP H CE2 1 
ATOM   1615 C CE3 . TRP B 2 106 ? -1.562  2.990   -2.745  1.00 16.23 ? 306 TRP H CE3 1 
ATOM   1616 C CZ2 . TRP B 2 106 ? -0.420  2.865   -0.196  1.00 14.45 ? 306 TRP H CZ2 1 
ATOM   1617 C CZ3 . TRP B 2 106 ? -1.222  1.739   -2.299  1.00 13.42 ? 306 TRP H CZ3 1 
ATOM   1618 C CH2 . TRP B 2 106 ? -0.635  1.776   -1.006  1.00 16.07 ? 306 TRP H CH2 1 
ATOM   1619 N N   . GLY B 2 107 ? -1.933  6.532   -6.631  1.00 16.94 ? 307 GLY H N   1 
ATOM   1620 C CA  . GLY B 2 107 ? -2.778  6.736   -7.844  1.00 16.96 ? 307 GLY H CA  1 
ATOM   1621 C C   . GLY B 2 107 ? -4.108  6.059   -7.488  1.00 17.02 ? 307 GLY H C   1 
ATOM   1622 O O   . GLY B 2 107 ? -4.326  5.454   -6.399  1.00 18.54 ? 307 GLY H O   1 
ATOM   1623 N N   . GLN B 2 108 ? -5.075  6.132   -8.385  1.00 17.37 ? 308 GLN H N   1 
ATOM   1624 C CA  . GLN B 2 108 ? -6.410  5.450   -8.111  1.00 17.23 ? 308 GLN H CA  1 
ATOM   1625 C C   . GLN B 2 108 ? -6.340  3.984   -8.528  1.00 15.61 ? 308 GLN H C   1 
ATOM   1626 O O   . GLN B 2 108 ? -7.277  3.261   -8.184  1.00 17.00 ? 308 GLN H O   1 
ATOM   1627 C CB  . GLN B 2 108 ? -7.604  6.231   -8.649  1.00 16.33 ? 308 GLN H CB  1 
ATOM   1628 C CG  . GLN B 2 108 ? -8.019  7.474   -7.883  0.50 15.93 ? 308 GLN H CG  1 
ATOM   1629 C CD  . GLN B 2 108 ? -8.412  7.196   -6.452  0.50 18.86 ? 308 GLN H CD  1 
ATOM   1630 O OE1 . GLN B 2 108 ? -8.062  8.025   -5.620  0.50 21.95 ? 308 GLN H OE1 1 
ATOM   1631 N NE2 . GLN B 2 108 ? -9.132  6.156   -6.044  0.50 18.49 ? 308 GLN H NE2 1 
ATOM   1632 N N   . GLY B 2 109 ? -5.279  3.541   -9.170  1.00 15.19 ? 309 GLY H N   1 
ATOM   1633 C CA  . GLY B 2 109 ? -5.097  2.149   -9.531  1.00 15.12 ? 309 GLY H CA  1 
ATOM   1634 C C   . GLY B 2 109 ? -5.626  1.745   -10.891 1.00 16.37 ? 309 GLY H C   1 
ATOM   1635 O O   . GLY B 2 109 ? -6.446  2.428   -11.490 1.00 18.19 ? 309 GLY H O   1 
ATOM   1636 N N   . THR B 2 110 ? -5.157  0.663   -11.440 1.00 15.31 ? 310 THR H N   1 
ATOM   1637 C CA  . THR B 2 110 ? -5.611  0.147   -12.730 1.00 16.19 ? 310 THR H CA  1 
ATOM   1638 C C   . THR B 2 110 ? -5.883  -1.328  -12.479 1.00 16.92 ? 310 THR H C   1 
ATOM   1639 O O   . THR B 2 110 ? -5.138  -2.109  -11.850 1.00 16.73 ? 310 THR H O   1 
ATOM   1640 C CB  . THR B 2 110 ? -4.590  0.441   -13.898 1.00 16.24 ? 310 THR H CB  1 
ATOM   1641 O OG1 . THR B 2 110 ? -5.216  0.039   -15.147 1.00 18.06 ? 310 THR H OG1 1 
ATOM   1642 C CG2 . THR B 2 110 ? -3.276  -0.340  -13.828 1.00 12.09 ? 310 THR H CG2 1 
ATOM   1643 N N   . THR B 2 111 ? -7.020  -1.789  -12.973 1.00 16.39 ? 311 THR H N   1 
ATOM   1644 C CA  . THR B 2 111 ? -7.416  -3.164  -12.860 1.00 17.48 ? 311 THR H CA  1 
ATOM   1645 C C   . THR B 2 111 ? -6.869  -3.936  -14.034 1.00 17.96 ? 311 THR H C   1 
ATOM   1646 O O   . THR B 2 111 ? -7.013  -3.535  -15.164 1.00 18.37 ? 311 THR H O   1 
ATOM   1647 C CB  . THR B 2 111 ? -8.959  -3.335  -12.768 1.00 22.15 ? 311 THR H CB  1 
ATOM   1648 O OG1 . THR B 2 111 ? -9.322  -2.756  -11.440 1.00 28.53 ? 311 THR H OG1 1 
ATOM   1649 C CG2 . THR B 2 111 ? -9.329  -4.833  -12.810 1.00 21.46 ? 311 THR H CG2 1 
ATOM   1650 N N   . VAL B 2 112 ? -6.324  -5.084  -13.780 1.00 18.43 ? 312 VAL H N   1 
ATOM   1651 C CA  . VAL B 2 112 ? -5.758  -6.022  -14.711 1.00 18.08 ? 312 VAL H CA  1 
ATOM   1652 C C   . VAL B 2 112 ? -6.452  -7.372  -14.490 1.00 17.39 ? 312 VAL H C   1 
ATOM   1653 O O   . VAL B 2 112 ? -6.413  -7.950  -13.437 1.00 18.67 ? 312 VAL H O   1 
ATOM   1654 C CB  . VAL B 2 112 ? -4.222  -6.130  -14.577 1.00 18.07 ? 312 VAL H CB  1 
ATOM   1655 C CG1 . VAL B 2 112 ? -3.650  -7.257  -15.393 1.00 16.06 ? 312 VAL H CG1 1 
ATOM   1656 C CG2 . VAL B 2 112 ? -3.537  -4.768  -14.849 1.00 17.57 ? 312 VAL H CG2 1 
ATOM   1657 N N   . THR B 2 113 ? -7.084  -7.894  -15.548 1.00 17.68 ? 313 THR H N   1 
ATOM   1658 C CA  . THR B 2 113 ? -7.716  -9.219  -15.497 1.00 16.05 ? 313 THR H CA  1 
ATOM   1659 C C   . THR B 2 113 ? -6.919  -10.107 -16.431 1.00 17.55 ? 313 THR H C   1 
ATOM   1660 O O   . THR B 2 113 ? -6.748  -9.752  -17.602 1.00 18.25 ? 313 THR H O   1 
ATOM   1661 C CB  . THR B 2 113 ? -9.234  -9.231  -15.942 1.00 15.00 ? 313 THR H CB  1 
ATOM   1662 O OG1 . THR B 2 113 ? -9.685  -8.177  -15.109 1.00 17.66 ? 313 THR H OG1 1 
ATOM   1663 C CG2 . THR B 2 113 ? -10.017 -10.569 -15.834 1.00 15.33 ? 313 THR H CG2 1 
ATOM   1664 N N   . VAL B 2 114 ? -6.473  -11.217 -15.887 1.00 19.51 ? 314 VAL H N   1 
ATOM   1665 C CA  . VAL B 2 114 ? -5.691  -12.243 -16.600 1.00 20.25 ? 314 VAL H CA  1 
ATOM   1666 C C   . VAL B 2 114 ? -6.724  -13.319 -17.008 1.00 23.01 ? 314 VAL H C   1 
ATOM   1667 O O   . VAL B 2 114 ? -7.136  -14.096 -16.128 1.00 21.88 ? 314 VAL H O   1 
ATOM   1668 C CB  . VAL B 2 114 ? -4.515  -12.721 -15.716 1.00 19.40 ? 314 VAL H CB  1 
ATOM   1669 C CG1 . VAL B 2 114 ? -3.736  -13.836 -16.437 1.00 19.15 ? 314 VAL H CG1 1 
ATOM   1670 C CG2 . VAL B 2 114 ? -3.686  -11.507 -15.314 1.00 15.37 ? 314 VAL H CG2 1 
ATOM   1671 N N   . SER B 2 115 ? -6.983  -13.395 -18.317 1.00 23.28 ? 315 SER H N   1 
ATOM   1672 C CA  . SER B 2 115 ? -8.004  -14.343 -18.839 1.00 27.46 ? 315 SER H CA  1 
ATOM   1673 C C   . SER B 2 115 ? -7.836  -14.708 -20.305 1.00 27.83 ? 315 SER H C   1 
ATOM   1674 O O   . SER B 2 115 ? -7.208  -13.930 -21.085 1.00 29.48 ? 315 SER H O   1 
ATOM   1675 C CB  . SER B 2 115 ? -9.264  -13.462 -18.663 1.00 31.51 ? 315 SER H CB  1 
ATOM   1676 O OG  . SER B 2 115 ? -10.481 -14.123 -18.536 1.00 34.49 ? 315 SER H OG  1 
ATOM   1677 N N   . SER B 2 116 ? -8.330  -15.852 -20.774 1.00 29.93 ? 316 SER H N   1 
ATOM   1678 C CA  . SER B 2 116 ? -8.205  -16.225 -22.243 1.00 31.31 ? 316 SER H CA  1 
ATOM   1679 C C   . SER B 2 116 ? -9.380  -17.038 -22.773 1.00 29.44 ? 316 SER H C   1 
ATOM   1680 C CB  . SER B 2 116 ? -6.861  -16.922 -22.464 1.00 31.55 ? 316 SER H CB  1 
ATOM   1681 O OG  . SER B 2 116 ? -6.849  -17.982 -21.481 0.50 31.52 ? 316 SER H OG  1 
HETATM 1682 O O   . HOH C 3 .   ? 1.211   2.218   15.499  1.00 14.84 ? 400 HOH L O   1 
HETATM 1683 O O   . HOH C 3 .   ? 15.332  -7.215  17.437  1.00 28.88 ? 402 HOH L O   1 
HETATM 1684 O O   . HOH C 3 .   ? -3.214  -10.149 8.808   1.00 24.07 ? 406 HOH L O   1 
HETATM 1685 O O   . HOH C 3 .   ? 2.958   -9.244  5.650   1.00 22.27 ? 407 HOH L O   1 
HETATM 1686 O O   . HOH C 3 .   ? 13.860  -7.534  12.317  1.00 27.92 ? 408 HOH L O   1 
HETATM 1687 O O   . HOH C 3 .   ? 9.218   -7.775  4.608   1.00 28.44 ? 411 HOH L O   1 
HETATM 1688 O O   . HOH C 3 .   ? -11.901 8.667   8.705   1.00 26.15 ? 412 HOH L O   1 
HETATM 1689 O O   . HOH C 3 .   ? 16.553  -0.017  18.820  1.00 27.81 ? 413 HOH L O   1 
HETATM 1690 O O   . HOH C 3 .   ? 2.557   -7.096  1.519   1.00 24.61 ? 415 HOH L O   1 
HETATM 1691 O O   . HOH C 3 .   ? 8.904   -10.204 -0.011  1.00 23.49 ? 418 HOH L O   1 
HETATM 1692 O O   . HOH C 3 .   ? -3.088  11.621  4.418   1.00 34.40 ? 420 HOH L O   1 
HETATM 1693 O O   . HOH C 3 .   ? 23.390  -9.237  19.097  1.00 32.51 ? 422 HOH L O   1 
HETATM 1694 O O   . HOH C 3 .   ? 0.066   -10.788 6.210   0.50 17.55 ? 423 HOH L O   1 
HETATM 1695 O O   . HOH C 3 .   ? 16.819  2.892   13.224  1.00 27.94 ? 425 HOH L O   1 
HETATM 1696 O O   . HOH C 3 .   ? -2.763  5.499   21.520  0.50 15.70 ? 426 HOH L O   1 
HETATM 1697 O O   . HOH C 3 .   ? 19.001  -2.748  15.363  1.00 33.66 ? 428 HOH L O   1 
HETATM 1698 O O   . HOH C 3 .   ? 4.872   -9.705  19.619  1.00 33.56 ? 429 HOH L O   1 
HETATM 1699 O O   . HOH C 3 .   ? 13.811  3.280   15.271  0.50 20.73 ? 430 HOH L O   1 
HETATM 1700 O O   . HOH C 3 .   ? -2.784  2.660   20.014  1.00 38.82 ? 436 HOH L O   1 
HETATM 1701 O O   . HOH C 3 .   ? 8.196   -12.641 9.693   1.00 27.62 ? 440 HOH L O   1 
HETATM 1702 O O   . HOH C 3 .   ? -11.809 -3.335  19.843  0.50 16.21 ? 442 HOH L O   1 
HETATM 1703 O O   . HOH C 3 .   ? -6.219  -9.553  8.734   1.00 27.69 ? 443 HOH L O   1 
HETATM 1704 O O   . HOH C 3 .   ? -8.421  -7.153  3.348   1.00 40.58 ? 444 HOH L O   1 
HETATM 1705 O O   . HOH D 3 .   ? 11.747  7.412   -8.201  1.00 18.64 ? 401 HOH H O   1 
HETATM 1706 O O   . HOH D 3 .   ? 0.047   12.544  -13.476 1.00 22.38 ? 403 HOH H O   1 
HETATM 1707 O O   . HOH D 3 .   ? -0.272  6.851   -16.923 1.00 21.74 ? 404 HOH H O   1 
HETATM 1708 O O   . HOH D 3 .   ? -5.144  -2.139  -16.634 1.00 21.11 ? 405 HOH H O   1 
HETATM 1709 O O   . HOH D 3 .   ? 13.744  -8.755  -10.788 0.50 15.67 ? 409 HOH H O   1 
HETATM 1710 O O   . HOH D 3 .   ? 6.693   4.818   8.970   1.00 18.81 ? 410 HOH H O   1 
HETATM 1711 O O   . HOH D 3 .   ? 0.971   0.277   -19.948 0.50 14.96 ? 414 HOH H O   1 
HETATM 1712 O O   . HOH D 3 .   ? 10.196  17.595  -6.553  1.00 39.53 ? 416 HOH H O   1 
HETATM 1713 O O   . HOH D 3 .   ? -8.865  -5.674  -6.359  1.00 23.86 ? 417 HOH H O   1 
HETATM 1714 O O   . HOH D 3 .   ? 15.394  7.999   -16.679 1.00 30.35 ? 419 HOH H O   1 
HETATM 1715 O O   . HOH D 3 .   ? -2.828  11.020  -7.310  1.00 28.33 ? 421 HOH H O   1 
HETATM 1716 O O   . HOH D 3 .   ? 10.121  -1.755  -16.379 1.00 27.10 ? 424 HOH H O   1 
HETATM 1717 O O   . HOH D 3 .   ? -9.181  -12.950 -4.956  1.00 36.67 ? 427 HOH H O   1 
HETATM 1718 O O   . HOH D 3 .   ? 15.820  6.600   9.825   1.00 35.48 ? 431 HOH H O   1 
HETATM 1719 O O   . HOH D 3 .   ? -9.074  2.571   -6.339  1.00 35.66 ? 432 HOH H O   1 
HETATM 1720 O O   . HOH D 3 .   ? 10.614  13.402  -12.953 0.50 17.62 ? 433 HOH H O   1 
HETATM 1721 O O   . HOH D 3 .   ? 0.550   -14.055 -7.869  1.00 36.21 ? 434 HOH H O   1 
HETATM 1722 O O   . HOH D 3 .   ? 9.559   -8.804  -16.076 0.50 14.06 ? 435 HOH H O   1 
HETATM 1723 O O   . HOH D 3 .   ? -6.542  -12.774 -8.586  1.00 29.32 ? 437 HOH H O   1 
HETATM 1724 O O   . HOH D 3 .   ? 16.309  -4.420  -11.689 0.50 19.36 ? 438 HOH H O   1 
HETATM 1725 O O   . HOH D 3 .   ? -0.675  11.965  2.977   0.50 20.88 ? 439 HOH H O   1 
HETATM 1726 O O   . HOH D 3 .   ? 15.036  3.074   -14.509 1.00 32.92 ? 441 HOH H O   1 
HETATM 1727 O O   . HOH D 3 .   ? -1.749  -13.941 -6.751  1.00 41.97 ? 445 HOH H O   1 
HETATM 1728 O O   . HOH D 3 .   ? -0.605  -13.112 -4.269  0.50 20.27 ? 446 HOH H O   1 
# 
